data_4GPT
#
_entry.id   4GPT
#
_cell.length_a   105.941
_cell.length_b   105.941
_cell.length_c   305.480
_cell.angle_alpha   90.00
_cell.angle_beta   90.00
_cell.angle_gamma   90.00
#
_symmetry.space_group_name_H-M   'P 43 21 2'
#
loop_
_entity.id
_entity.type
_entity.pdbx_description
1 polymer 'GTP-binding nuclear protein Ran'
2 polymer 'Ran-specific GTPase-activating protein 1'
3 polymer Exportin-1
4 non-polymer 'PHOSPHOAMINOPHOSPHONIC ACID-GUANYLATE ESTER'
5 non-polymer 'MAGNESIUM ION'
6 non-polymer 1,2-ETHANEDIOL
7 non-polymer 'CHLORIDE ION'
8 non-polymer 2-(2-{3-[3,5-bis(trifluoromethyl)phenyl]-1H-1,2,4-triazol-1-yl}ethyl)-1,3,4-oxadiazole
9 non-polymer GLYCEROL
10 water water
#
loop_
_entity_poly.entity_id
_entity_poly.type
_entity_poly.pdbx_seq_one_letter_code
_entity_poly.pdbx_strand_id
1 'polypeptide(L)'
;MAAQGEPQVQFKLVLVGDGGTGKTTFVKRHLTGEFEKKYVATLGVEVHPLVFHTNRGPIKFNVWDTAGQEKFGGLRDGYY
IQAQCAIIMFDVTSRVTYKNVPNWHRDLVRVCENIPIVLCGNKVDIKDRKVKAKSIVFHRKKNLQYYDISAKSNYNFEKP
FLWLARKLIGDPNLEFVAMPALAPPEVVMDPALAAQYEHDLEVAQTTALPDEDDDL
;
A
2 'polypeptide(L)'
;DIHFEPVVHLEKVDVKTAEEDEEVLYKVRAKLFRFDKDAKEWKERGTGDCKFLKNKKTNKVRILMRRDKTLKICANHIIA
PEYTLKPNVGSDRSWVYACTADIAEGEAEAFTFAIRFGSKENADKFKEEFEKAQEINKKA
;
B
3 'polypeptide(L)'
;GAMEGILDFSNDLDIALLDQVVSTFYQGSGVQQKQAQEILTKFQDNPDAWQKADQILQFSTNPQSKFIALSILDKLITRK
WKLLPNDHRIGIRNFVVGMIISMCQDDEVFKTQKNLINKSDLTLVQILKQEWPQNWPEFIPELIGSSSSSVNVCENNMIV
LKLLSEEVFDFSAEQMTQAKALHLKNSMSKEFEQIFKLCFQVLEQGSSSSLIVATLESLLRYLHWIPYRYIYETNILELL
STKFMTSPDTRAITLKCLTEVSNLKIPQDNDLIKRQTVLFFQNTLQQIATSVMPVTADLKATYANANGNDQSFLQDLAMF
LTTYLARNRALLESDESLRELLLNAHQYLIQLSKIEERELFKTTLDYWHNLVADLFYEVQRLPATEMSPLIQLSVGSQAI
STGSGALNPEYMKRFPLKKHIYEEICSQLRLVIIENMVRPEEVLVVENDEGEIVREFVKESDTIQLYKSEREVLVYLTHL
NVIDTEEIMISKLARQIDGSEWSWHNINTLSWAIGSISGTMSEDTEKRFVVTVIKDLLDLCVKKRGKDNKAVVASDIMYV
VGQYPRFLKAHWNFLRTVILKLFEFMHETHEGVQDMACDTFIKIVQKCKYHFVIQQPRESEPFIQTIIRDIQKTTADLQP
QQVHTFYKACGIIISEERSVAERNRLLSDLMQLPNMAWDTIVEQSTANPTLLLDSETVKIIANIIKTNVAVCTSMGADFY
PQLGHIYYNMLQLYRAVSSMISAQVAAEGLIATKTPKVRGLRTIKKEILKLVETYISKARNLDDVVKVLVEPLLNAVLED
YMNNVPDARDAEVLNCMTTVVEKVGHMIPQGVILILQSVFECTLDMINKDFTEYPEHRVEFYKLLKVINEKSFAAFLELP
PAAFKLFVDAICWAFKHNNRDVEVNGLQIALDLVKNIERMGNVPFANEFHKNYFFIFVSETFFVLTDSDHKSGFSKQALL
LMKLISLVYDNKISVPLYQEAEVPQGTSNQVYLSQYLANMLSNAFPHLTSEQIASFLSALTKQCKDLVVFKGTLRDFLVQ
IKEVGGDPTDYLFAEDKENA
;
C
#
loop_
_chem_comp.id
_chem_comp.type
_chem_comp.name
_chem_comp.formula
51K non-polymer 2-(2-{3-[3,5-bis(trifluoromethyl)phenyl]-1H-1,2,4-triazol-1-yl}ethyl)-1,3,4-oxadiazole 'C14 H9 F6 N5 O'
CL non-polymer 'CHLORIDE ION' 'Cl -1'
EDO non-polymer 1,2-ETHANEDIOL 'C2 H6 O2'
GNP non-polymer 'PHOSPHOAMINOPHOSPHONIC ACID-GUANYLATE ESTER' 'C10 H17 N6 O13 P3'
GOL non-polymer GLYCEROL 'C3 H8 O3'
MG non-polymer 'MAGNESIUM ION' 'Mg 2'
#
# COMPACT_ATOMS: atom_id res chain seq x y z
N VAL A 9 21.80 7.13 24.07
CA VAL A 9 22.02 7.67 22.70
C VAL A 9 20.78 7.48 21.82
N GLN A 10 20.56 8.47 20.97
CA GLN A 10 19.36 8.56 20.17
C GLN A 10 19.68 8.91 18.73
N PHE A 11 18.80 8.52 17.83
CA PHE A 11 19.03 8.68 16.40
C PHE A 11 17.93 9.52 15.76
N LYS A 12 18.34 10.44 14.88
CA LYS A 12 17.37 11.25 14.14
C LYS A 12 16.84 10.42 12.97
N LEU A 13 15.51 10.31 12.91
CA LEU A 13 14.82 9.58 11.86
C LEU A 13 13.91 10.54 11.15
N VAL A 14 14.10 10.71 9.86
CA VAL A 14 13.19 11.50 9.05
C VAL A 14 12.21 10.58 8.32
N LEU A 15 10.96 11.01 8.32
CA LEU A 15 9.88 10.25 7.71
C LEU A 15 9.33 11.15 6.60
N VAL A 16 9.37 10.64 5.37
CA VAL A 16 8.95 11.41 4.19
C VAL A 16 8.05 10.62 3.27
N GLY A 17 7.30 11.33 2.43
CA GLY A 17 6.36 10.68 1.55
C GLY A 17 5.18 11.55 1.23
N ASP A 18 4.45 11.21 0.16
CA ASP A 18 3.32 12.02 -0.27
C ASP A 18 2.29 12.27 0.86
N GLY A 19 1.56 13.36 0.72
CA GLY A 19 0.47 13.66 1.61
C GLY A 19 -0.55 12.55 1.60
N GLY A 20 -0.98 12.15 2.79
CA GLY A 20 -2.08 11.22 2.92
C GLY A 20 -1.66 9.76 2.94
N THR A 21 -0.34 9.51 2.87
CA THR A 21 0.19 8.16 2.83
C THR A 21 0.14 7.44 4.19
N GLY A 22 0.00 8.21 5.27
CA GLY A 22 -0.19 7.63 6.61
C GLY A 22 1.01 7.76 7.54
N LYS A 23 1.90 8.69 7.22
CA LYS A 23 3.11 8.94 8.01
C LYS A 23 2.76 9.23 9.46
N THR A 24 1.97 10.29 9.69
CA THR A 24 1.64 10.73 11.06
C THR A 24 0.84 9.64 11.81
N THR A 25 -0.10 9.02 11.11
CA THR A 25 -0.90 7.95 11.69
C THR A 25 0.00 6.79 12.13
N PHE A 26 1.00 6.46 11.31
CA PHE A 26 1.99 5.44 11.65
C PHE A 26 2.72 5.76 12.96
N VAL A 27 3.24 6.98 13.05
CA VAL A 27 4.01 7.41 14.22
C VAL A 27 3.10 7.40 15.46
N LYS A 28 1.90 7.96 15.34
CA LYS A 28 0.96 8.02 16.47
C LYS A 28 0.68 6.66 17.01
N ARG A 29 0.42 5.73 16.11
CA ARG A 29 0.23 4.36 16.52
C ARG A 29 1.35 3.87 17.41
N HIS A 30 2.59 4.23 17.05
CA HIS A 30 3.75 3.83 17.83
C HIS A 30 3.89 4.62 19.11
N LEU A 31 3.54 5.91 19.12
CA LEU A 31 3.61 6.72 20.36
C LEU A 31 2.58 6.30 21.42
N THR A 32 1.30 6.25 21.02
CA THR A 32 0.21 6.09 22.00
C THR A 32 -0.56 4.79 21.89
N GLY A 33 -0.39 4.07 20.78
CA GLY A 33 -1.21 2.88 20.47
C GLY A 33 -2.49 3.18 19.68
N GLU A 34 -2.76 4.46 19.44
CA GLU A 34 -4.05 4.82 18.84
C GLU A 34 -4.03 4.72 17.32
N PHE A 35 -5.20 4.58 16.72
CA PHE A 35 -5.36 4.77 15.29
C PHE A 35 -6.22 6.00 15.00
N GLU A 36 -5.62 7.04 14.45
CA GLU A 36 -6.32 8.28 14.10
C GLU A 36 -6.96 8.18 12.73
N LYS A 37 -8.29 8.25 12.66
CA LYS A 37 -8.99 8.15 11.37
C LYS A 37 -8.98 9.45 10.59
N LYS A 38 -8.92 10.59 11.26
CA LYS A 38 -8.96 11.88 10.54
C LYS A 38 -7.65 12.17 9.84
N TYR A 39 -7.73 12.83 8.69
CA TYR A 39 -6.55 13.33 8.00
C TYR A 39 -6.37 14.83 8.28
N VAL A 40 -5.56 15.14 9.29
CA VAL A 40 -5.10 16.51 9.51
C VAL A 40 -3.66 16.62 9.00
N ALA A 41 -3.46 17.39 7.94
CA ALA A 41 -2.16 17.48 7.28
C ALA A 41 -1.07 18.01 8.20
N THR A 42 0.10 17.39 8.15
CA THR A 42 1.22 17.90 8.94
C THR A 42 1.70 19.25 8.39
N LEU A 43 2.02 20.18 9.27
CA LEU A 43 2.49 21.50 8.86
C LEU A 43 4.01 21.59 9.07
N GLY A 44 4.75 21.44 7.98
CA GLY A 44 6.23 21.47 8.04
C GLY A 44 6.78 20.15 8.57
N VAL A 45 6.98 20.08 9.88
CA VAL A 45 7.44 18.85 10.54
C VAL A 45 6.89 18.77 11.97
N GLU A 46 6.71 17.57 12.49
CA GLU A 46 6.47 17.37 13.91
C GLU A 46 7.50 16.38 14.43
N VAL A 47 8.11 16.72 15.56
CA VAL A 47 9.16 15.92 16.13
C VAL A 47 8.64 15.21 17.35
N HIS A 48 8.84 13.90 17.39
CA HIS A 48 8.41 13.07 18.52
C HIS A 48 9.46 12.09 18.93
N PRO A 49 9.85 12.10 20.21
CA PRO A 49 10.76 11.03 20.63
C PRO A 49 10.01 9.71 20.78
N LEU A 50 10.67 8.62 20.45
CA LEU A 50 10.05 7.30 20.44
C LEU A 50 11.10 6.30 20.92
N VAL A 51 10.81 5.59 22.00
CA VAL A 51 11.79 4.66 22.57
C VAL A 51 11.35 3.23 22.41
N PHE A 52 12.31 2.38 22.10
CA PHE A 52 12.08 0.94 22.07
C PHE A 52 13.04 0.27 23.04
N HIS A 53 12.57 -0.83 23.62
CA HIS A 53 13.37 -1.64 24.52
C HIS A 53 13.86 -2.85 23.78
N THR A 54 15.15 -3.10 23.84
CA THR A 54 15.79 -4.17 23.08
C THR A 54 16.73 -4.98 23.98
N ASN A 55 17.18 -6.14 23.50
CA ASN A 55 18.19 -6.93 24.21
C ASN A 55 19.57 -6.26 24.26
N ARG A 56 19.76 -5.24 23.45
CA ARG A 56 20.96 -4.44 23.53
C ARG A 56 20.69 -3.09 24.22
N GLY A 57 19.62 -3.01 25.02
CA GLY A 57 19.28 -1.79 25.76
C GLY A 57 18.27 -0.93 25.02
N PRO A 58 17.95 0.24 25.58
CA PRO A 58 16.96 1.11 24.98
C PRO A 58 17.54 1.90 23.82
N ILE A 59 16.79 1.99 22.74
CA ILE A 59 17.14 2.82 21.61
C ILE A 59 16.06 3.88 21.45
N LYS A 60 16.49 5.11 21.28
CA LYS A 60 15.59 6.23 21.14
C LYS A 60 15.67 6.78 19.74
N PHE A 61 14.52 6.95 19.11
CA PHE A 61 14.43 7.63 17.85
C PHE A 61 13.83 9.01 18.05
N ASN A 62 14.46 10.02 17.47
CA ASN A 62 13.83 11.32 17.37
C ASN A 62 13.21 11.42 16.01
N VAL A 63 11.90 11.18 15.96
CA VAL A 63 11.18 11.06 14.71
C VAL A 63 10.75 12.44 14.21
N TRP A 64 11.28 12.83 13.06
CA TRP A 64 10.94 14.03 12.34
C TRP A 64 9.93 13.66 11.27
N ASP A 65 8.66 13.79 11.63
CA ASP A 65 7.54 13.45 10.74
C ASP A 65 7.21 14.66 9.90
N THR A 66 7.61 14.61 8.63
CA THR A 66 7.53 15.77 7.74
C THR A 66 6.25 15.80 6.95
N ALA A 67 5.96 16.97 6.41
CA ALA A 67 4.76 17.21 5.63
C ALA A 67 5.00 16.71 4.21
N GLY A 68 4.00 16.00 3.69
CA GLY A 68 4.03 15.51 2.34
C GLY A 68 3.30 16.37 1.34
N GLN A 69 2.43 17.26 1.79
CA GLN A 69 1.75 18.18 0.89
CA GLN A 69 1.76 18.19 0.90
C GLN A 69 2.71 19.33 0.57
N GLU A 70 2.82 19.68 -0.71
CA GLU A 70 3.77 20.70 -1.12
C GLU A 70 3.48 22.03 -0.44
N LYS A 71 2.20 22.40 -0.39
N LYS A 71 2.21 22.44 -0.39
CA LYS A 71 1.73 23.64 0.22
CA LYS A 71 1.89 23.74 0.21
C LYS A 71 2.13 23.75 1.70
C LYS A 71 2.08 23.78 1.73
N PHE A 72 2.30 22.62 2.37
CA PHE A 72 2.65 22.59 3.80
C PHE A 72 4.08 22.10 4.01
N GLY A 73 4.90 22.18 2.96
CA GLY A 73 6.22 21.57 2.97
C GLY A 73 7.27 22.17 3.91
N GLY A 74 7.10 23.45 4.26
CA GLY A 74 7.99 24.13 5.20
C GLY A 74 9.44 24.15 4.75
N LEU A 75 10.35 23.72 5.62
CA LEU A 75 11.77 23.73 5.29
C LEU A 75 12.19 22.63 4.28
N ARG A 76 11.30 21.69 4.00
CA ARG A 76 11.57 20.63 2.99
C ARG A 76 12.87 19.86 3.29
N ASP A 77 13.84 19.86 2.37
CA ASP A 77 15.05 19.07 2.59
C ASP A 77 15.89 19.60 3.76
N GLY A 78 15.62 20.83 4.17
CA GLY A 78 16.17 21.36 5.40
C GLY A 78 15.95 20.49 6.63
N TYR A 79 14.87 19.70 6.62
CA TYR A 79 14.59 18.80 7.73
C TYR A 79 15.55 17.61 7.79
N TYR A 80 16.14 17.27 6.66
CA TYR A 80 16.90 16.03 6.55
C TYR A 80 18.31 16.16 7.12
N ILE A 81 18.77 17.38 7.31
CA ILE A 81 20.14 17.65 7.79
C ILE A 81 20.44 16.84 9.04
N GLN A 82 21.49 16.03 8.97
CA GLN A 82 21.95 15.20 10.09
C GLN A 82 20.99 14.07 10.51
N ALA A 83 20.06 13.69 9.62
CA ALA A 83 19.29 12.47 9.81
C ALA A 83 20.23 11.28 9.80
N GLN A 84 20.01 10.35 10.71
CA GLN A 84 20.79 9.11 10.76
C GLN A 84 20.05 7.93 10.19
N CYS A 85 18.77 8.14 9.88
CA CYS A 85 17.98 7.11 9.24
C CYS A 85 16.70 7.70 8.70
N ALA A 86 15.95 6.91 7.94
CA ALA A 86 14.74 7.43 7.36
C ALA A 86 13.80 6.32 6.97
N ILE A 87 12.54 6.68 6.85
CA ILE A 87 11.48 5.83 6.33
C ILE A 87 10.85 6.61 5.20
N ILE A 88 10.71 5.98 4.03
CA ILE A 88 10.00 6.58 2.91
C ILE A 88 8.69 5.86 2.79
N MET A 89 7.58 6.63 2.80
N MET A 89 7.59 6.61 2.83
CA MET A 89 6.23 6.07 2.85
CA MET A 89 6.27 5.99 2.81
C MET A 89 5.46 6.30 1.54
C MET A 89 5.47 6.29 1.53
N PHE A 90 4.75 5.26 1.08
CA PHE A 90 3.77 5.43 0.03
C PHE A 90 2.52 4.66 0.41
N ASP A 91 1.50 4.75 -0.44
CA ASP A 91 0.19 4.17 -0.18
C ASP A 91 -0.11 3.21 -1.31
N VAL A 92 -0.23 1.92 -0.99
CA VAL A 92 -0.45 0.89 -2.02
C VAL A 92 -1.80 1.00 -2.74
N THR A 93 -2.70 1.85 -2.24
CA THR A 93 -3.96 2.13 -2.91
C THR A 93 -3.89 3.42 -3.77
N SER A 94 -2.71 4.04 -3.86
CA SER A 94 -2.52 5.21 -4.70
C SER A 94 -1.18 5.17 -5.43
N ARG A 95 -1.26 4.93 -6.73
CA ARG A 95 -0.10 4.71 -7.55
C ARG A 95 0.75 5.95 -7.69
N VAL A 96 0.11 7.12 -7.73
CA VAL A 96 0.88 8.32 -7.81
C VAL A 96 1.87 8.38 -6.62
N THR A 97 1.51 7.82 -5.45
CA THR A 97 2.41 7.93 -4.29
C THR A 97 3.66 7.07 -4.42
N TYR A 98 3.54 5.93 -5.11
CA TYR A 98 4.71 5.11 -5.45
C TYR A 98 5.55 5.80 -6.51
N LYS A 99 4.90 6.37 -7.52
N LYS A 99 4.89 6.35 -7.51
CA LYS A 99 5.62 7.09 -8.57
CA LYS A 99 5.56 7.11 -8.56
C LYS A 99 6.50 8.22 -8.00
C LYS A 99 6.47 8.21 -8.00
N ASN A 100 6.10 8.79 -6.87
CA ASN A 100 6.86 9.89 -6.25
C ASN A 100 7.96 9.47 -5.30
N VAL A 101 8.08 8.16 -5.08
CA VAL A 101 9.08 7.62 -4.17
C VAL A 101 10.49 8.01 -4.62
N PRO A 102 10.77 7.89 -5.94
CA PRO A 102 12.12 8.29 -6.40
C PRO A 102 12.42 9.77 -6.17
N ASN A 103 11.39 10.62 -6.16
CA ASN A 103 11.57 12.05 -5.90
C ASN A 103 11.92 12.32 -4.43
N TRP A 104 11.17 11.68 -3.54
CA TRP A 104 11.50 11.77 -2.12
C TRP A 104 12.89 11.25 -1.84
N HIS A 105 13.21 10.10 -2.42
CA HIS A 105 14.50 9.43 -2.19
C HIS A 105 15.63 10.28 -2.66
N ARG A 106 15.49 10.84 -3.87
CA ARG A 106 16.45 11.80 -4.41
C ARG A 106 16.75 12.94 -3.45
N ASP A 107 15.71 13.62 -2.99
CA ASP A 107 15.89 14.78 -2.11
C ASP A 107 16.52 14.34 -0.79
N LEU A 108 16.18 13.15 -0.34
CA LEU A 108 16.70 12.63 0.91
C LEU A 108 18.21 12.33 0.83
N VAL A 109 18.64 11.54 -0.15
CA VAL A 109 20.04 11.10 -0.19
C VAL A 109 20.98 12.20 -0.68
N ARG A 110 20.45 13.25 -1.28
CA ARG A 110 21.27 14.40 -1.57
C ARG A 110 21.76 15.06 -0.30
N VAL A 111 20.95 15.02 0.76
CA VAL A 111 21.34 15.56 2.06
C VAL A 111 21.99 14.52 2.94
N CYS A 112 21.49 13.28 2.92
CA CYS A 112 21.95 12.21 3.80
C CYS A 112 22.51 11.08 2.95
N GLU A 113 23.82 11.11 2.74
CA GLU A 113 24.40 10.29 1.68
C GLU A 113 24.53 8.83 2.05
N ASN A 114 24.74 8.54 3.32
CA ASN A 114 24.91 7.14 3.71
C ASN A 114 24.17 6.78 5.00
N ILE A 115 22.87 6.57 4.87
CA ILE A 115 22.05 6.23 6.02
C ILE A 115 21.13 5.06 5.68
N PRO A 116 20.77 4.25 6.67
CA PRO A 116 19.81 3.21 6.37
C PRO A 116 18.39 3.78 6.20
N ILE A 117 17.67 3.25 5.21
CA ILE A 117 16.38 3.74 4.80
C ILE A 117 15.48 2.54 4.54
N VAL A 118 14.27 2.61 5.10
CA VAL A 118 13.21 1.65 4.85
C VAL A 118 12.16 2.27 3.93
N LEU A 119 11.75 1.53 2.92
CA LEU A 119 10.63 1.91 2.09
C LEU A 119 9.41 1.17 2.63
N CYS A 120 8.31 1.89 2.85
CA CYS A 120 7.09 1.28 3.36
C CYS A 120 5.89 1.56 2.48
N GLY A 121 5.24 0.49 2.06
CA GLY A 121 4.01 0.57 1.32
C GLY A 121 2.86 0.38 2.28
N ASN A 122 2.20 1.48 2.62
CA ASN A 122 1.16 1.50 3.66
C ASN A 122 -0.24 1.20 3.13
N LYS A 123 -1.15 0.89 4.05
CA LYS A 123 -2.59 0.71 3.79
C LYS A 123 -2.90 -0.59 3.09
N VAL A 124 -2.12 -1.63 3.39
CA VAL A 124 -2.36 -2.94 2.78
C VAL A 124 -3.65 -3.60 3.31
N ASP A 125 -4.23 -3.05 4.37
CA ASP A 125 -5.53 -3.53 4.88
C ASP A 125 -6.67 -3.30 3.87
N ILE A 126 -6.50 -2.33 2.97
CA ILE A 126 -7.55 -1.97 2.02
C ILE A 126 -7.64 -3.02 0.93
N LYS A 127 -8.86 -3.45 0.62
CA LYS A 127 -9.06 -4.57 -0.30
C LYS A 127 -8.53 -4.29 -1.70
N ASP A 128 -8.96 -3.19 -2.28
CA ASP A 128 -8.60 -2.86 -3.65
C ASP A 128 -7.19 -2.24 -3.72
N ARG A 129 -6.18 -3.09 -3.71
CA ARG A 129 -4.79 -2.64 -3.77
C ARG A 129 -4.43 -2.24 -5.21
N LYS A 130 -3.78 -1.08 -5.38
CA LYS A 130 -3.41 -0.59 -6.72
C LYS A 130 -1.94 -0.79 -7.14
N VAL A 131 -1.01 -0.70 -6.20
CA VAL A 131 0.41 -0.86 -6.48
C VAL A 131 0.73 -2.30 -6.16
N LYS A 132 0.71 -3.14 -7.19
CA LYS A 132 0.94 -4.57 -7.01
C LYS A 132 2.31 -4.88 -6.38
N ALA A 133 2.33 -5.94 -5.57
CA ALA A 133 3.54 -6.47 -4.96
C ALA A 133 4.69 -6.51 -5.92
N LYS A 134 4.43 -7.15 -7.04
CA LYS A 134 5.42 -7.39 -8.07
C LYS A 134 6.02 -6.11 -8.65
N SER A 135 5.27 -5.02 -8.61
CA SER A 135 5.71 -3.73 -9.12
C SER A 135 6.73 -3.02 -8.22
N ILE A 136 6.75 -3.36 -6.96
CA ILE A 136 7.59 -2.63 -6.02
C ILE A 136 9.06 -3.13 -6.12
N VAL A 137 9.87 -2.42 -6.89
CA VAL A 137 11.26 -2.80 -7.17
C VAL A 137 12.25 -1.64 -6.96
N PHE A 138 11.76 -0.41 -6.76
CA PHE A 138 12.65 0.73 -6.61
C PHE A 138 13.75 0.57 -5.56
N HIS A 139 13.44 -0.12 -4.48
CA HIS A 139 14.38 -0.29 -3.39
C HIS A 139 15.65 -1.10 -3.70
N ARG A 140 15.61 -1.94 -4.71
CA ARG A 140 16.68 -2.90 -4.96
C ARG A 140 18.01 -2.20 -5.26
N LYS A 141 18.06 -1.43 -6.34
CA LYS A 141 19.28 -0.73 -6.72
C LYS A 141 19.67 0.35 -5.71
N LYS A 142 18.74 0.84 -4.88
CA LYS A 142 19.09 1.85 -3.87
C LYS A 142 19.38 1.29 -2.47
N ASN A 143 19.32 -0.03 -2.32
CA ASN A 143 19.62 -0.70 -1.04
C ASN A 143 18.71 -0.29 0.10
N LEU A 144 17.45 -0.03 -0.23
CA LEU A 144 16.47 0.26 0.80
C LEU A 144 15.87 -1.07 1.25
N GLN A 145 15.57 -1.20 2.54
CA GLN A 145 14.71 -2.29 3.00
C GLN A 145 13.28 -1.99 2.58
N TYR A 146 12.49 -3.02 2.26
CA TYR A 146 11.08 -2.81 1.94
C TYR A 146 10.12 -3.61 2.81
N TYR A 147 9.07 -2.97 3.29
CA TYR A 147 7.94 -3.70 3.92
C TYR A 147 6.55 -3.23 3.48
N ASP A 148 5.68 -4.19 3.17
CA ASP A 148 4.23 -3.97 3.21
C ASP A 148 3.86 -3.68 4.67
N ILE A 149 3.14 -2.59 4.94
CA ILE A 149 2.64 -2.29 6.30
C ILE A 149 1.19 -1.78 6.30
N SER A 150 0.55 -1.84 7.46
CA SER A 150 -0.73 -1.16 7.68
C SER A 150 -0.74 -0.58 9.09
N ALA A 151 -0.81 0.74 9.17
CA ALA A 151 -0.99 1.39 10.46
C ALA A 151 -2.34 1.01 11.08
N LYS A 152 -3.30 0.64 10.25
CA LYS A 152 -4.67 0.34 10.70
C LYS A 152 -4.81 -1.05 11.32
N SER A 153 -4.28 -2.04 10.62
CA SER A 153 -4.30 -3.43 11.09
C SER A 153 -3.04 -3.78 11.89
N ASN A 154 -2.09 -2.86 11.97
CA ASN A 154 -0.74 -3.13 12.54
C ASN A 154 0.11 -4.14 11.80
N TYR A 155 -0.31 -4.56 10.62
CA TYR A 155 0.49 -5.50 9.83
C TYR A 155 1.94 -4.98 9.64
N ASN A 156 2.93 -5.77 10.06
CA ASN A 156 4.36 -5.40 9.97
C ASN A 156 4.75 -4.06 10.61
N PHE A 157 3.94 -3.53 11.52
CA PHE A 157 4.11 -2.12 11.93
C PHE A 157 5.44 -1.88 12.67
N GLU A 158 5.95 -2.93 13.31
CA GLU A 158 7.19 -2.87 14.08
C GLU A 158 8.44 -3.07 13.22
N LYS A 159 8.27 -3.63 12.03
CA LYS A 159 9.39 -4.05 11.18
C LYS A 159 10.37 -2.94 10.82
N PRO A 160 9.85 -1.77 10.38
CA PRO A 160 10.77 -0.69 10.00
C PRO A 160 11.66 -0.28 11.13
N PHE A 161 11.12 -0.17 12.34
CA PHE A 161 11.93 0.24 13.50
C PHE A 161 12.87 -0.87 13.95
N LEU A 162 12.46 -2.12 13.82
CA LEU A 162 13.33 -3.21 14.23
C LEU A 162 14.55 -3.31 13.31
N TRP A 163 14.36 -3.07 12.03
CA TRP A 163 15.45 -3.12 11.06
C TRP A 163 16.38 -1.96 11.24
N LEU A 164 15.84 -0.75 11.32
CA LEU A 164 16.68 0.42 11.53
C LEU A 164 17.52 0.28 12.81
N ALA A 165 16.89 -0.25 13.87
CA ALA A 165 17.59 -0.43 15.15
C ALA A 165 18.77 -1.36 14.94
N ARG A 166 18.55 -2.47 14.24
CA ARG A 166 19.60 -3.41 13.95
C ARG A 166 20.74 -2.81 13.16
N LYS A 167 20.39 -2.01 12.15
CA LYS A 167 21.41 -1.37 11.35
C LYS A 167 22.15 -0.29 12.13
N LEU A 168 21.46 0.45 12.99
CA LEU A 168 22.11 1.57 13.69
C LEU A 168 22.95 1.13 14.88
N ILE A 169 22.49 0.13 15.60
CA ILE A 169 23.24 -0.43 16.71
C ILE A 169 24.33 -1.36 16.17
N GLY A 170 24.12 -1.85 14.96
CA GLY A 170 25.13 -2.66 14.27
C GLY A 170 25.08 -4.10 14.73
N ASP A 171 23.91 -4.54 15.19
CA ASP A 171 23.75 -5.91 15.67
C ASP A 171 22.53 -6.56 15.02
N PRO A 172 22.77 -7.52 14.12
CA PRO A 172 21.71 -8.17 13.36
C PRO A 172 20.76 -9.04 14.18
N ASN A 173 21.17 -9.40 15.41
CA ASN A 173 20.37 -10.29 16.24
C ASN A 173 19.58 -9.55 17.32
N LEU A 174 19.64 -8.23 17.27
CA LEU A 174 18.88 -7.39 18.17
C LEU A 174 17.39 -7.70 18.04
N GLU A 175 16.72 -7.75 19.19
CA GLU A 175 15.29 -8.03 19.27
C GLU A 175 14.65 -7.05 20.22
N PHE A 176 13.37 -6.78 20.01
CA PHE A 176 12.61 -6.04 21.00
C PHE A 176 12.41 -6.95 22.19
N VAL A 177 12.53 -6.40 23.39
CA VAL A 177 12.26 -7.19 24.59
C VAL A 177 11.21 -6.49 25.44
N ALA A 178 10.53 -7.28 26.28
CA ALA A 178 9.54 -6.78 27.21
C ALA A 178 10.16 -5.84 28.23
N MET A 179 9.70 -4.60 28.23
CA MET A 179 10.10 -3.59 29.23
C MET A 179 9.71 -4.05 30.66
N PRO A 180 10.59 -3.81 31.65
CA PRO A 180 10.26 -4.13 33.07
C PRO A 180 8.94 -3.54 33.58
N ALA A 181 8.18 -4.34 34.33
CA ALA A 181 6.86 -3.93 34.79
C ALA A 181 6.85 -3.72 36.31
N LEU A 182 7.10 -2.49 36.72
CA LEU A 182 7.12 -2.11 38.14
C LEU A 182 5.79 -2.43 38.83
N ALA A 183 5.87 -2.79 40.11
CA ALA A 183 4.69 -2.93 40.95
C ALA A 183 3.89 -1.63 40.88
N PRO A 184 2.58 -1.72 40.59
CA PRO A 184 1.80 -0.50 40.53
C PRO A 184 1.24 -0.15 41.91
N PRO A 185 0.98 1.16 42.14
CA PRO A 185 0.60 1.68 43.45
C PRO A 185 -0.83 1.36 43.85
N GLU A 186 -1.10 1.45 45.14
CA GLU A 186 -2.46 1.33 45.65
C GLU A 186 -2.94 2.71 46.02
N VAL A 187 -3.96 3.20 45.31
CA VAL A 187 -4.51 4.53 45.57
C VAL A 187 -5.98 4.35 45.90
N VAL A 188 -6.44 5.06 46.91
CA VAL A 188 -7.88 5.16 47.16
C VAL A 188 -8.38 6.46 46.51
N MET A 189 -9.53 6.37 45.85
CA MET A 189 -10.14 7.52 45.18
C MET A 189 -10.41 8.61 46.21
N ASP A 190 -10.28 9.86 45.78
CA ASP A 190 -10.49 11.04 46.62
C ASP A 190 -12.00 11.19 46.89
N PRO A 191 -12.42 11.19 48.17
CA PRO A 191 -13.85 11.37 48.48
C PRO A 191 -14.45 12.57 47.74
N ALA A 192 -13.68 13.65 47.64
CA ALA A 192 -14.13 14.89 46.99
C ALA A 192 -14.36 14.78 45.47
N LEU A 193 -13.78 13.78 44.82
CA LEU A 193 -13.88 13.65 43.34
C LEU A 193 -14.93 12.64 42.86
N ALA A 194 -15.46 11.82 43.78
CA ALA A 194 -16.36 10.72 43.45
C ALA A 194 -17.64 11.13 42.70
N ALA A 195 -18.14 12.35 42.98
CA ALA A 195 -19.30 12.89 42.25
C ALA A 195 -18.95 13.16 40.77
N GLN A 196 -17.75 13.66 40.55
CA GLN A 196 -17.27 13.99 39.20
C GLN A 196 -16.95 12.74 38.40
N TYR A 197 -16.32 11.76 39.03
CA TYR A 197 -16.03 10.48 38.39
C TYR A 197 -17.32 9.86 37.87
N GLU A 198 -18.36 9.86 38.68
CA GLU A 198 -19.66 9.35 38.27
C GLU A 198 -20.07 9.95 36.90
N HIS A 199 -19.84 11.26 36.77
CA HIS A 199 -20.23 11.97 35.56
C HIS A 199 -19.33 11.65 34.40
N ASP A 200 -18.03 11.76 34.62
CA ASP A 200 -17.05 11.49 33.58
C ASP A 200 -17.20 10.07 33.03
N LEU A 201 -17.56 9.13 33.91
CA LEU A 201 -17.78 7.73 33.55
C LEU A 201 -18.98 7.54 32.63
N GLU A 202 -20.07 8.22 32.96
CA GLU A 202 -21.33 8.05 32.23
C GLU A 202 -21.22 8.55 30.77
N VAL A 203 -20.51 9.65 30.57
CA VAL A 203 -20.17 10.10 29.21
C VAL A 203 -19.33 9.06 28.45
N ALA A 204 -18.41 8.43 29.15
CA ALA A 204 -17.57 7.39 28.55
C ALA A 204 -18.40 6.14 28.22
N GLN A 205 -19.32 5.76 29.11
CA GLN A 205 -20.20 4.61 28.85
C GLN A 205 -21.10 4.80 27.64
N THR A 206 -21.50 6.05 27.41
CA THR A 206 -22.51 6.37 26.40
C THR A 206 -21.87 6.94 25.12
N THR A 207 -20.55 6.91 25.05
CA THR A 207 -19.86 7.11 23.79
C THR A 207 -19.47 5.73 23.26
N ALA A 208 -19.92 5.38 22.07
CA ALA A 208 -19.65 4.08 21.47
C ALA A 208 -18.17 3.86 21.20
N LEU A 209 -17.70 2.64 21.45
CA LEU A 209 -16.34 2.26 21.09
C LEU A 209 -16.28 2.16 19.59
N PRO A 210 -15.16 2.55 18.96
CA PRO A 210 -15.06 2.46 17.50
C PRO A 210 -14.84 1.04 16.98
N ASP A 211 -15.26 0.80 15.73
CA ASP A 211 -14.93 -0.40 15.00
C ASP A 211 -15.40 -1.67 15.70
N GLU A 212 -16.69 -1.71 16.02
CA GLU A 212 -17.27 -2.81 16.77
C GLU A 212 -17.37 -4.07 15.93
N ASP A 213 -17.17 -3.96 14.62
CA ASP A 213 -17.10 -5.16 13.78
C ASP A 213 -15.72 -5.79 13.68
N ASP A 214 -14.69 -5.19 14.27
CA ASP A 214 -13.35 -5.78 14.27
C ASP A 214 -13.26 -7.02 15.15
N ASP A 215 -12.27 -7.87 14.85
CA ASP A 215 -12.07 -9.15 15.54
C ASP A 215 -11.76 -8.94 17.01
N LEU A 216 -11.06 -7.85 17.32
CA LEU A 216 -10.86 -7.40 18.69
C LEU A 216 -11.24 -5.92 18.83
N THR B 17 12.74 -7.41 33.68
CA THR B 17 11.34 -7.65 33.22
C THR B 17 10.32 -7.43 34.36
N ALA B 18 10.61 -7.93 35.56
CA ALA B 18 9.76 -7.70 36.75
C ALA B 18 8.43 -8.44 36.83
N GLU B 19 8.39 -9.68 36.33
CA GLU B 19 7.19 -10.54 36.45
C GLU B 19 7.47 -11.98 36.92
N GLU B 20 8.73 -12.30 37.25
CA GLU B 20 9.10 -13.64 37.72
C GLU B 20 8.50 -13.97 39.09
N ASP B 21 8.26 -12.92 39.89
CA ASP B 21 7.75 -13.07 41.25
C ASP B 21 6.21 -13.14 41.34
N GLU B 22 5.54 -13.42 40.23
CA GLU B 22 4.08 -13.40 40.14
C GLU B 22 3.48 -14.65 39.48
N GLU B 23 2.27 -15.00 39.88
CA GLU B 23 1.52 -16.12 39.30
C GLU B 23 0.49 -15.57 38.33
N VAL B 24 0.35 -16.19 37.16
CA VAL B 24 -0.65 -15.78 36.16
C VAL B 24 -2.00 -16.41 36.50
N LEU B 25 -2.94 -15.60 37.00
CA LEU B 25 -4.26 -16.12 37.39
C LEU B 25 -5.20 -16.25 36.19
N TYR B 26 -5.01 -15.39 35.20
CA TYR B 26 -5.89 -15.33 34.04
C TYR B 26 -5.19 -14.55 32.96
N LYS B 27 -5.34 -15.03 31.73
CA LYS B 27 -4.79 -14.37 30.55
C LYS B 27 -5.85 -14.39 29.47
N VAL B 28 -6.04 -13.28 28.78
CA VAL B 28 -6.93 -13.24 27.62
C VAL B 28 -6.52 -12.14 26.64
N ARG B 29 -6.77 -12.39 25.36
CA ARG B 29 -6.51 -11.40 24.33
C ARG B 29 -7.54 -10.29 24.42
N ALA B 30 -7.10 -9.04 24.27
CA ALA B 30 -7.99 -7.92 24.40
C ALA B 30 -7.44 -6.70 23.68
N LYS B 31 -8.34 -5.73 23.47
CA LYS B 31 -8.00 -4.41 22.96
C LYS B 31 -8.40 -3.42 24.03
N LEU B 32 -7.43 -2.62 24.48
CA LEU B 32 -7.66 -1.64 25.51
C LEU B 32 -7.80 -0.27 24.86
N PHE B 33 -8.82 0.47 25.28
CA PHE B 33 -9.03 1.86 24.92
C PHE B 33 -8.96 2.73 26.16
N ARG B 34 -8.70 4.02 25.92
CA ARG B 34 -8.71 5.04 26.96
C ARG B 34 -9.57 6.17 26.45
N PHE B 35 -10.30 6.81 27.35
CA PHE B 35 -11.22 7.83 26.93
C PHE B 35 -10.55 9.20 26.99
N ASP B 36 -10.54 9.88 25.86
CA ASP B 36 -10.09 11.27 25.81
C ASP B 36 -11.32 12.16 26.03
N LYS B 37 -11.47 12.69 27.24
CA LYS B 37 -12.66 13.46 27.57
C LYS B 37 -12.73 14.76 26.77
N ASP B 38 -11.57 15.30 26.41
CA ASP B 38 -11.51 16.54 25.64
C ASP B 38 -12.07 16.36 24.25
N ALA B 39 -11.56 15.36 23.52
CA ALA B 39 -12.04 15.03 22.19
C ALA B 39 -13.38 14.28 22.27
N LYS B 40 -13.72 13.81 23.45
CA LYS B 40 -14.93 13.02 23.65
C LYS B 40 -14.92 11.73 22.81
N GLU B 41 -13.75 11.11 22.66
CA GLU B 41 -13.65 9.85 21.93
C GLU B 41 -12.79 8.84 22.64
N TRP B 42 -13.09 7.57 22.39
CA TRP B 42 -12.23 6.48 22.79
C TRP B 42 -11.05 6.40 21.86
N LYS B 43 -9.89 6.11 22.42
CA LYS B 43 -8.67 5.95 21.65
C LYS B 43 -8.02 4.64 22.08
N GLU B 44 -7.65 3.82 21.10
CA GLU B 44 -6.96 2.57 21.38
C GLU B 44 -5.67 2.84 22.10
N ARG B 45 -5.35 2.01 23.08
CA ARG B 45 -4.08 2.10 23.78
C ARG B 45 -3.20 0.89 23.54
N GLY B 46 -3.79 -0.23 23.14
CA GLY B 46 -3.02 -1.42 22.85
C GLY B 46 -3.86 -2.65 22.66
N THR B 47 -3.32 -3.59 21.90
CA THR B 47 -3.91 -4.90 21.69
C THR B 47 -2.89 -5.94 22.08
N GLY B 48 -3.34 -6.95 22.81
CA GLY B 48 -2.47 -8.05 23.19
C GLY B 48 -3.05 -8.88 24.31
N ASP B 49 -2.16 -9.57 25.02
CA ASP B 49 -2.57 -10.40 26.14
C ASP B 49 -2.71 -9.52 27.37
N CYS B 50 -3.91 -9.53 27.95
CA CYS B 50 -4.16 -8.91 29.22
C CYS B 50 -4.03 -10.00 30.28
N LYS B 51 -3.13 -9.80 31.25
CA LYS B 51 -2.86 -10.81 32.28
C LYS B 51 -3.24 -10.32 33.68
N PHE B 52 -3.77 -11.24 34.50
CA PHE B 52 -4.00 -10.96 35.91
C PHE B 52 -2.85 -11.61 36.67
N LEU B 53 -1.99 -10.79 37.28
CA LEU B 53 -0.81 -11.30 37.98
C LEU B 53 -0.89 -11.09 39.50
N LYS B 54 -0.72 -12.19 40.25
CA LYS B 54 -0.66 -12.16 41.72
C LYS B 54 0.78 -12.22 42.25
N ASN B 55 1.19 -11.17 42.95
CA ASN B 55 2.51 -11.12 43.57
C ASN B 55 2.59 -12.18 44.66
N LYS B 56 3.61 -13.04 44.58
CA LYS B 56 3.77 -14.14 45.51
C LYS B 56 4.13 -13.65 46.91
N LYS B 57 4.65 -12.43 47.03
CA LYS B 57 5.06 -11.85 48.32
C LYS B 57 3.97 -11.01 49.00
N THR B 58 3.21 -10.24 48.22
CA THR B 58 2.14 -9.40 48.78
C THR B 58 0.74 -9.96 48.53
N ASN B 59 0.62 -10.96 47.66
CA ASN B 59 -0.69 -11.55 47.29
C ASN B 59 -1.62 -10.55 46.59
N LYS B 60 -1.05 -9.45 46.14
CA LYS B 60 -1.81 -8.40 45.50
C LYS B 60 -1.88 -8.69 44.00
N VAL B 61 -3.10 -8.63 43.45
CA VAL B 61 -3.34 -8.96 42.03
C VAL B 61 -3.44 -7.72 41.17
N ARG B 62 -2.68 -7.69 40.08
CA ARG B 62 -2.65 -6.56 39.15
C ARG B 62 -3.07 -6.99 37.75
N ILE B 63 -3.45 -6.01 36.96
CA ILE B 63 -3.59 -6.18 35.51
C ILE B 63 -2.30 -5.73 34.86
N LEU B 64 -1.72 -6.57 34.03
CA LEU B 64 -0.58 -6.18 33.20
C LEU B 64 -0.86 -6.64 31.78
N MET B 65 -0.79 -5.67 30.87
CA MET B 65 -1.09 -5.89 29.48
C MET B 65 0.01 -5.24 28.63
N ARG B 66 0.44 -5.96 27.60
CA ARG B 66 1.48 -5.48 26.71
C ARG B 66 1.05 -5.60 25.27
N ARG B 67 1.50 -4.64 24.47
CA ARG B 67 1.24 -4.64 23.05
C ARG B 67 1.97 -5.78 22.32
N ASP B 68 1.27 -6.42 21.39
CA ASP B 68 1.91 -7.37 20.47
C ASP B 68 3.10 -6.74 19.75
N LYS B 69 4.14 -7.55 19.54
CA LYS B 69 5.34 -7.18 18.78
C LYS B 69 6.29 -6.26 19.52
N THR B 70 5.81 -5.09 19.97
CA THR B 70 6.69 -4.16 20.66
C THR B 70 6.82 -4.53 22.13
N LEU B 71 5.84 -5.27 22.64
CA LEU B 71 5.78 -5.75 24.04
C LEU B 71 5.71 -4.62 25.09
N LYS B 72 5.40 -3.41 24.61
CA LYS B 72 5.28 -2.26 25.47
C LYS B 72 4.04 -2.38 26.37
N ILE B 73 4.17 -1.91 27.60
CA ILE B 73 3.10 -2.00 28.59
C ILE B 73 2.02 -0.99 28.27
N CYS B 74 0.79 -1.44 28.05
CA CYS B 74 -0.33 -0.54 27.83
C CYS B 74 -1.30 -0.52 29.01
N ALA B 75 -1.09 -1.39 29.99
CA ALA B 75 -1.79 -1.28 31.27
C ALA B 75 -0.96 -1.89 32.39
N ASN B 76 -0.95 -1.22 33.54
CA ASN B 76 -0.25 -1.70 34.74
C ASN B 76 -0.91 -1.05 35.97
N HIS B 77 -1.84 -1.77 36.60
CA HIS B 77 -2.54 -1.25 37.78
C HIS B 77 -3.12 -2.32 38.63
N ILE B 78 -3.25 -2.04 39.92
CA ILE B 78 -3.88 -2.99 40.84
C ILE B 78 -5.38 -3.07 40.47
N ILE B 79 -5.95 -4.26 40.64
CA ILE B 79 -7.37 -4.46 40.43
C ILE B 79 -8.06 -4.06 41.75
N ALA B 80 -8.25 -2.75 41.91
CA ALA B 80 -8.73 -2.20 43.18
C ALA B 80 -10.13 -2.74 43.51
N PRO B 81 -10.37 -3.04 44.79
CA PRO B 81 -11.70 -3.49 45.27
C PRO B 81 -12.86 -2.56 44.92
N GLU B 82 -12.57 -1.28 44.80
CA GLU B 82 -13.59 -0.25 44.56
C GLU B 82 -13.96 -0.06 43.09
N TYR B 83 -13.24 -0.71 42.18
CA TYR B 83 -13.56 -0.57 40.75
C TYR B 83 -14.82 -1.36 40.40
N THR B 84 -15.57 -0.86 39.41
CA THR B 84 -16.77 -1.54 38.92
C THR B 84 -16.80 -1.55 37.40
N LEU B 85 -16.99 -2.74 36.84
CA LEU B 85 -17.07 -2.92 35.40
C LEU B 85 -18.44 -2.51 34.89
N LYS B 86 -18.48 -1.62 33.89
CA LYS B 86 -19.74 -1.11 33.38
C LYS B 86 -19.84 -1.39 31.88
N PRO B 87 -21.05 -1.68 31.38
CA PRO B 87 -21.17 -1.87 29.93
C PRO B 87 -20.93 -0.59 29.15
N ASN B 88 -20.45 -0.73 27.92
CA ASN B 88 -20.45 0.37 26.96
C ASN B 88 -21.71 0.26 26.11
N VAL B 89 -22.25 1.40 25.70
CA VAL B 89 -23.51 1.42 24.96
C VAL B 89 -23.39 0.71 23.61
N GLY B 90 -22.18 0.65 23.07
CA GLY B 90 -21.96 0.12 21.72
C GLY B 90 -21.69 -1.37 21.61
N SER B 91 -21.52 -2.06 22.73
CA SER B 91 -20.90 -3.36 22.69
C SER B 91 -21.44 -4.30 23.73
N ASP B 92 -21.59 -5.57 23.37
CA ASP B 92 -21.90 -6.62 24.33
C ASP B 92 -20.66 -7.46 24.69
N ARG B 93 -19.48 -6.95 24.37
CA ARG B 93 -18.24 -7.69 24.65
C ARG B 93 -17.13 -6.76 25.17
N SER B 94 -17.51 -5.75 25.93
CA SER B 94 -16.55 -4.81 26.49
C SER B 94 -16.95 -4.37 27.91
N TRP B 95 -15.96 -3.90 28.67
CA TRP B 95 -16.24 -3.29 29.98
C TRP B 95 -15.57 -1.96 30.05
N VAL B 96 -16.23 -1.01 30.68
CA VAL B 96 -15.60 0.27 30.96
C VAL B 96 -15.48 0.47 32.47
N TYR B 97 -14.37 1.07 32.90
CA TYR B 97 -14.16 1.37 34.30
C TYR B 97 -13.12 2.46 34.50
N ALA B 98 -13.17 3.07 35.68
CA ALA B 98 -12.30 4.18 36.06
C ALA B 98 -11.13 3.61 36.84
N CYS B 99 -9.93 4.00 36.45
CA CYS B 99 -8.68 3.58 37.11
C CYS B 99 -8.02 4.85 37.62
N THR B 100 -7.66 4.85 38.90
CA THR B 100 -7.10 6.04 39.52
C THR B 100 -5.59 6.11 39.42
N ALA B 101 -4.93 4.95 39.19
CA ALA B 101 -3.46 4.89 39.20
C ALA B 101 -2.89 3.81 38.28
N ASP B 102 -2.67 4.20 37.02
CA ASP B 102 -2.02 3.33 36.03
C ASP B 102 -0.61 3.84 35.69
N ILE B 103 0.37 2.94 35.68
CA ILE B 103 1.78 3.33 35.46
C ILE B 103 2.38 2.80 34.15
N ALA B 104 1.54 2.41 33.18
CA ALA B 104 2.02 1.96 31.87
C ALA B 104 3.01 2.94 31.24
N GLU B 105 2.68 4.23 31.27
CA GLU B 105 3.55 5.27 30.70
C GLU B 105 4.54 5.81 31.72
N GLY B 106 4.49 5.33 32.96
CA GLY B 106 5.44 5.71 33.99
C GLY B 106 4.78 6.33 35.21
N GLU B 107 4.60 7.65 35.18
N GLU B 107 4.60 7.64 35.18
CA GLU B 107 4.01 8.37 36.30
CA GLU B 107 4.03 8.36 36.32
C GLU B 107 2.56 7.94 36.52
C GLU B 107 2.57 7.98 36.52
N ALA B 108 2.19 7.70 37.77
CA ALA B 108 0.83 7.25 38.10
C ALA B 108 -0.18 8.28 37.64
N GLU B 109 -1.26 7.78 37.04
CA GLU B 109 -2.18 8.62 36.31
C GLU B 109 -3.55 7.96 36.26
N ALA B 110 -4.61 8.78 36.27
CA ALA B 110 -5.98 8.29 36.28
C ALA B 110 -6.50 8.17 34.84
N PHE B 111 -7.33 7.17 34.60
CA PHE B 111 -7.90 6.94 33.28
C PHE B 111 -9.27 6.34 33.41
N THR B 112 -10.11 6.58 32.39
CA THR B 112 -11.28 5.75 32.15
C THR B 112 -10.92 4.78 31.01
N PHE B 113 -10.95 3.49 31.31
CA PHE B 113 -10.57 2.46 30.38
C PHE B 113 -11.79 1.76 29.80
N ALA B 114 -11.68 1.32 28.55
CA ALA B 114 -12.58 0.33 27.99
C ALA B 114 -11.71 -0.81 27.46
N ILE B 115 -12.11 -2.04 27.75
CA ILE B 115 -11.40 -3.21 27.30
C ILE B 115 -12.42 -4.11 26.56
N ARG B 116 -12.09 -4.45 25.31
CA ARG B 116 -12.95 -5.27 24.47
C ARG B 116 -12.28 -6.62 24.12
N PHE B 117 -13.11 -7.64 23.97
CA PHE B 117 -12.63 -8.99 23.80
C PHE B 117 -13.21 -9.55 22.51
N GLY B 118 -12.74 -10.75 22.14
CA GLY B 118 -13.16 -11.39 20.89
C GLY B 118 -14.60 -11.91 20.90
N SER B 119 -15.16 -12.11 22.09
CA SER B 119 -16.49 -12.67 22.24
C SER B 119 -17.10 -12.22 23.55
N LYS B 120 -18.42 -12.39 23.65
CA LYS B 120 -19.14 -12.10 24.88
C LYS B 120 -18.73 -13.06 25.99
N GLU B 121 -18.45 -14.30 25.62
CA GLU B 121 -18.02 -15.29 26.60
C GLU B 121 -16.75 -14.78 27.26
N ASN B 122 -15.82 -14.31 26.44
CA ASN B 122 -14.55 -13.82 26.95
C ASN B 122 -14.77 -12.64 27.87
N ALA B 123 -15.67 -11.73 27.48
CA ALA B 123 -15.95 -10.55 28.29
C ALA B 123 -16.55 -10.94 29.63
N ASP B 124 -17.47 -11.90 29.61
CA ASP B 124 -18.09 -12.39 30.84
C ASP B 124 -17.08 -13.13 31.73
N LYS B 125 -16.16 -13.88 31.13
CA LYS B 125 -15.15 -14.58 31.93
C LYS B 125 -14.24 -13.58 32.63
N PHE B 126 -13.89 -12.51 31.92
CA PHE B 126 -13.03 -11.46 32.43
C PHE B 126 -13.62 -10.85 33.70
N LYS B 127 -14.89 -10.46 33.61
CA LYS B 127 -15.60 -9.86 34.72
C LYS B 127 -15.58 -10.78 35.96
N GLU B 128 -15.91 -12.04 35.74
CA GLU B 128 -15.87 -13.04 36.80
C GLU B 128 -14.48 -13.09 37.45
N GLU B 129 -13.45 -13.13 36.62
CA GLU B 129 -12.08 -13.22 37.14
C GLU B 129 -11.68 -11.91 37.81
N PHE B 130 -12.09 -10.79 37.22
CA PHE B 130 -11.79 -9.45 37.74
C PHE B 130 -12.32 -9.31 39.16
N GLU B 131 -13.56 -9.75 39.34
CA GLU B 131 -14.19 -9.65 40.64
C GLU B 131 -13.58 -10.60 41.66
N LYS B 132 -13.15 -11.77 41.21
CA LYS B 132 -12.37 -12.69 42.05
C LYS B 132 -11.08 -12.04 42.51
N ALA B 133 -10.37 -11.44 41.55
CA ALA B 133 -9.12 -10.75 41.85
C ALA B 133 -9.36 -9.62 42.85
N GLN B 134 -10.53 -8.99 42.77
CA GLN B 134 -10.86 -7.91 43.70
C GLN B 134 -10.97 -8.40 45.14
N GLU B 135 -11.54 -9.60 45.31
CA GLU B 135 -11.70 -10.19 46.65
C GLU B 135 -10.36 -10.66 47.19
N ILE B 136 -9.49 -11.18 46.32
CA ILE B 136 -8.14 -11.53 46.75
C ILE B 136 -7.46 -10.27 47.31
N ASN B 137 -7.48 -9.20 46.53
CA ASN B 137 -6.91 -7.93 46.96
C ASN B 137 -7.53 -7.38 48.23
N LYS B 138 -8.83 -7.58 48.44
CA LYS B 138 -9.48 -7.16 49.69
C LYS B 138 -8.85 -7.74 50.98
N LYS B 139 -8.38 -8.99 50.92
CA LYS B 139 -7.87 -9.71 52.10
C LYS B 139 -7.02 -8.83 53.00
N GLY C 1 8.30 35.28 22.02
CA GLY C 1 9.67 35.51 22.57
C GLY C 1 10.59 36.28 21.64
N ALA C 2 11.87 36.38 22.04
CA ALA C 2 12.91 37.10 21.30
C ALA C 2 13.16 36.57 19.88
N MET C 3 13.06 35.25 19.71
CA MET C 3 13.34 34.60 18.42
C MET C 3 12.59 35.23 17.21
N GLU C 4 11.37 35.71 17.42
CA GLU C 4 10.58 36.30 16.31
C GLU C 4 11.19 37.55 15.65
N GLY C 5 12.28 38.08 16.22
CA GLY C 5 12.95 39.25 15.66
C GLY C 5 13.37 39.13 14.21
N ILE C 6 13.80 37.93 13.81
CA ILE C 6 14.28 37.72 12.43
C ILE C 6 13.13 37.99 11.43
N LEU C 7 11.88 37.81 11.85
CA LEU C 7 10.70 38.10 11.01
C LEU C 7 10.38 39.58 10.75
N ASP C 8 11.04 40.50 11.46
CA ASP C 8 10.87 41.93 11.19
C ASP C 8 11.92 42.43 10.22
N PHE C 9 11.53 42.59 8.96
CA PHE C 9 12.47 42.99 7.91
C PHE C 9 12.67 44.49 7.82
N SER C 10 11.89 45.26 8.59
CA SER C 10 12.10 46.72 8.67
C SER C 10 13.45 47.00 9.35
N ASN C 11 13.85 46.10 10.24
CA ASN C 11 15.16 46.15 10.86
C ASN C 11 16.14 45.33 10.03
N ASP C 12 17.42 45.46 10.34
CA ASP C 12 18.44 44.64 9.70
C ASP C 12 18.49 43.28 10.36
N LEU C 13 18.90 42.27 9.61
CA LEU C 13 18.88 40.90 10.11
C LEU C 13 19.99 40.71 11.15
N ASP C 14 19.61 40.32 12.36
CA ASP C 14 20.58 39.92 13.36
C ASP C 14 20.98 38.47 13.10
N ILE C 15 22.16 38.28 12.52
CA ILE C 15 22.63 36.95 12.17
C ILE C 15 22.83 36.05 13.39
N ALA C 16 23.37 36.62 14.46
CA ALA C 16 23.47 35.92 15.73
C ALA C 16 22.11 35.36 16.16
N LEU C 17 21.07 36.19 16.09
CA LEU C 17 19.71 35.75 16.42
C LEU C 17 19.30 34.61 15.48
N LEU C 18 19.55 34.77 14.19
CA LEU C 18 19.22 33.73 13.22
C LEU C 18 19.84 32.41 13.63
N ASP C 19 21.12 32.43 13.97
CA ASP C 19 21.84 31.20 14.31
C ASP C 19 21.29 30.56 15.59
N GLN C 20 20.83 31.38 16.52
CA GLN C 20 20.24 30.89 17.75
C GLN C 20 18.91 30.19 17.47
N VAL C 21 18.11 30.76 16.57
CA VAL C 21 16.83 30.14 16.18
C VAL C 21 17.06 28.80 15.49
N VAL C 22 17.93 28.80 14.48
CA VAL C 22 18.28 27.57 13.75
C VAL C 22 18.78 26.49 14.70
N SER C 23 19.70 26.86 15.59
CA SER C 23 20.24 25.93 16.59
C SER C 23 19.19 25.45 17.56
N THR C 24 18.33 26.36 18.02
CA THR C 24 17.16 25.95 18.81
C THR C 24 16.33 24.92 18.04
N PHE C 25 16.19 25.12 16.73
CA PHE C 25 15.42 24.17 15.93
C PHE C 25 16.11 22.81 15.75
N TYR C 26 17.34 22.82 15.26
CA TYR C 26 18.04 21.57 14.97
C TYR C 26 18.52 20.81 16.20
N GLN C 27 19.04 21.53 17.20
CA GLN C 27 19.59 20.90 18.43
C GLN C 27 18.69 20.98 19.65
N GLY C 28 17.58 21.70 19.56
CA GLY C 28 16.69 21.87 20.71
C GLY C 28 15.62 20.79 20.79
N SER C 29 14.63 21.02 21.63
CA SER C 29 13.52 20.09 21.82
C SER C 29 12.29 20.78 22.34
N GLY C 30 11.17 20.06 22.35
CA GLY C 30 9.94 20.50 23.03
C GLY C 30 9.20 21.67 22.39
N VAL C 31 8.76 22.60 23.23
CA VAL C 31 8.03 23.79 22.78
C VAL C 31 8.98 24.77 22.10
N GLN C 32 10.19 24.90 22.63
CA GLN C 32 11.21 25.77 22.04
C GLN C 32 11.59 25.40 20.61
N GLN C 33 11.80 24.12 20.36
CA GLN C 33 12.10 23.60 19.02
C GLN C 33 10.94 23.93 18.07
N LYS C 34 9.73 23.71 18.56
CA LYS C 34 8.52 23.92 17.79
C LYS C 34 8.34 25.40 17.43
N GLN C 35 8.49 26.27 18.43
CA GLN C 35 8.41 27.70 18.16
C GLN C 35 9.42 28.08 17.09
N ALA C 36 10.67 27.64 17.29
CA ALA C 36 11.78 27.92 16.37
C ALA C 36 11.45 27.50 14.94
N GLN C 37 10.88 26.30 14.80
CA GLN C 37 10.46 25.76 13.50
C GLN C 37 9.45 26.67 12.78
N GLU C 38 8.46 27.18 13.50
CA GLU C 38 7.45 28.08 12.90
C GLU C 38 8.06 29.37 12.42
N ILE C 39 8.93 29.92 13.25
CA ILE C 39 9.64 31.15 12.93
C ILE C 39 10.44 30.98 11.62
N LEU C 40 11.27 29.94 11.57
CA LEU C 40 12.10 29.66 10.39
C LEU C 40 11.29 29.45 9.11
N THR C 41 10.17 28.77 9.23
CA THR C 41 9.32 28.58 8.05
C THR C 41 8.78 29.92 7.59
N LYS C 42 8.37 30.78 8.51
CA LYS C 42 7.87 32.10 8.13
C LYS C 42 9.00 32.93 7.54
N PHE C 43 10.19 32.82 8.11
CA PHE C 43 11.33 33.52 7.57
C PHE C 43 11.57 33.06 6.13
N GLN C 44 11.75 31.75 5.97
CA GLN C 44 12.01 31.19 4.66
C GLN C 44 11.00 31.68 3.64
N ASP C 45 9.74 31.74 4.06
CA ASP C 45 8.63 32.03 3.16
C ASP C 45 8.43 33.50 2.87
N ASN C 46 9.17 34.37 3.54
CA ASN C 46 9.08 35.78 3.21
C ASN C 46 9.69 36.04 1.83
N PRO C 47 8.91 36.61 0.90
CA PRO C 47 9.40 36.75 -0.47
C PRO C 47 10.57 37.72 -0.67
N ASP C 48 10.97 38.48 0.33
CA ASP C 48 12.22 39.21 0.22
C ASP C 48 13.34 38.52 0.98
N ALA C 49 13.05 37.34 1.55
CA ALA C 49 14.03 36.64 2.39
C ALA C 49 15.32 36.32 1.62
N TRP C 50 15.20 36.12 0.31
CA TRP C 50 16.34 35.84 -0.55
C TRP C 50 17.34 36.97 -0.53
N GLN C 51 16.85 38.18 -0.31
CA GLN C 51 17.72 39.35 -0.30
C GLN C 51 18.72 39.31 0.85
N LYS C 52 18.47 38.45 1.83
CA LYS C 52 19.34 38.31 2.99
C LYS C 52 20.33 37.15 2.82
N ALA C 53 20.24 36.44 1.70
CA ALA C 53 21.03 35.21 1.53
C ALA C 53 22.53 35.50 1.57
N ASP C 54 22.96 36.51 0.84
CA ASP C 54 24.38 36.88 0.82
C ASP C 54 24.89 37.23 2.22
N GLN C 55 24.12 38.05 2.92
CA GLN C 55 24.44 38.46 4.29
C GLN C 55 24.65 37.23 5.20
N ILE C 56 23.71 36.30 5.12
CA ILE C 56 23.76 35.05 5.90
C ILE C 56 24.98 34.21 5.51
N LEU C 57 25.18 34.01 4.22
CA LEU C 57 26.31 33.24 3.75
C LEU C 57 27.62 33.89 4.17
N GLN C 58 27.64 35.22 4.31
CA GLN C 58 28.85 35.93 4.72
C GLN C 58 29.13 35.87 6.22
N PHE C 59 28.10 36.10 7.03
CA PHE C 59 28.27 36.37 8.46
C PHE C 59 27.99 35.20 9.42
N SER C 60 27.17 34.23 9.00
CA SER C 60 26.73 33.16 9.91
C SER C 60 27.88 32.23 10.33
N THR C 61 27.78 31.73 11.55
CA THR C 61 28.71 30.72 12.04
C THR C 61 28.03 29.35 12.11
N ASN C 62 26.87 29.22 11.46
CA ASN C 62 26.04 28.03 11.56
C ASN C 62 25.79 27.56 10.13
N PRO C 63 26.28 26.35 9.79
CA PRO C 63 26.07 25.83 8.42
C PRO C 63 24.61 25.54 8.04
N GLN C 64 23.79 25.19 9.03
CA GLN C 64 22.36 25.00 8.79
C GLN C 64 21.69 26.32 8.39
N SER C 65 22.15 27.43 8.96
CA SER C 65 21.64 28.74 8.54
C SER C 65 21.97 29.01 7.08
N LYS C 66 23.18 28.64 6.68
CA LYS C 66 23.59 28.82 5.28
C LYS C 66 22.81 27.91 4.36
N PHE C 67 22.59 26.67 4.81
CA PHE C 67 21.78 25.71 4.06
C PHE C 67 20.41 26.32 3.81
N ILE C 68 19.79 26.83 4.88
CA ILE C 68 18.46 27.45 4.78
C ILE C 68 18.47 28.66 3.86
N ALA C 69 19.53 29.46 3.95
CA ALA C 69 19.75 30.57 3.02
C ALA C 69 19.71 30.08 1.57
N LEU C 70 20.35 28.94 1.32
CA LEU C 70 20.41 28.38 -0.03
C LEU C 70 19.06 27.82 -0.47
N SER C 71 18.30 27.23 0.46
CA SER C 71 16.93 26.83 0.15
C SER C 71 16.08 28.03 -0.26
N ILE C 72 16.31 29.17 0.37
CA ILE C 72 15.55 30.36 0.02
C ILE C 72 15.89 30.78 -1.39
N LEU C 73 17.18 30.72 -1.73
CA LEU C 73 17.62 31.04 -3.09
C LEU C 73 17.07 30.08 -4.14
N ASP C 74 17.04 28.79 -3.81
CA ASP C 74 16.56 27.76 -4.72
C ASP C 74 15.11 28.02 -5.14
N LYS C 75 14.27 28.27 -4.15
CA LYS C 75 12.86 28.62 -4.34
C LYS C 75 12.69 29.80 -5.31
N LEU C 76 13.48 30.84 -5.08
CA LEU C 76 13.54 32.01 -5.95
C LEU C 76 13.99 31.64 -7.34
N ILE C 77 15.10 30.91 -7.46
CA ILE C 77 15.63 30.57 -8.79
C ILE C 77 14.66 29.70 -9.58
N THR C 78 14.00 28.76 -8.90
N THR C 78 14.00 28.76 -8.90
CA THR C 78 13.15 27.79 -9.58
CA THR C 78 13.14 27.79 -9.57
C THR C 78 11.80 28.38 -9.99
C THR C 78 11.82 28.39 -10.00
N ARG C 79 11.33 29.37 -9.22
CA ARG C 79 9.98 29.92 -9.43
C ARG C 79 9.91 31.35 -9.97
N LYS C 80 10.84 32.22 -9.57
CA LYS C 80 10.72 33.66 -9.87
C LYS C 80 11.94 34.26 -10.55
N TRP C 81 12.88 33.43 -10.96
CA TRP C 81 14.14 33.89 -11.55
C TRP C 81 13.99 34.98 -12.59
N LYS C 82 13.12 34.76 -13.56
CA LYS C 82 12.94 35.70 -14.68
C LYS C 82 12.13 36.95 -14.33
N LEU C 83 11.53 36.98 -13.14
CA LEU C 83 10.94 38.20 -12.60
C LEU C 83 12.07 39.19 -12.24
N LEU C 84 13.21 38.67 -11.76
CA LEU C 84 14.26 39.50 -11.18
C LEU C 84 14.86 40.47 -12.18
N PRO C 85 15.32 41.63 -11.68
CA PRO C 85 16.12 42.50 -12.55
C PRO C 85 17.41 41.79 -12.94
N ASN C 86 17.93 42.08 -14.13
CA ASN C 86 19.09 41.36 -14.66
C ASN C 86 20.32 41.40 -13.74
N ASP C 87 20.55 42.52 -13.08
CA ASP C 87 21.73 42.66 -12.22
CA ASP C 87 21.73 42.66 -12.22
C ASP C 87 21.62 41.79 -10.97
N HIS C 88 20.41 41.53 -10.50
CA HIS C 88 20.22 40.63 -9.35
C HIS C 88 20.50 39.19 -9.75
N ARG C 89 20.24 38.84 -11.00
CA ARG C 89 20.54 37.51 -11.51
C ARG C 89 22.05 37.28 -11.61
N ILE C 90 22.76 38.29 -12.12
CA ILE C 90 24.23 38.25 -12.20
C ILE C 90 24.85 38.17 -10.80
N GLY C 91 24.29 38.95 -9.88
CA GLY C 91 24.78 39.00 -8.51
C GLY C 91 24.62 37.67 -7.83
N ILE C 92 23.47 37.04 -8.03
CA ILE C 92 23.18 35.77 -7.39
C ILE C 92 24.12 34.69 -7.93
N ARG C 93 24.23 34.60 -9.25
CA ARG C 93 25.19 33.72 -9.88
C ARG C 93 26.57 33.92 -9.27
N ASN C 94 27.04 35.18 -9.26
CA ASN C 94 28.38 35.49 -8.78
C ASN C 94 28.64 35.05 -7.36
N PHE C 95 27.73 35.31 -6.41
CA PHE C 95 28.05 34.86 -5.04
C PHE C 95 27.80 33.37 -4.77
N VAL C 96 27.07 32.67 -5.64
CA VAL C 96 26.94 31.21 -5.49
C VAL C 96 28.23 30.58 -6.02
N VAL C 97 28.65 31.02 -7.20
CA VAL C 97 29.93 30.62 -7.76
C VAL C 97 31.10 30.89 -6.80
N GLY C 98 31.14 32.10 -6.23
CA GLY C 98 32.22 32.51 -5.34
C GLY C 98 32.27 31.70 -4.08
N MET C 99 31.11 31.40 -3.52
CA MET C 99 31.01 30.62 -2.29
C MET C 99 31.56 29.19 -2.50
N ILE C 100 31.36 28.66 -3.70
CA ILE C 100 31.75 27.30 -4.02
C ILE C 100 33.27 27.28 -4.19
N ILE C 101 33.77 28.17 -5.04
CA ILE C 101 35.21 28.34 -5.19
C ILE C 101 35.85 28.45 -3.80
N SER C 102 35.29 29.35 -3.01
CA SER C 102 35.78 29.65 -1.66
C SER C 102 35.82 28.41 -0.76
N MET C 103 34.71 27.68 -0.70
N MET C 103 34.71 27.68 -0.70
CA MET C 103 34.63 26.50 0.17
CA MET C 103 34.63 26.50 0.16
C MET C 103 35.53 25.34 -0.28
C MET C 103 35.55 25.36 -0.28
N CYS C 104 35.79 25.26 -1.59
CA CYS C 104 36.69 24.22 -2.12
C CYS C 104 38.17 24.52 -1.87
N GLN C 105 38.53 25.79 -1.77
CA GLN C 105 39.93 26.18 -1.60
C GLN C 105 40.42 26.08 -0.14
N ASP C 106 39.54 26.27 0.82
CA ASP C 106 39.83 25.99 2.24
C ASP C 106 39.67 24.48 2.50
N ASP C 107 40.79 23.77 2.63
CA ASP C 107 40.78 22.31 2.85
C ASP C 107 39.92 21.87 4.02
N GLU C 108 39.92 22.65 5.10
CA GLU C 108 39.18 22.27 6.30
C GLU C 108 37.68 22.35 6.03
N VAL C 109 37.24 23.45 5.42
CA VAL C 109 35.83 23.62 5.05
C VAL C 109 35.36 22.55 4.07
N PHE C 110 36.18 22.30 3.05
CA PHE C 110 35.91 21.24 2.10
C PHE C 110 35.79 19.87 2.78
N LYS C 111 36.59 19.66 3.81
CA LYS C 111 36.57 18.38 4.48
C LYS C 111 35.32 18.20 5.28
N THR C 112 34.91 19.26 6.00
CA THR C 112 33.94 19.11 7.09
C THR C 112 32.55 19.76 6.86
N GLN C 113 32.35 20.44 5.72
CA GLN C 113 31.05 21.06 5.43
CA GLN C 113 31.05 21.06 5.43
C GLN C 113 30.48 20.53 4.10
N LYS C 114 30.53 19.21 3.93
CA LYS C 114 30.10 18.58 2.68
C LYS C 114 28.62 18.79 2.37
N ASN C 115 27.78 18.77 3.40
CA ASN C 115 26.35 19.06 3.24
C ASN C 115 26.11 20.41 2.60
N LEU C 116 26.83 21.41 3.10
CA LEU C 116 26.66 22.77 2.60
C LEU C 116 27.18 22.89 1.18
N ILE C 117 28.29 22.22 0.89
CA ILE C 117 28.88 22.26 -0.46
C ILE C 117 27.93 21.61 -1.46
N ASN C 118 27.46 20.41 -1.13
CA ASN C 118 26.45 19.72 -1.94
C ASN C 118 25.22 20.55 -2.21
N LYS C 119 24.73 21.24 -1.18
CA LYS C 119 23.58 22.11 -1.35
C LYS C 119 23.91 23.26 -2.30
N SER C 120 25.11 23.83 -2.16
CA SER C 120 25.53 24.95 -3.02
C SER C 120 25.63 24.50 -4.46
N ASP C 121 26.16 23.29 -4.64
CA ASP C 121 26.27 22.72 -5.98
C ASP C 121 24.90 22.61 -6.63
N LEU C 122 23.94 22.07 -5.89
CA LEU C 122 22.58 21.90 -6.43
C LEU C 122 22.01 23.27 -6.80
N THR C 123 22.27 24.26 -5.97
CA THR C 123 21.72 25.60 -6.21
C THR C 123 22.28 26.16 -7.50
N LEU C 124 23.58 26.02 -7.69
CA LEU C 124 24.23 26.33 -8.95
C LEU C 124 23.54 25.64 -10.11
N VAL C 125 23.31 24.33 -9.96
CA VAL C 125 22.67 23.56 -11.03
C VAL C 125 21.30 24.16 -11.35
N GLN C 126 20.56 24.65 -10.36
CA GLN C 126 19.29 25.34 -10.62
CA GLN C 126 19.28 25.31 -10.64
C GLN C 126 19.52 26.58 -11.50
N ILE C 127 20.61 27.30 -11.24
CA ILE C 127 20.92 28.47 -12.07
C ILE C 127 21.27 28.00 -13.48
N LEU C 128 22.01 26.90 -13.62
CA LEU C 128 22.34 26.41 -14.96
C LEU C 128 21.04 26.07 -15.76
N LYS C 129 20.09 25.43 -15.10
CA LYS C 129 18.83 25.07 -15.75
C LYS C 129 18.17 26.30 -16.37
N GLN C 130 18.31 27.44 -15.70
CA GLN C 130 17.74 28.69 -16.18
C GLN C 130 18.61 29.35 -17.26
N GLU C 131 19.92 29.33 -17.06
CA GLU C 131 20.80 30.24 -17.77
C GLU C 131 21.71 29.60 -18.79
N TRP C 132 21.85 28.27 -18.76
CA TRP C 132 22.91 27.58 -19.51
C TRP C 132 22.30 26.73 -20.57
N PRO C 133 22.94 26.65 -21.75
CA PRO C 133 24.15 27.32 -22.20
C PRO C 133 23.92 28.72 -22.81
N GLN C 134 22.69 29.03 -23.23
CA GLN C 134 22.41 30.28 -23.96
C GLN C 134 23.04 31.57 -23.39
N ASN C 135 22.99 31.76 -22.06
CA ASN C 135 23.55 32.92 -21.39
C ASN C 135 24.70 32.52 -20.46
N TRP C 136 25.42 31.46 -20.85
CA TRP C 136 26.56 30.97 -20.07
C TRP C 136 27.36 29.97 -20.85
N PRO C 137 27.69 30.26 -22.12
CA PRO C 137 28.28 29.24 -22.99
C PRO C 137 29.61 28.66 -22.53
N GLU C 138 30.34 29.40 -21.71
N GLU C 138 30.34 29.40 -21.71
CA GLU C 138 31.68 29.01 -21.29
CA GLU C 138 31.68 29.02 -21.31
C GLU C 138 31.73 28.14 -20.04
C GLU C 138 31.73 28.12 -20.07
N PHE C 139 30.57 27.73 -19.56
CA PHE C 139 30.51 27.01 -18.28
C PHE C 139 31.29 25.70 -18.27
N ILE C 140 31.11 24.88 -19.29
CA ILE C 140 31.76 23.57 -19.32
C ILE C 140 33.26 23.70 -19.61
N PRO C 141 33.65 24.50 -20.62
CA PRO C 141 35.09 24.70 -20.84
C PRO C 141 35.83 25.18 -19.62
N GLU C 142 35.26 26.15 -18.91
CA GLU C 142 35.91 26.69 -17.72
C GLU C 142 35.90 25.70 -16.55
N LEU C 143 34.82 24.93 -16.40
CA LEU C 143 34.78 23.87 -15.38
C LEU C 143 35.87 22.85 -15.64
N ILE C 144 36.02 22.49 -16.91
CA ILE C 144 37.06 21.57 -17.33
C ILE C 144 38.46 22.12 -17.00
N GLY C 145 38.65 23.42 -17.22
CA GLY C 145 39.95 24.06 -16.98
C GLY C 145 40.29 24.14 -15.50
N SER C 146 39.35 24.68 -14.73
CA SER C 146 39.48 24.75 -13.28
C SER C 146 39.76 23.40 -12.65
N SER C 147 39.30 22.32 -13.29
CA SER C 147 39.49 21.00 -12.72
C SER C 147 40.97 20.63 -12.56
N SER C 148 41.82 21.10 -13.48
CA SER C 148 43.27 20.81 -13.40
C SER C 148 44.01 21.61 -12.32
N SER C 149 43.49 22.76 -11.93
CA SER C 149 44.14 23.60 -10.93
C SER C 149 44.09 23.07 -9.50
N SER C 150 43.11 22.22 -9.17
CA SER C 150 42.93 21.80 -7.79
C SER C 150 42.18 20.47 -7.67
N VAL C 151 42.63 19.61 -6.77
CA VAL C 151 42.01 18.30 -6.55
C VAL C 151 40.60 18.42 -5.97
N ASN C 152 40.45 19.31 -5.00
CA ASN C 152 39.16 19.61 -4.40
C ASN C 152 38.15 20.15 -5.41
N VAL C 153 38.58 21.11 -6.24
CA VAL C 153 37.72 21.69 -7.26
C VAL C 153 37.32 20.66 -8.29
N CYS C 154 38.27 19.84 -8.71
CA CYS C 154 38.01 18.80 -9.67
C CYS C 154 36.95 17.84 -9.11
N GLU C 155 37.10 17.45 -7.85
CA GLU C 155 36.17 16.56 -7.18
C GLU C 155 34.77 17.18 -7.11
N ASN C 156 34.71 18.45 -6.75
CA ASN C 156 33.42 19.11 -6.61
C ASN C 156 32.76 19.32 -7.97
N ASN C 157 33.58 19.51 -9.00
CA ASN C 157 33.05 19.61 -10.35
C ASN C 157 32.36 18.33 -10.75
N MET C 158 32.89 17.20 -10.30
CA MET C 158 32.25 15.93 -10.56
C MET C 158 30.87 15.84 -9.91
N ILE C 159 30.73 16.35 -8.69
CA ILE C 159 29.43 16.42 -7.99
C ILE C 159 28.45 17.29 -8.77
N VAL C 160 28.93 18.44 -9.24
CA VAL C 160 28.11 19.35 -10.03
C VAL C 160 27.62 18.69 -11.32
N LEU C 161 28.52 18.04 -12.04
CA LEU C 161 28.14 17.40 -13.28
C LEU C 161 27.15 16.26 -13.05
N LYS C 162 27.34 15.55 -11.93
CA LYS C 162 26.43 14.45 -11.54
C LYS C 162 25.03 14.99 -11.33
N LEU C 163 24.94 16.10 -10.59
CA LEU C 163 23.66 16.71 -10.27
C LEU C 163 23.01 17.25 -11.53
N LEU C 164 23.80 17.88 -12.40
CA LEU C 164 23.27 18.40 -13.69
C LEU C 164 22.74 17.28 -14.57
N SER C 165 23.50 16.20 -14.68
CA SER C 165 22.99 15.03 -15.42
C SER C 165 21.68 14.49 -14.83
N GLU C 166 21.57 14.41 -13.50
CA GLU C 166 20.33 13.97 -12.86
C GLU C 166 19.17 14.89 -13.21
N GLU C 167 19.39 16.18 -13.09
CA GLU C 167 18.32 17.16 -13.25
C GLU C 167 17.89 17.24 -14.70
N VAL C 168 18.81 16.99 -15.60
CA VAL C 168 18.49 17.11 -17.03
C VAL C 168 17.87 15.82 -17.61
N PHE C 169 18.44 14.67 -17.26
CA PHE C 169 18.01 13.39 -17.85
C PHE C 169 17.13 12.50 -16.95
N ASP C 170 17.37 12.51 -15.65
CA ASP C 170 16.65 11.58 -14.78
C ASP C 170 15.38 12.18 -14.17
N PHE C 171 15.37 13.48 -13.94
CA PHE C 171 14.26 14.11 -13.23
C PHE C 171 13.65 15.28 -13.96
N SER C 172 13.81 15.33 -15.28
CA SER C 172 13.28 16.45 -16.04
C SER C 172 11.83 16.26 -16.45
N ALA C 173 11.38 15.02 -16.58
CA ALA C 173 10.08 14.74 -17.17
C ALA C 173 8.96 15.49 -16.44
N GLU C 174 8.94 15.48 -15.12
CA GLU C 174 7.85 16.14 -14.37
C GLU C 174 8.10 17.61 -14.07
N GLN C 175 9.32 18.10 -14.28
CA GLN C 175 9.74 19.40 -13.75
C GLN C 175 10.01 20.48 -14.81
N MET C 176 9.95 20.12 -16.08
CA MET C 176 10.30 21.04 -17.16
C MET C 176 9.37 20.82 -18.28
N THR C 177 9.22 21.81 -19.16
CA THR C 177 8.47 21.55 -20.37
C THR C 177 9.26 20.65 -21.30
N GLN C 178 8.56 20.02 -22.21
CA GLN C 178 9.16 19.16 -23.21
C GLN C 178 10.27 19.89 -23.97
N ALA C 179 10.01 21.12 -24.38
CA ALA C 179 10.98 21.90 -25.13
C ALA C 179 12.21 22.20 -24.30
N LYS C 180 12.01 22.51 -23.02
CA LYS C 180 13.14 22.93 -22.21
C LYS C 180 13.99 21.70 -21.90
N ALA C 181 13.34 20.56 -21.69
CA ALA C 181 14.04 19.30 -21.45
C ALA C 181 14.87 18.91 -22.66
N LEU C 182 14.31 19.07 -23.86
CA LEU C 182 15.04 18.79 -25.09
C LEU C 182 16.22 19.74 -25.23
N HIS C 183 16.01 21.01 -24.95
CA HIS C 183 17.08 22.00 -25.04
C HIS C 183 18.26 21.62 -24.16
N LEU C 184 17.98 21.31 -22.90
CA LEU C 184 19.07 21.01 -21.95
C LEU C 184 19.75 19.66 -22.24
N LYS C 185 18.98 18.67 -22.68
CA LYS C 185 19.54 17.37 -23.01
C LYS C 185 20.48 17.53 -24.22
N ASN C 186 20.03 18.25 -25.22
CA ASN C 186 20.85 18.51 -26.41
C ASN C 186 22.11 19.27 -26.08
N SER C 187 21.99 20.19 -25.12
CA SER C 187 23.13 21.02 -24.72
C SER C 187 24.14 20.16 -24.01
N MET C 188 23.67 19.30 -23.10
CA MET C 188 24.58 18.39 -22.41
C MET C 188 25.24 17.44 -23.40
N SER C 189 24.44 16.90 -24.31
CA SER C 189 24.95 16.00 -25.34
CA SER C 189 24.96 16.00 -25.34
C SER C 189 26.05 16.64 -26.17
N LYS C 190 25.84 17.88 -26.60
CA LYS C 190 26.79 18.57 -27.46
C LYS C 190 28.14 18.78 -26.82
N GLU C 191 28.21 18.92 -25.51
CA GLU C 191 29.48 19.14 -24.84
C GLU C 191 30.00 17.93 -24.07
N PHE C 192 29.41 16.75 -24.29
CA PHE C 192 29.79 15.60 -23.49
C PHE C 192 31.16 15.02 -23.88
N GLU C 193 31.55 15.14 -25.15
CA GLU C 193 32.87 14.70 -25.58
C GLU C 193 33.95 15.22 -24.63
N GLN C 194 33.89 16.49 -24.30
CA GLN C 194 34.91 17.06 -23.42
CA GLN C 194 34.85 17.14 -23.40
C GLN C 194 34.69 16.61 -21.98
N ILE C 195 33.44 16.54 -21.52
CA ILE C 195 33.15 16.09 -20.16
C ILE C 195 33.73 14.70 -19.98
N PHE C 196 33.51 13.84 -20.96
CA PHE C 196 33.99 12.48 -20.88
C PHE C 196 35.52 12.41 -20.84
N LYS C 197 36.17 13.20 -21.68
CA LYS C 197 37.63 13.27 -21.70
C LYS C 197 38.21 13.52 -20.29
N LEU C 198 37.65 14.52 -19.59
CA LEU C 198 38.09 14.81 -18.22
C LEU C 198 37.87 13.59 -17.31
N CYS C 199 36.64 13.07 -17.35
CA CYS C 199 36.26 11.87 -16.60
CA CYS C 199 36.31 11.90 -16.54
C CYS C 199 37.28 10.75 -16.79
N PHE C 200 37.53 10.43 -18.05
CA PHE C 200 38.47 9.34 -18.36
C PHE C 200 39.88 9.62 -17.86
N GLN C 201 40.33 10.87 -18.00
CA GLN C 201 41.68 11.24 -17.59
C GLN C 201 41.82 11.05 -16.11
N VAL C 202 40.84 11.54 -15.36
CA VAL C 202 40.87 11.45 -13.90
C VAL C 202 40.98 9.97 -13.50
N LEU C 203 40.19 9.14 -14.14
CA LEU C 203 40.13 7.72 -13.81
C LEU C 203 41.42 6.97 -14.14
N GLU C 204 42.15 7.43 -15.15
CA GLU C 204 43.45 6.85 -15.47
C GLU C 204 44.52 7.19 -14.44
N GLN C 205 44.50 8.43 -13.93
CA GLN C 205 45.59 8.94 -13.09
C GLN C 205 45.27 8.92 -11.57
N GLY C 206 44.61 7.86 -11.11
CA GLY C 206 44.24 7.74 -9.70
C GLY C 206 43.77 6.32 -9.40
N SER C 207 43.69 5.97 -8.11
CA SER C 207 43.45 4.58 -7.68
C SER C 207 42.11 4.34 -6.93
N SER C 208 41.96 4.95 -5.76
CA SER C 208 40.73 4.82 -4.95
C SER C 208 40.45 6.05 -4.03
N SER C 209 40.70 7.24 -4.57
N SER C 209 40.70 7.24 -4.59
CA SER C 209 40.51 8.47 -3.83
CA SER C 209 40.53 8.49 -3.88
C SER C 209 39.05 8.88 -3.83
C SER C 209 39.05 8.90 -3.86
N SER C 210 38.75 9.93 -3.09
CA SER C 210 37.41 10.51 -3.10
C SER C 210 37.16 11.17 -4.47
N LEU C 211 38.21 11.65 -5.14
CA LEU C 211 38.03 12.21 -6.47
C LEU C 211 37.61 11.13 -7.45
N ILE C 212 38.23 9.96 -7.33
CA ILE C 212 37.86 8.82 -8.13
C ILE C 212 36.44 8.37 -7.85
N VAL C 213 36.06 8.29 -6.58
CA VAL C 213 34.70 7.84 -6.25
C VAL C 213 33.68 8.85 -6.82
N ALA C 214 33.93 10.15 -6.61
CA ALA C 214 33.08 11.21 -7.18
C ALA C 214 32.97 11.07 -8.70
N THR C 215 34.07 10.79 -9.38
CA THR C 215 34.06 10.69 -10.83
C THR C 215 33.19 9.49 -11.22
N LEU C 216 33.36 8.38 -10.53
CA LEU C 216 32.62 7.17 -10.88
C LEU C 216 31.12 7.38 -10.65
N GLU C 217 30.77 8.04 -9.53
N GLU C 217 30.78 8.05 -9.55
CA GLU C 217 29.39 8.38 -9.23
CA GLU C 217 29.40 8.38 -9.25
C GLU C 217 28.77 9.17 -10.38
C GLU C 217 28.76 9.20 -10.36
N SER C 218 29.51 10.11 -10.96
CA SER C 218 28.99 10.88 -12.10
C SER C 218 28.84 9.97 -13.32
N LEU C 219 29.78 9.06 -13.49
CA LEU C 219 29.71 8.10 -14.58
C LEU C 219 28.46 7.23 -14.49
N LEU C 220 28.07 6.83 -13.27
CA LEU C 220 26.84 6.03 -13.09
C LEU C 220 25.66 6.78 -13.72
N ARG C 221 25.59 8.08 -13.47
CA ARG C 221 24.55 8.92 -14.04
C ARG C 221 24.64 9.02 -15.54
N TYR C 222 25.85 9.24 -16.06
CA TYR C 222 26.03 9.39 -17.50
C TYR C 222 25.57 8.19 -18.24
N LEU C 223 25.83 7.03 -17.64
CA LEU C 223 25.47 5.77 -18.28
C LEU C 223 23.96 5.65 -18.58
N HIS C 224 23.11 6.43 -17.89
CA HIS C 224 21.66 6.43 -18.20
C HIS C 224 21.38 6.89 -19.60
N TRP C 225 22.26 7.68 -20.21
CA TRP C 225 21.93 8.32 -21.49
C TRP C 225 23.03 8.41 -22.54
N ILE C 226 24.30 8.33 -22.16
CA ILE C 226 25.37 8.53 -23.17
C ILE C 226 25.41 7.41 -24.23
N PRO C 227 25.85 7.75 -25.45
CA PRO C 227 26.02 6.72 -26.50
C PRO C 227 27.04 5.64 -26.09
N TYR C 228 26.81 4.40 -26.53
CA TYR C 228 27.64 3.25 -26.12
C TYR C 228 29.13 3.38 -26.50
N ARG C 229 29.42 4.11 -27.58
CA ARG C 229 30.81 4.22 -28.04
C ARG C 229 31.73 4.79 -26.97
N TYR C 230 31.23 5.67 -26.10
CA TYR C 230 32.09 6.21 -25.05
C TYR C 230 32.57 5.11 -24.12
N ILE C 231 31.80 4.02 -24.02
CA ILE C 231 32.15 2.90 -23.16
C ILE C 231 32.95 1.81 -23.86
N TYR C 232 32.60 1.50 -25.10
CA TYR C 232 33.22 0.38 -25.82
C TYR C 232 34.40 0.78 -26.69
N GLU C 233 34.58 2.06 -26.99
CA GLU C 233 35.68 2.49 -27.85
C GLU C 233 36.82 3.16 -27.10
N THR C 234 36.71 3.21 -25.79
CA THR C 234 37.81 3.65 -24.93
C THR C 234 38.25 2.45 -24.09
N ASN C 235 39.24 2.64 -23.24
CA ASN C 235 39.70 1.55 -22.37
C ASN C 235 38.88 1.44 -21.08
N ILE C 236 37.78 2.17 -21.00
CA ILE C 236 37.11 2.35 -19.70
C ILE C 236 36.56 1.05 -19.09
N LEU C 237 36.13 0.10 -19.91
CA LEU C 237 35.64 -1.20 -19.39
C LEU C 237 36.70 -1.95 -18.59
N GLU C 238 37.92 -1.98 -19.13
CA GLU C 238 39.06 -2.61 -18.45
CA GLU C 238 39.03 -2.64 -18.45
C GLU C 238 39.29 -1.99 -17.09
N LEU C 239 39.24 -0.66 -17.04
CA LEU C 239 39.46 0.04 -15.78
C LEU C 239 38.37 -0.34 -14.77
N LEU C 240 37.12 -0.20 -15.18
CA LEU C 240 35.99 -0.52 -14.28
C LEU C 240 36.08 -1.96 -13.80
N SER C 241 36.38 -2.88 -14.71
CA SER C 241 36.28 -4.31 -14.41
C SER C 241 37.51 -4.91 -13.72
N THR C 242 38.60 -4.15 -13.62
CA THR C 242 39.82 -4.66 -12.99
C THR C 242 40.24 -3.74 -11.86
N LYS C 243 40.93 -2.68 -12.23
CA LYS C 243 41.47 -1.68 -11.32
C LYS C 243 40.46 -1.27 -10.26
N PHE C 244 39.31 -0.76 -10.68
CA PHE C 244 38.36 -0.21 -9.71
C PHE C 244 37.56 -1.24 -8.90
N MET C 245 37.57 -2.49 -9.34
CA MET C 245 37.03 -3.57 -8.53
C MET C 245 37.96 -3.97 -7.39
N THR C 246 39.25 -3.64 -7.47
CA THR C 246 40.18 -4.13 -6.46
C THR C 246 40.10 -3.39 -5.09
N SER C 247 39.93 -2.06 -5.10
CA SER C 247 39.79 -1.30 -3.84
C SER C 247 38.32 -1.22 -3.44
N PRO C 248 38.01 -1.44 -2.15
CA PRO C 248 36.58 -1.45 -1.70
C PRO C 248 35.88 -0.11 -1.77
N ASP C 249 36.63 0.97 -1.59
CA ASP C 249 36.11 2.32 -1.76
CA ASP C 249 36.09 2.31 -1.75
C ASP C 249 35.53 2.51 -3.16
N THR C 250 36.23 2.05 -4.20
CA THR C 250 35.70 2.16 -5.57
C THR C 250 34.81 0.99 -6.03
N ARG C 251 34.81 -0.12 -5.31
CA ARG C 251 34.17 -1.33 -5.78
C ARG C 251 32.66 -1.18 -5.83
N ALA C 252 32.10 -0.56 -4.81
CA ALA C 252 30.67 -0.43 -4.71
C ALA C 252 30.11 0.33 -5.90
N ILE C 253 30.71 1.48 -6.21
CA ILE C 253 30.21 2.34 -7.28
C ILE C 253 30.48 1.72 -8.64
N THR C 254 31.65 1.08 -8.78
CA THR C 254 32.03 0.47 -10.06
C THR C 254 31.09 -0.63 -10.48
N LEU C 255 30.67 -1.41 -9.50
CA LEU C 255 29.80 -2.52 -9.75
C LEU C 255 28.46 -1.98 -10.26
N LYS C 256 28.02 -0.89 -9.65
CA LYS C 256 26.77 -0.24 -10.11
C LYS C 256 26.88 0.35 -11.51
N CYS C 257 28.07 0.86 -11.86
CA CYS C 257 28.34 1.31 -13.22
C CYS C 257 28.27 0.14 -14.20
N LEU C 258 28.85 -0.99 -13.80
CA LEU C 258 28.91 -2.16 -14.67
C LEU C 258 27.55 -2.77 -14.91
N THR C 259 26.72 -2.77 -13.89
CA THR C 259 25.31 -3.13 -14.02
C THR C 259 24.64 -2.24 -15.05
N GLU C 260 24.79 -0.92 -14.94
CA GLU C 260 24.24 -0.02 -15.98
C GLU C 260 24.88 -0.22 -17.36
N VAL C 261 26.20 -0.41 -17.43
CA VAL C 261 26.84 -0.80 -18.69
C VAL C 261 26.10 -1.98 -19.31
N SER C 262 25.80 -2.98 -18.49
CA SER C 262 25.11 -4.15 -19.02
C SER C 262 23.72 -3.83 -19.59
N ASN C 263 23.19 -2.62 -19.33
CA ASN C 263 21.91 -2.15 -19.94
C ASN C 263 22.06 -1.17 -21.11
N LEU C 264 23.28 -0.87 -21.52
CA LEU C 264 23.51 0.04 -22.64
C LEU C 264 22.88 -0.50 -23.93
N LYS C 265 22.41 0.41 -24.80
CA LYS C 265 21.92 -0.01 -26.11
C LYS C 265 23.13 -0.26 -27.00
N ILE C 266 23.23 -1.51 -27.48
CA ILE C 266 24.46 -2.04 -28.09
C ILE C 266 24.15 -2.84 -29.36
N PRO C 267 24.87 -2.57 -30.46
CA PRO C 267 24.73 -3.38 -31.68
C PRO C 267 24.81 -4.88 -31.39
N GLN C 268 24.03 -5.67 -32.13
CA GLN C 268 23.86 -7.09 -31.86
C GLN C 268 24.57 -8.04 -32.82
N ASP C 269 25.14 -7.49 -33.87
CA ASP C 269 25.71 -8.27 -34.96
C ASP C 269 27.23 -8.11 -35.03
N ASN C 270 27.84 -7.60 -33.96
CA ASN C 270 29.25 -7.23 -33.96
C ASN C 270 30.06 -8.11 -33.00
N ASP C 271 30.92 -8.95 -33.54
CA ASP C 271 31.71 -9.87 -32.72
C ASP C 271 32.71 -9.20 -31.78
N LEU C 272 33.24 -8.06 -32.20
CA LEU C 272 34.18 -7.32 -31.36
C LEU C 272 33.53 -6.90 -30.05
N ILE C 273 32.37 -6.24 -30.17
CA ILE C 273 31.60 -5.75 -29.04
C ILE C 273 31.22 -6.90 -28.11
N LYS C 274 30.76 -7.99 -28.71
CA LYS C 274 30.46 -9.19 -27.95
C LYS C 274 31.64 -9.63 -27.09
N ARG C 275 32.83 -9.68 -27.69
CA ARG C 275 34.02 -10.05 -26.95
C ARG C 275 34.30 -9.09 -25.81
N GLN C 276 34.05 -7.81 -26.04
CA GLN C 276 34.24 -6.80 -25.01
C GLN C 276 33.29 -7.00 -23.86
N THR C 277 32.05 -7.36 -24.19
CA THR C 277 31.01 -7.61 -23.21
C THR C 277 31.34 -8.84 -22.38
N VAL C 278 31.92 -9.86 -23.02
CA VAL C 278 32.38 -11.08 -22.32
C VAL C 278 33.54 -10.74 -21.37
N LEU C 279 34.50 -9.98 -21.88
CA LEU C 279 35.73 -9.72 -21.17
C LEU C 279 35.50 -8.97 -19.86
N PHE C 280 34.63 -7.95 -19.89
CA PHE C 280 34.47 -7.17 -18.64
C PHE C 280 33.82 -8.01 -17.56
N PHE C 281 32.97 -8.92 -17.98
CA PHE C 281 32.33 -9.85 -17.07
C PHE C 281 33.34 -10.82 -16.50
N GLN C 282 34.17 -11.33 -17.37
CA GLN C 282 35.25 -12.23 -16.97
C GLN C 282 36.16 -11.55 -15.95
N ASN C 283 36.58 -10.33 -16.26
CA ASN C 283 37.43 -9.56 -15.39
C ASN C 283 36.76 -9.37 -14.05
N THR C 284 35.48 -9.00 -14.11
CA THR C 284 34.75 -8.69 -12.90
C THR C 284 34.64 -9.91 -12.01
N LEU C 285 34.27 -11.04 -12.57
CA LEU C 285 34.15 -12.26 -11.77
C LEU C 285 35.49 -12.70 -11.20
N GLN C 286 36.56 -12.47 -11.96
CA GLN C 286 37.90 -12.79 -11.48
C GLN C 286 38.26 -11.92 -10.28
N GLN C 287 37.95 -10.63 -10.32
CA GLN C 287 38.25 -9.79 -9.16
C GLN C 287 37.50 -10.21 -7.89
N ILE C 288 36.24 -10.60 -8.07
CA ILE C 288 35.41 -11.04 -6.95
CA ILE C 288 35.43 -11.03 -6.94
C ILE C 288 36.05 -12.28 -6.33
N ALA C 289 36.44 -13.22 -7.18
CA ALA C 289 36.96 -14.51 -6.73
C ALA C 289 38.29 -14.38 -6.00
N THR C 290 39.13 -13.43 -6.42
CA THR C 290 40.45 -13.30 -5.84
C THR C 290 40.57 -12.18 -4.83
N SER C 291 39.74 -11.14 -4.91
CA SER C 291 39.81 -10.01 -3.97
C SER C 291 38.71 -9.94 -2.92
N VAL C 292 37.56 -10.60 -3.16
CA VAL C 292 36.41 -10.51 -2.23
C VAL C 292 36.09 -11.84 -1.56
N MET C 293 35.59 -12.81 -2.32
CA MET C 293 35.37 -14.15 -1.77
C MET C 293 35.29 -15.18 -2.86
N PRO C 294 35.71 -16.41 -2.58
CA PRO C 294 35.57 -17.43 -3.61
C PRO C 294 34.11 -17.93 -3.76
N VAL C 295 33.87 -18.67 -4.84
CA VAL C 295 32.55 -19.15 -5.21
C VAL C 295 31.94 -20.06 -4.15
N THR C 296 32.81 -20.72 -3.38
CA THR C 296 32.37 -21.66 -2.35
C THR C 296 31.98 -20.92 -1.07
N ALA C 297 32.20 -19.61 -0.99
CA ALA C 297 32.05 -18.90 0.29
C ALA C 297 30.58 -18.90 0.74
N ASP C 298 30.37 -18.89 2.06
CA ASP C 298 29.03 -18.93 2.65
C ASP C 298 28.46 -17.52 2.73
N LEU C 299 27.74 -17.13 1.68
CA LEU C 299 27.23 -15.77 1.60
C LEU C 299 26.04 -15.54 2.55
N LYS C 300 25.31 -16.60 2.84
CA LYS C 300 24.26 -16.58 3.86
C LYS C 300 24.82 -16.10 5.19
N ALA C 301 25.94 -16.69 5.63
CA ALA C 301 26.59 -16.32 6.88
C ALA C 301 27.15 -14.91 6.82
N THR C 302 27.76 -14.55 5.70
CA THR C 302 28.33 -13.20 5.55
C THR C 302 27.26 -12.12 5.63
N TYR C 303 26.16 -12.33 4.92
CA TYR C 303 25.09 -11.34 4.92
C TYR C 303 24.55 -11.15 6.35
N ALA C 304 24.25 -12.28 6.99
CA ALA C 304 23.78 -12.33 8.38
C ALA C 304 24.68 -11.61 9.38
N ASN C 305 26.01 -11.71 9.21
CA ASN C 305 26.96 -11.00 10.08
C ASN C 305 26.87 -9.51 9.89
N ALA C 306 26.54 -9.09 8.68
CA ALA C 306 26.25 -7.68 8.41
C ALA C 306 27.40 -6.74 8.72
N ASN C 307 28.64 -7.14 8.42
CA ASN C 307 29.78 -6.22 8.63
C ASN C 307 29.80 -5.11 7.59
N GLY C 308 30.26 -3.94 8.01
CA GLY C 308 30.51 -2.82 7.10
C GLY C 308 29.41 -2.70 6.08
N ASN C 309 29.77 -2.73 4.79
CA ASN C 309 28.82 -2.54 3.72
C ASN C 309 28.52 -3.85 3.00
N ASP C 310 28.76 -4.97 3.66
CA ASP C 310 28.63 -6.26 3.02
C ASP C 310 27.22 -6.55 2.47
N GLN C 311 26.17 -6.14 3.21
CA GLN C 311 24.83 -6.48 2.79
C GLN C 311 24.55 -5.78 1.48
N SER C 312 24.94 -4.52 1.39
CA SER C 312 24.70 -3.73 0.19
CA SER C 312 24.69 -3.74 0.19
C SER C 312 25.54 -4.25 -0.97
N PHE C 313 26.78 -4.66 -0.65
CA PHE C 313 27.65 -5.23 -1.68
C PHE C 313 27.06 -6.51 -2.26
N LEU C 314 26.64 -7.41 -1.39
CA LEU C 314 25.98 -8.64 -1.82
C LEU C 314 24.69 -8.36 -2.66
N GLN C 315 23.89 -7.43 -2.19
CA GLN C 315 22.74 -6.98 -2.98
C GLN C 315 23.16 -6.51 -4.36
N ASP C 316 24.16 -5.64 -4.41
CA ASP C 316 24.57 -5.08 -5.68
C ASP C 316 25.21 -6.15 -6.61
N LEU C 317 25.87 -7.12 -6.03
CA LEU C 317 26.40 -8.24 -6.81
C LEU C 317 25.26 -9.03 -7.42
N ALA C 318 24.24 -9.31 -6.61
CA ALA C 318 23.04 -10.01 -7.12
C ALA C 318 22.47 -9.23 -8.31
N MET C 319 22.39 -7.91 -8.17
CA MET C 319 21.82 -7.07 -9.23
C MET C 319 22.68 -7.11 -10.47
N PHE C 320 24.00 -7.00 -10.29
CA PHE C 320 24.92 -7.11 -11.41
C PHE C 320 24.82 -8.44 -12.12
N LEU C 321 24.94 -9.53 -11.37
CA LEU C 321 24.92 -10.85 -12.01
C LEU C 321 23.61 -11.13 -12.72
N THR C 322 22.48 -10.86 -12.07
CA THR C 322 21.16 -11.10 -12.71
C THR C 322 20.92 -10.21 -13.96
N THR C 323 21.33 -8.93 -13.89
CA THR C 323 21.15 -8.00 -15.02
C THR C 323 21.99 -8.47 -16.20
N TYR C 324 23.26 -8.81 -15.94
CA TYR C 324 24.15 -9.17 -17.01
C TYR C 324 23.72 -10.46 -17.66
N LEU C 325 23.48 -11.47 -16.84
CA LEU C 325 23.21 -12.80 -17.36
C LEU C 325 21.86 -12.85 -18.09
N ALA C 326 20.84 -12.16 -17.57
CA ALA C 326 19.54 -12.14 -18.26
C ALA C 326 19.72 -11.57 -19.65
N ARG C 327 20.61 -10.60 -19.79
CA ARG C 327 20.86 -10.01 -21.09
C ARG C 327 21.83 -10.81 -21.94
N ASN C 328 22.91 -11.33 -21.33
CA ASN C 328 24.07 -11.80 -22.10
C ASN C 328 24.50 -13.24 -21.94
N ARG C 329 23.79 -14.05 -21.17
CA ARG C 329 24.31 -15.39 -20.91
C ARG C 329 24.49 -16.23 -22.17
N ALA C 330 23.71 -15.96 -23.21
CA ALA C 330 23.90 -16.65 -24.49
C ALA C 330 25.31 -16.45 -25.03
N LEU C 331 25.90 -15.28 -24.78
CA LEU C 331 27.29 -15.03 -25.17
C LEU C 331 28.25 -16.07 -24.58
N LEU C 332 27.85 -16.68 -23.48
CA LEU C 332 28.73 -17.57 -22.74
C LEU C 332 28.42 -19.06 -22.94
N GLU C 333 27.37 -19.40 -23.68
CA GLU C 333 26.84 -20.77 -23.67
C GLU C 333 27.37 -21.71 -24.73
N SER C 334 27.93 -21.21 -25.80
CA SER C 334 28.39 -22.06 -26.90
C SER C 334 29.90 -22.32 -26.91
N ASP C 335 30.68 -21.34 -26.50
CA ASP C 335 32.14 -21.45 -26.45
C ASP C 335 32.56 -22.24 -25.21
N GLU C 336 33.18 -23.40 -25.39
CA GLU C 336 33.69 -24.23 -24.26
C GLU C 336 34.58 -23.46 -23.28
N SER C 337 35.39 -22.54 -23.81
CA SER C 337 36.33 -21.84 -22.97
C SER C 337 35.62 -20.86 -22.02
N LEU C 338 34.33 -20.59 -22.25
CA LEU C 338 33.56 -19.69 -21.41
C LEU C 338 32.63 -20.42 -20.44
N ARG C 339 32.57 -21.75 -20.53
CA ARG C 339 31.65 -22.53 -19.72
C ARG C 339 31.85 -22.35 -18.22
N GLU C 340 33.10 -22.32 -17.78
CA GLU C 340 33.44 -22.18 -16.37
C GLU C 340 33.01 -20.82 -15.84
N LEU C 341 33.17 -19.77 -16.64
CA LEU C 341 32.71 -18.44 -16.26
C LEU C 341 31.17 -18.43 -16.09
N LEU C 342 30.46 -18.99 -17.06
CA LEU C 342 29.02 -19.07 -17.01
C LEU C 342 28.55 -19.73 -15.73
N LEU C 343 29.16 -20.85 -15.38
CA LEU C 343 28.72 -21.66 -14.25
C LEU C 343 29.09 -21.06 -12.91
N ASN C 344 30.27 -20.46 -12.84
CA ASN C 344 30.71 -19.77 -11.62
C ASN C 344 29.83 -18.59 -11.28
N ALA C 345 29.49 -17.83 -12.30
CA ALA C 345 28.56 -16.70 -12.15
C ALA C 345 27.25 -17.21 -11.57
N HIS C 346 26.76 -18.30 -12.12
CA HIS C 346 25.55 -18.93 -11.63
C HIS C 346 25.69 -19.54 -10.26
N GLN C 347 26.89 -20.00 -9.92
CA GLN C 347 27.16 -20.59 -8.60
C GLN C 347 27.15 -19.49 -7.54
N TYR C 348 27.71 -18.33 -7.88
CA TYR C 348 27.57 -17.16 -7.02
C TYR C 348 26.09 -16.85 -6.77
N LEU C 349 25.28 -16.89 -7.82
CA LEU C 349 23.83 -16.64 -7.64
C LEU C 349 23.18 -17.70 -6.79
N ILE C 350 23.56 -18.96 -6.98
CA ILE C 350 23.06 -20.00 -6.10
C ILE C 350 23.40 -19.66 -4.66
N GLN C 351 24.64 -19.23 -4.39
CA GLN C 351 25.01 -18.85 -3.00
C GLN C 351 24.24 -17.62 -2.50
N LEU C 352 24.08 -16.64 -3.37
CA LEU C 352 23.31 -15.46 -3.06
C LEU C 352 21.85 -15.80 -2.74
N SER C 353 21.33 -16.83 -3.37
CA SER C 353 19.94 -17.25 -3.21
C SER C 353 19.69 -17.92 -1.88
N LYS C 354 20.75 -18.17 -1.11
CA LYS C 354 20.59 -18.82 0.18
C LYS C 354 20.52 -17.79 1.30
N ILE C 355 20.80 -16.53 0.98
CA ILE C 355 20.77 -15.45 1.97
C ILE C 355 19.35 -15.33 2.53
N GLU C 356 19.26 -15.08 3.84
CA GLU C 356 17.98 -14.83 4.46
C GLU C 356 17.66 -13.33 4.39
N GLU C 357 16.88 -12.95 3.39
CA GLU C 357 16.50 -11.57 3.15
C GLU C 357 15.48 -11.60 2.03
N ARG C 358 14.21 -11.37 2.37
CA ARG C 358 13.11 -11.66 1.45
C ARG C 358 13.21 -10.90 0.17
N GLU C 359 13.48 -9.62 0.29
CA GLU C 359 13.51 -8.78 -0.88
C GLU C 359 14.66 -9.14 -1.81
N LEU C 360 15.79 -9.56 -1.25
CA LEU C 360 16.91 -10.04 -2.06
C LEU C 360 16.57 -11.36 -2.74
N PHE C 361 15.92 -12.25 -1.98
CA PHE C 361 15.45 -13.51 -2.54
C PHE C 361 14.51 -13.27 -3.74
N LYS C 362 13.66 -12.27 -3.65
CA LYS C 362 12.76 -11.97 -4.75
C LYS C 362 13.53 -11.54 -5.98
N THR C 363 14.62 -10.81 -5.78
CA THR C 363 15.43 -10.33 -6.88
C THR C 363 16.07 -11.52 -7.56
N THR C 364 16.65 -12.42 -6.77
CA THR C 364 17.26 -13.62 -7.34
C THR C 364 16.21 -14.57 -7.95
N LEU C 365 15.09 -14.72 -7.28
CA LEU C 365 14.01 -15.59 -7.80
C LEU C 365 13.50 -15.09 -9.16
N ASP C 366 13.43 -13.78 -9.35
CA ASP C 366 13.10 -13.22 -10.65
C ASP C 366 14.06 -13.67 -11.73
N TYR C 367 15.36 -13.64 -11.42
CA TYR C 367 16.34 -14.15 -12.37
C TYR C 367 16.12 -15.64 -12.65
N TRP C 368 15.97 -16.42 -11.60
CA TRP C 368 15.78 -17.87 -11.84
C TRP C 368 14.59 -18.14 -12.73
N HIS C 369 13.54 -17.35 -12.57
CA HIS C 369 12.36 -17.50 -13.40
C HIS C 369 12.69 -17.23 -14.85
N ASN C 370 13.38 -16.12 -15.08
CA ASN C 370 13.91 -15.80 -16.40
C ASN C 370 14.74 -16.96 -16.96
N LEU C 371 15.55 -17.58 -16.13
CA LEU C 371 16.43 -18.65 -16.63
C LEU C 371 15.61 -19.87 -16.98
N VAL C 372 14.84 -20.39 -16.01
CA VAL C 372 14.18 -21.67 -16.25
C VAL C 372 13.12 -21.59 -17.35
N ALA C 373 12.51 -20.41 -17.52
CA ALA C 373 11.52 -20.17 -18.58
C ALA C 373 12.20 -20.32 -19.91
N ASP C 374 13.41 -19.78 -20.03
CA ASP C 374 14.22 -19.92 -21.24
C ASP C 374 14.65 -21.39 -21.50
N LEU C 375 15.05 -22.08 -20.45
CA LEU C 375 15.50 -23.47 -20.58
C LEU C 375 14.35 -24.39 -20.95
N PHE C 376 13.14 -23.98 -20.59
CA PHE C 376 11.93 -24.73 -20.90
C PHE C 376 11.61 -24.68 -22.40
N TYR C 377 11.98 -23.59 -23.08
CA TYR C 377 11.70 -23.41 -24.51
C TYR C 377 12.88 -23.53 -25.42
N GLU C 378 14.01 -22.95 -25.03
CA GLU C 378 15.13 -22.84 -25.93
C GLU C 378 15.93 -24.14 -26.07
N PRO C 416 15.98 -24.63 -27.76
CA PRO C 416 16.62 -25.94 -27.87
C PRO C 416 18.03 -25.97 -27.30
N LEU C 417 18.41 -27.13 -26.75
CA LEU C 417 19.78 -27.48 -26.44
C LEU C 417 20.45 -26.69 -25.31
N LYS C 418 19.68 -26.00 -24.48
CA LYS C 418 20.23 -25.19 -23.39
C LYS C 418 20.20 -25.82 -22.01
N LYS C 419 19.15 -26.58 -21.70
CA LYS C 419 18.97 -27.04 -20.32
C LYS C 419 20.10 -27.94 -19.80
N HIS C 420 20.76 -28.71 -20.65
CA HIS C 420 21.85 -29.56 -20.15
C HIS C 420 23.01 -28.73 -19.58
N ILE C 421 23.25 -27.55 -20.11
CA ILE C 421 24.32 -26.68 -19.61
C ILE C 421 24.14 -26.45 -18.10
N TYR C 422 22.89 -26.27 -17.67
CA TYR C 422 22.60 -25.82 -16.33
C TYR C 422 22.08 -26.91 -15.42
N GLU C 423 22.20 -28.17 -15.85
CA GLU C 423 21.63 -29.25 -15.06
CA GLU C 423 21.71 -29.31 -15.07
C GLU C 423 22.09 -29.26 -13.59
N GLU C 424 23.36 -29.04 -13.32
CA GLU C 424 23.86 -29.04 -11.95
C GLU C 424 23.42 -27.81 -11.16
N ILE C 425 23.42 -26.66 -11.80
CA ILE C 425 22.84 -25.46 -11.22
C ILE C 425 21.35 -25.66 -10.85
N CYS C 426 20.57 -26.23 -11.78
CA CYS C 426 19.13 -26.39 -11.56
C CYS C 426 18.91 -27.35 -10.42
N SER C 427 19.75 -28.37 -10.33
CA SER C 427 19.65 -29.33 -9.25
C SER C 427 19.89 -28.69 -7.87
N GLN C 428 20.84 -27.78 -7.78
CA GLN C 428 21.04 -27.07 -6.52
C GLN C 428 19.85 -26.13 -6.28
N LEU C 429 19.35 -25.51 -7.33
CA LEU C 429 18.21 -24.60 -7.24
C LEU C 429 16.94 -25.31 -6.70
N ARG C 430 16.68 -26.54 -7.12
CA ARG C 430 15.55 -27.31 -6.56
C ARG C 430 15.63 -27.33 -5.02
N LEU C 431 16.81 -27.64 -4.49
CA LEU C 431 17.02 -27.70 -3.03
C LEU C 431 16.76 -26.35 -2.37
N VAL C 432 17.32 -25.29 -2.93
CA VAL C 432 17.13 -23.97 -2.37
C VAL C 432 15.65 -23.62 -2.31
N ILE C 433 14.91 -23.84 -3.40
CA ILE C 433 13.51 -23.44 -3.45
CA ILE C 433 13.51 -23.43 -3.44
C ILE C 433 12.67 -24.26 -2.49
N ILE C 434 12.87 -25.57 -2.53
CA ILE C 434 12.12 -26.48 -1.68
C ILE C 434 12.32 -26.12 -0.21
N GLU C 435 13.54 -25.73 0.15
CA GLU C 435 13.87 -25.42 1.54
C GLU C 435 13.47 -24.00 1.97
N ASN C 436 13.14 -23.13 1.03
CA ASN C 436 12.69 -21.79 1.37
C ASN C 436 11.26 -21.50 0.92
N MET C 437 10.43 -22.54 0.79
CA MET C 437 9.00 -22.34 0.46
C MET C 437 8.34 -21.58 1.58
N VAL C 438 7.68 -20.51 1.23
CA VAL C 438 6.91 -19.75 2.21
C VAL C 438 5.51 -20.39 2.35
N ARG C 439 4.87 -20.12 3.49
CA ARG C 439 3.54 -20.66 3.84
C ARG C 439 2.47 -20.25 2.82
N PRO C 440 1.83 -21.24 2.18
CA PRO C 440 0.74 -20.92 1.28
C PRO C 440 -0.44 -20.25 2.03
N GLU C 441 -1.20 -19.46 1.29
CA GLU C 441 -2.44 -18.85 1.75
C GLU C 441 -3.34 -19.85 2.52
N GLU C 442 -3.42 -21.08 2.02
CA GLU C 442 -4.33 -22.10 2.53
C GLU C 442 -3.97 -22.59 3.90
N VAL C 443 -2.69 -22.54 4.28
CA VAL C 443 -2.24 -23.15 5.54
C VAL C 443 -2.46 -22.14 6.69
N LEU C 444 -3.45 -22.39 7.54
CA LEU C 444 -3.92 -21.38 8.51
C LEU C 444 -3.32 -21.52 9.91
N VAL C 445 -2.48 -22.53 10.13
CA VAL C 445 -1.76 -22.69 11.40
C VAL C 445 -0.35 -22.08 11.32
N VAL C 446 0.10 -21.48 12.42
CA VAL C 446 1.44 -20.90 12.51
C VAL C 446 1.98 -21.07 13.95
N GLU C 447 3.31 -21.03 14.11
CA GLU C 447 3.93 -21.18 15.44
C GLU C 447 4.09 -19.82 16.16
N ASN C 448 3.59 -19.72 17.38
N ASN C 448 3.64 -19.77 17.40
CA ASN C 448 3.69 -18.46 18.13
CA ASN C 448 3.69 -18.58 18.23
C ASN C 448 5.04 -18.37 18.87
C ASN C 448 5.07 -18.36 18.84
N ASP C 449 5.26 -17.24 19.54
CA ASP C 449 6.52 -16.98 20.24
C ASP C 449 6.75 -17.92 21.41
N GLU C 450 5.71 -18.63 21.83
CA GLU C 450 5.81 -19.61 22.91
C GLU C 450 6.01 -21.06 22.40
N GLY C 451 6.16 -21.23 21.08
CA GLY C 451 6.28 -22.58 20.51
C GLY C 451 4.98 -23.39 20.45
N GLU C 452 3.86 -22.69 20.42
CA GLU C 452 2.55 -23.34 20.31
C GLU C 452 2.04 -23.13 18.89
N ILE C 453 1.45 -24.17 18.32
CA ILE C 453 0.87 -24.10 16.97
C ILE C 453 -0.59 -23.60 17.06
N VAL C 454 -0.78 -22.35 16.68
CA VAL C 454 -2.09 -21.70 16.77
C VAL C 454 -2.62 -21.28 15.41
N ARG C 455 -3.94 -21.11 15.34
CA ARG C 455 -4.53 -20.49 14.17
C ARG C 455 -3.95 -19.07 14.06
N GLU C 456 -3.69 -18.65 12.82
CA GLU C 456 -3.19 -17.31 12.54
C GLU C 456 -4.18 -16.25 13.00
N PHE C 457 -3.67 -15.12 13.48
CA PHE C 457 -4.52 -13.99 13.81
C PHE C 457 -5.04 -13.30 12.54
N VAL C 458 -4.15 -13.10 11.56
CA VAL C 458 -4.52 -12.43 10.32
C VAL C 458 -3.90 -13.16 9.13
N LYS C 459 -4.27 -12.75 7.92
CA LYS C 459 -3.67 -13.28 6.71
C LYS C 459 -2.25 -12.73 6.59
N GLU C 460 -1.30 -13.56 6.13
CA GLU C 460 0.04 -13.11 5.77
CA GLU C 460 0.04 -13.09 5.77
C GLU C 460 -0.02 -12.59 4.31
N SER C 461 -0.61 -11.42 4.16
CA SER C 461 -0.89 -10.88 2.85
C SER C 461 0.35 -10.60 2.03
N ASP C 462 1.48 -10.31 2.70
CA ASP C 462 2.68 -9.91 1.94
C ASP C 462 3.54 -11.04 1.37
N THR C 463 3.13 -12.29 1.63
CA THR C 463 3.79 -13.46 1.06
C THR C 463 3.00 -14.20 -0.03
N ILE C 464 1.83 -13.68 -0.39
CA ILE C 464 1.03 -14.27 -1.45
C ILE C 464 1.78 -14.26 -2.79
N GLN C 465 2.29 -13.11 -3.19
CA GLN C 465 3.00 -13.02 -4.45
C GLN C 465 4.23 -13.94 -4.39
N LEU C 466 4.93 -13.93 -3.27
CA LEU C 466 6.15 -14.72 -3.14
C LEU C 466 5.87 -16.17 -3.37
N TYR C 467 4.81 -16.69 -2.77
CA TYR C 467 4.47 -18.11 -2.94
CA TYR C 467 4.47 -18.10 -2.94
C TYR C 467 4.26 -18.39 -4.42
N LYS C 468 3.51 -17.52 -5.10
CA LYS C 468 3.25 -17.73 -6.53
C LYS C 468 4.55 -17.78 -7.34
N SER C 469 5.46 -16.87 -7.04
CA SER C 469 6.74 -16.78 -7.72
C SER C 469 7.57 -18.04 -7.51
N GLU C 470 7.61 -18.52 -6.27
CA GLU C 470 8.36 -19.73 -5.93
C GLU C 470 7.80 -20.96 -6.66
N ARG C 471 6.47 -21.09 -6.63
CA ARG C 471 5.76 -22.15 -7.32
C ARG C 471 6.05 -22.17 -8.83
N GLU C 472 6.00 -21.00 -9.45
CA GLU C 472 6.28 -20.84 -10.87
CA GLU C 472 6.28 -20.87 -10.86
C GLU C 472 7.66 -21.41 -11.20
N VAL C 473 8.66 -21.04 -10.39
CA VAL C 473 10.01 -21.48 -10.66
C VAL C 473 10.11 -22.99 -10.42
N LEU C 474 9.52 -23.46 -9.33
CA LEU C 474 9.60 -24.88 -9.00
C LEU C 474 8.88 -25.78 -10.01
N VAL C 475 7.76 -25.30 -10.54
CA VAL C 475 7.05 -26.01 -11.59
C VAL C 475 7.94 -26.14 -12.83
N TYR C 476 8.54 -25.05 -13.26
CA TYR C 476 9.48 -25.13 -14.35
C TYR C 476 10.62 -26.13 -14.07
N LEU C 477 11.16 -26.08 -12.84
CA LEU C 477 12.29 -26.94 -12.47
C LEU C 477 11.89 -28.39 -12.47
N THR C 478 10.63 -28.66 -12.10
CA THR C 478 10.13 -30.04 -12.10
C THR C 478 10.01 -30.53 -13.52
N HIS C 479 9.47 -29.69 -14.42
N HIS C 479 9.45 -29.70 -14.41
CA HIS C 479 9.40 -30.07 -15.84
CA HIS C 479 9.38 -30.06 -15.83
C HIS C 479 10.76 -30.32 -16.42
C HIS C 479 10.75 -30.30 -16.42
N LEU C 480 11.73 -29.49 -16.04
CA LEU C 480 13.11 -29.66 -16.54
C LEU C 480 13.76 -30.97 -16.13
N ASN C 481 13.50 -31.45 -14.91
CA ASN C 481 13.95 -32.79 -14.52
C ASN C 481 13.06 -33.44 -13.46
N VAL C 482 12.08 -34.17 -13.94
CA VAL C 482 11.07 -34.66 -13.07
C VAL C 482 11.61 -35.80 -12.20
N ILE C 483 12.60 -36.53 -12.69
CA ILE C 483 13.23 -37.58 -11.90
C ILE C 483 13.99 -36.96 -10.72
N ASP C 484 14.85 -35.97 -10.97
CA ASP C 484 15.58 -35.28 -9.90
C ASP C 484 14.66 -34.70 -8.81
N THR C 485 13.54 -34.12 -9.22
CA THR C 485 12.62 -33.49 -8.27
C THR C 485 11.95 -34.52 -7.37
N GLU C 486 11.45 -35.58 -7.96
CA GLU C 486 10.87 -36.65 -7.18
C GLU C 486 11.87 -37.21 -6.19
N GLU C 487 13.06 -37.56 -6.69
CA GLU C 487 14.13 -38.12 -5.84
C GLU C 487 14.41 -37.21 -4.65
N ILE C 488 14.57 -35.92 -4.89
CA ILE C 488 14.86 -34.99 -3.81
C ILE C 488 13.73 -34.96 -2.77
N MET C 489 12.49 -34.86 -3.25
CA MET C 489 11.35 -34.76 -2.33
C MET C 489 11.16 -36.04 -1.53
N ILE C 490 11.22 -37.19 -2.20
CA ILE C 490 10.92 -38.47 -1.54
C ILE C 490 11.96 -38.82 -0.49
N SER C 491 13.22 -38.49 -0.74
CA SER C 491 14.24 -38.81 0.24
C SER C 491 14.23 -37.78 1.38
N LYS C 492 14.02 -36.51 1.07
CA LYS C 492 13.79 -35.53 2.13
C LYS C 492 12.63 -35.99 3.04
N LEU C 493 11.57 -36.51 2.43
CA LEU C 493 10.44 -37.03 3.17
C LEU C 493 10.89 -38.20 4.06
N ALA C 494 11.68 -39.12 3.52
CA ALA C 494 12.16 -40.26 4.31
C ALA C 494 12.96 -39.83 5.56
N ARG C 495 13.74 -38.76 5.44
CA ARG C 495 14.49 -38.24 6.59
C ARG C 495 13.62 -37.51 7.63
N GLN C 496 12.35 -37.26 7.28
CA GLN C 496 11.37 -36.82 8.28
C GLN C 496 10.83 -38.01 9.07
N ILE C 497 10.51 -39.10 8.38
CA ILE C 497 9.99 -40.33 9.01
C ILE C 497 11.00 -40.98 9.94
N ASP C 498 12.25 -41.14 9.46
CA ASP C 498 13.30 -41.77 10.25
C ASP C 498 13.64 -40.92 11.49
N GLY C 499 13.40 -39.62 11.41
CA GLY C 499 13.64 -38.71 12.51
C GLY C 499 14.86 -37.84 12.33
N SER C 500 15.79 -38.23 11.46
CA SER C 500 17.07 -37.53 11.29
C SER C 500 16.96 -36.02 11.03
N GLU C 501 15.99 -35.60 10.22
CA GLU C 501 15.87 -34.18 9.86
C GLU C 501 14.52 -33.59 10.26
N TRP C 502 13.83 -34.29 11.15
CA TRP C 502 12.48 -33.91 11.56
C TRP C 502 12.43 -32.55 12.23
N SER C 503 11.55 -31.70 11.72
CA SER C 503 11.18 -30.46 12.41
C SER C 503 9.90 -29.92 11.76
N TRP C 504 9.24 -28.99 12.43
CA TRP C 504 8.06 -28.36 11.85
C TRP C 504 8.42 -27.62 10.59
N HIS C 505 9.55 -26.92 10.61
CA HIS C 505 9.99 -26.16 9.45
C HIS C 505 10.27 -27.03 8.26
N ASN C 506 10.81 -28.21 8.51
CA ASN C 506 11.23 -29.09 7.42
C ASN C 506 10.06 -29.82 6.80
N ILE C 507 9.17 -30.33 7.65
CA ILE C 507 7.99 -31.03 7.15
C ILE C 507 7.10 -30.06 6.39
N ASN C 508 7.03 -28.83 6.90
CA ASN C 508 6.23 -27.78 6.29
C ASN C 508 6.70 -27.38 4.90
N THR C 509 7.96 -26.96 4.77
CA THR C 509 8.44 -26.45 3.49
C THR C 509 8.34 -27.55 2.45
N LEU C 510 8.68 -28.77 2.87
CA LEU C 510 8.59 -29.93 2.02
C LEU C 510 7.16 -30.16 1.56
N SER C 511 6.23 -30.15 2.51
CA SER C 511 4.81 -30.37 2.18
C SER C 511 4.25 -29.32 1.22
N TRP C 512 4.58 -28.07 1.49
CA TRP C 512 4.20 -26.96 0.62
C TRP C 512 4.78 -27.11 -0.76
N ALA C 513 6.05 -27.54 -0.82
CA ALA C 513 6.73 -27.77 -2.09
C ALA C 513 6.07 -28.90 -2.86
N ILE C 514 5.74 -29.98 -2.17
CA ILE C 514 5.07 -31.11 -2.80
C ILE C 514 3.71 -30.70 -3.39
N GLY C 515 2.90 -30.01 -2.60
CA GLY C 515 1.61 -29.52 -3.10
C GLY C 515 1.75 -28.59 -4.29
N SER C 516 2.79 -27.74 -4.25
CA SER C 516 2.94 -26.69 -5.25
C SER C 516 3.28 -27.21 -6.64
N ILE C 517 3.87 -28.40 -6.74
CA ILE C 517 4.24 -28.90 -8.05
C ILE C 517 3.14 -29.72 -8.73
N SER C 518 1.93 -29.69 -8.17
CA SER C 518 0.80 -30.43 -8.76
C SER C 518 0.59 -30.01 -10.20
N GLY C 519 0.52 -30.98 -11.10
CA GLY C 519 0.32 -30.70 -12.52
C GLY C 519 1.53 -31.04 -13.36
N THR C 520 2.69 -31.18 -12.74
CA THR C 520 3.95 -31.34 -13.46
C THR C 520 4.29 -32.79 -13.78
N MET C 521 3.75 -33.73 -13.02
CA MET C 521 4.06 -35.13 -13.23
C MET C 521 2.99 -35.79 -14.09
N SER C 522 3.33 -36.96 -14.60
CA SER C 522 2.37 -37.79 -15.31
C SER C 522 1.38 -38.35 -14.30
N GLU C 523 0.21 -38.71 -14.78
CA GLU C 523 -0.80 -39.25 -13.90
C GLU C 523 -0.25 -40.46 -13.15
N ASP C 524 0.45 -41.33 -13.89
CA ASP C 524 1.05 -42.53 -13.32
C ASP C 524 2.06 -42.21 -12.25
N THR C 525 2.99 -41.33 -12.57
CA THR C 525 4.05 -40.99 -11.61
C THR C 525 3.41 -40.22 -10.44
N GLU C 526 2.51 -39.29 -10.76
CA GLU C 526 1.70 -38.62 -9.70
C GLU C 526 1.04 -39.61 -8.73
N LYS C 527 0.44 -40.65 -9.29
CA LYS C 527 -0.25 -41.67 -8.50
C LYS C 527 0.66 -42.28 -7.45
N ARG C 528 1.82 -42.76 -7.91
CA ARG C 528 2.79 -43.43 -7.06
C ARG C 528 3.38 -42.40 -6.09
N PHE C 529 3.68 -41.22 -6.61
CA PHE C 529 4.20 -40.13 -5.81
C PHE C 529 3.23 -39.78 -4.68
N VAL C 530 1.99 -39.46 -5.02
CA VAL C 530 1.06 -38.95 -4.01
C VAL C 530 0.79 -40.05 -2.98
N VAL C 531 0.61 -41.27 -3.48
CA VAL C 531 0.46 -42.42 -2.59
C VAL C 531 1.62 -42.49 -1.58
N THR C 532 2.87 -42.38 -2.05
CA THR C 532 4.01 -42.48 -1.13
C THR C 532 3.96 -41.32 -0.14
N VAL C 533 3.71 -40.12 -0.65
CA VAL C 533 3.65 -38.97 0.23
C VAL C 533 2.59 -39.12 1.31
N ILE C 534 1.38 -39.50 0.91
CA ILE C 534 0.30 -39.63 1.90
C ILE C 534 0.63 -40.67 2.98
N LYS C 535 1.14 -41.84 2.55
CA LYS C 535 1.57 -42.87 3.51
C LYS C 535 2.54 -42.30 4.52
N ASP C 536 3.57 -41.64 4.02
CA ASP C 536 4.58 -41.06 4.90
C ASP C 536 4.01 -40.01 5.87
N LEU C 537 3.13 -39.15 5.38
CA LEU C 537 2.49 -38.15 6.25
C LEU C 537 1.51 -38.80 7.26
N LEU C 538 0.79 -39.82 6.85
CA LEU C 538 -0.03 -40.57 7.82
C LEU C 538 0.84 -41.21 8.93
N ASP C 539 1.98 -41.79 8.55
CA ASP C 539 2.92 -42.34 9.52
C ASP C 539 3.39 -41.27 10.51
N LEU C 540 3.78 -40.11 10.00
CA LEU C 540 4.21 -39.01 10.87
C LEU C 540 3.11 -38.64 11.87
N CYS C 541 1.86 -38.64 11.40
CA CYS C 541 0.71 -38.27 12.23
C CYS C 541 0.53 -39.24 13.42
N VAL C 542 0.65 -40.53 13.14
CA VAL C 542 0.63 -41.55 14.17
C VAL C 542 1.81 -41.36 15.14
N LYS C 543 3.01 -41.21 14.59
CA LYS C 543 4.23 -41.16 15.40
C LYS C 543 4.41 -39.88 16.21
N LYS C 544 3.96 -38.74 15.70
CA LYS C 544 4.19 -37.47 16.38
C LYS C 544 2.97 -37.06 17.22
N ARG C 545 3.09 -37.29 18.52
CA ARG C 545 1.98 -37.17 19.46
C ARG C 545 1.88 -35.73 20.00
N GLY C 546 0.72 -35.38 20.55
CA GLY C 546 0.51 -34.05 21.15
C GLY C 546 -0.14 -33.06 20.21
N LYS C 547 -0.79 -32.05 20.78
CA LYS C 547 -1.69 -31.19 20.00
C LYS C 547 -0.99 -30.38 18.91
N ASP C 548 0.17 -29.83 19.25
CA ASP C 548 0.96 -29.04 18.30
C ASP C 548 1.42 -29.88 17.09
N ASN C 549 1.99 -31.05 17.34
CA ASN C 549 2.43 -31.92 16.26
C ASN C 549 1.29 -32.29 15.31
N LYS C 550 0.15 -32.65 15.86
CA LYS C 550 -0.97 -33.14 15.06
C LYS C 550 -1.56 -32.01 14.20
N ALA C 551 -1.59 -30.81 14.75
CA ALA C 551 -2.05 -29.66 14.00
C ALA C 551 -1.16 -29.43 12.78
N VAL C 552 0.16 -29.35 13.01
CA VAL C 552 1.14 -29.19 11.93
C VAL C 552 0.93 -30.20 10.82
N VAL C 553 0.87 -31.47 11.18
CA VAL C 553 0.80 -32.53 10.20
C VAL C 553 -0.57 -32.56 9.54
N ALA C 554 -1.62 -32.25 10.30
CA ALA C 554 -2.96 -32.12 9.74
C ALA C 554 -2.96 -31.06 8.64
N SER C 555 -2.47 -29.87 8.98
CA SER C 555 -2.42 -28.77 8.02
C SER C 555 -1.68 -29.17 6.75
N ASP C 556 -0.59 -29.92 6.92
CA ASP C 556 0.24 -30.33 5.80
C ASP C 556 -0.48 -31.31 4.89
N ILE C 557 -1.16 -32.30 5.46
CA ILE C 557 -1.87 -33.30 4.62
C ILE C 557 -3.05 -32.65 3.90
N MET C 558 -3.76 -31.78 4.61
CA MET C 558 -4.86 -31.07 4.02
C MET C 558 -4.36 -30.28 2.82
N TYR C 559 -3.25 -29.56 2.98
CA TYR C 559 -2.72 -28.78 1.88
C TYR C 559 -2.38 -29.69 0.70
N VAL C 560 -1.67 -30.78 0.96
CA VAL C 560 -1.25 -31.66 -0.12
C VAL C 560 -2.46 -32.21 -0.85
N VAL C 561 -3.38 -32.85 -0.13
N VAL C 561 -3.37 -32.84 -0.12
CA VAL C 561 -4.51 -33.51 -0.80
CA VAL C 561 -4.53 -33.49 -0.71
C VAL C 561 -5.37 -32.51 -1.56
C VAL C 561 -5.34 -32.51 -1.55
N GLY C 562 -5.56 -31.32 -1.01
CA GLY C 562 -6.29 -30.26 -1.72
C GLY C 562 -5.61 -29.83 -3.02
N GLN C 563 -4.30 -30.03 -3.10
CA GLN C 563 -3.54 -29.63 -4.28
C GLN C 563 -3.60 -30.64 -5.41
N TYR C 564 -4.07 -31.86 -5.14
CA TYR C 564 -4.10 -32.93 -6.13
C TYR C 564 -5.49 -33.46 -6.47
N PRO C 565 -6.37 -32.61 -7.03
CA PRO C 565 -7.72 -33.09 -7.33
C PRO C 565 -7.72 -34.17 -8.40
N ARG C 566 -6.76 -34.12 -9.30
CA ARG C 566 -6.71 -35.11 -10.37
C ARG C 566 -6.68 -36.49 -9.74
N PHE C 567 -5.85 -36.64 -8.73
CA PHE C 567 -5.73 -37.90 -8.02
C PHE C 567 -7.04 -38.28 -7.35
N LEU C 568 -7.69 -37.30 -6.73
CA LEU C 568 -8.95 -37.54 -6.03
C LEU C 568 -10.02 -38.01 -7.01
N LYS C 569 -10.14 -37.32 -8.13
CA LYS C 569 -11.10 -37.69 -9.16
C LYS C 569 -10.98 -39.14 -9.62
N ALA C 570 -9.75 -39.66 -9.67
CA ALA C 570 -9.47 -41.03 -10.11
C ALA C 570 -9.65 -42.06 -9.00
N HIS C 571 -9.77 -41.61 -7.77
CA HIS C 571 -9.69 -42.50 -6.62
C HIS C 571 -10.83 -42.26 -5.64
N TRP C 572 -12.03 -42.61 -6.08
CA TRP C 572 -13.24 -42.33 -5.33
C TRP C 572 -13.20 -42.79 -3.89
N ASN C 573 -12.85 -44.04 -3.63
CA ASN C 573 -12.75 -44.51 -2.26
C ASN C 573 -11.90 -43.61 -1.37
N PHE C 574 -10.79 -43.14 -1.92
CA PHE C 574 -9.93 -42.26 -1.17
C PHE C 574 -10.52 -40.86 -1.04
N LEU C 575 -11.17 -40.38 -2.08
CA LEU C 575 -11.86 -39.09 -2.00
C LEU C 575 -12.86 -39.16 -0.86
N ARG C 576 -13.72 -40.19 -0.89
N ARG C 576 -13.69 -40.20 -0.89
CA ARG C 576 -14.76 -40.34 0.13
CA ARG C 576 -14.76 -40.36 0.10
C ARG C 576 -14.12 -40.29 1.51
C ARG C 576 -14.14 -40.32 1.50
N THR C 577 -13.05 -41.06 1.69
CA THR C 577 -12.31 -41.08 2.96
C THR C 577 -11.79 -39.70 3.33
N VAL C 578 -11.21 -39.00 2.37
CA VAL C 578 -10.72 -37.65 2.63
C VAL C 578 -11.86 -36.77 3.17
N ILE C 579 -12.99 -36.77 2.50
CA ILE C 579 -14.07 -35.85 2.87
C ILE C 579 -14.59 -36.18 4.28
N LEU C 580 -14.72 -37.47 4.56
CA LEU C 580 -15.18 -37.91 5.85
C LEU C 580 -14.22 -37.49 6.96
N LYS C 581 -12.92 -37.56 6.68
CA LYS C 581 -11.92 -37.11 7.65
C LYS C 581 -12.01 -35.61 7.87
N LEU C 582 -12.21 -34.86 6.80
CA LEU C 582 -12.39 -33.42 6.94
C LEU C 582 -13.59 -33.17 7.86
N PHE C 583 -14.62 -34.01 7.73
CA PHE C 583 -15.81 -33.85 8.59
C PHE C 583 -15.45 -34.10 10.06
N GLU C 584 -14.65 -35.13 10.30
CA GLU C 584 -14.10 -35.37 11.63
C GLU C 584 -13.35 -34.14 12.13
N PHE C 585 -12.54 -33.53 11.27
CA PHE C 585 -11.80 -32.31 11.66
C PHE C 585 -12.70 -31.12 11.95
N MET C 586 -13.92 -31.12 11.43
CA MET C 586 -14.86 -30.03 11.74
C MET C 586 -15.35 -30.08 13.20
N HIS C 587 -15.05 -31.20 13.88
CA HIS C 587 -15.28 -31.35 15.31
C HIS C 587 -14.03 -31.12 16.16
N GLU C 588 -12.90 -30.80 15.53
CA GLU C 588 -11.67 -30.53 16.24
C GLU C 588 -11.74 -29.28 17.12
N THR C 589 -11.19 -29.38 18.34
CA THR C 589 -11.12 -28.21 19.22
C THR C 589 -9.98 -27.28 18.80
N HIS C 590 -9.00 -27.80 18.06
CA HIS C 590 -8.04 -26.90 17.46
C HIS C 590 -8.69 -26.13 16.34
N GLU C 591 -8.80 -24.82 16.53
CA GLU C 591 -9.60 -23.97 15.65
C GLU C 591 -8.95 -23.73 14.27
N GLY C 592 -7.62 -23.73 14.22
CA GLY C 592 -6.91 -23.71 12.95
C GLY C 592 -7.28 -24.90 12.08
N VAL C 593 -7.12 -26.09 12.62
CA VAL C 593 -7.49 -27.33 11.92
C VAL C 593 -8.92 -27.32 11.41
N GLN C 594 -9.84 -26.90 12.28
CA GLN C 594 -11.26 -26.86 11.98
C GLN C 594 -11.52 -25.96 10.78
N ASP C 595 -10.95 -24.77 10.86
CA ASP C 595 -11.16 -23.77 9.84
C ASP C 595 -10.60 -24.25 8.49
N MET C 596 -9.43 -24.86 8.55
CA MET C 596 -8.78 -25.38 7.34
C MET C 596 -9.51 -26.58 6.78
N ALA C 597 -10.14 -27.38 7.65
CA ALA C 597 -10.98 -28.48 7.16
C ALA C 597 -12.09 -27.93 6.26
N CYS C 598 -12.70 -26.81 6.69
CA CYS C 598 -13.75 -26.19 5.91
C CYS C 598 -13.25 -25.64 4.59
N ASP C 599 -12.12 -24.94 4.60
CA ASP C 599 -11.57 -24.39 3.35
C ASP C 599 -11.15 -25.49 2.41
N THR C 600 -10.57 -26.56 2.96
CA THR C 600 -10.09 -27.66 2.15
C THR C 600 -11.27 -28.39 1.52
N PHE C 601 -12.37 -28.50 2.26
CA PHE C 601 -13.61 -29.15 1.75
C PHE C 601 -14.12 -28.43 0.51
N ILE C 602 -14.23 -27.12 0.59
CA ILE C 602 -14.74 -26.35 -0.52
C ILE C 602 -13.75 -26.30 -1.70
N LYS C 603 -12.46 -26.26 -1.38
CA LYS C 603 -11.41 -26.26 -2.42
C LYS C 603 -11.47 -27.55 -3.23
N ILE C 604 -11.60 -28.69 -2.54
CA ILE C 604 -11.77 -29.97 -3.21
C ILE C 604 -13.09 -30.01 -3.99
N VAL C 605 -14.17 -29.56 -3.35
CA VAL C 605 -15.46 -29.57 -4.00
C VAL C 605 -15.44 -28.73 -5.28
N GLN C 606 -14.84 -27.54 -5.25
CA GLN C 606 -14.74 -26.71 -6.48
C GLN C 606 -14.18 -27.47 -7.68
N LYS C 607 -13.27 -28.41 -7.44
CA LYS C 607 -12.62 -29.15 -8.51
C LYS C 607 -13.21 -30.53 -8.76
N CYS C 608 -13.77 -31.16 -7.72
CA CYS C 608 -14.23 -32.54 -7.88
C CYS C 608 -15.75 -32.72 -7.76
N LYS C 609 -16.52 -31.63 -7.85
CA LYS C 609 -17.96 -31.67 -7.58
C LYS C 609 -18.75 -32.71 -8.38
N TYR C 610 -18.37 -32.93 -9.64
CA TYR C 610 -19.04 -33.93 -10.45
C TYR C 610 -19.08 -35.31 -9.77
N HIS C 611 -18.01 -35.67 -9.06
CA HIS C 611 -17.96 -36.94 -8.34
C HIS C 611 -18.83 -37.02 -7.10
N PHE C 612 -19.40 -35.90 -6.69
CA PHE C 612 -20.33 -35.87 -5.56
C PHE C 612 -21.78 -35.97 -6.02
N VAL C 613 -22.05 -35.57 -7.27
CA VAL C 613 -23.42 -35.46 -7.76
C VAL C 613 -23.88 -36.74 -8.45
N ILE C 614 -22.97 -37.49 -9.06
CA ILE C 614 -23.32 -38.78 -9.63
C ILE C 614 -23.25 -39.86 -8.56
N GLN C 615 -23.95 -40.95 -8.82
CA GLN C 615 -23.89 -42.14 -7.99
C GLN C 615 -22.68 -42.98 -8.41
N GLN C 616 -21.73 -43.12 -7.49
CA GLN C 616 -20.52 -43.85 -7.79
C GLN C 616 -20.80 -45.34 -7.75
N PRO C 617 -20.05 -46.14 -8.51
CA PRO C 617 -20.14 -47.60 -8.41
C PRO C 617 -19.98 -48.04 -6.95
N ARG C 618 -20.76 -49.03 -6.53
CA ARG C 618 -20.68 -49.59 -5.16
C ARG C 618 -21.25 -48.68 -4.04
N GLU C 619 -21.89 -47.58 -4.42
CA GLU C 619 -22.57 -46.72 -3.48
C GLU C 619 -24.07 -46.75 -3.81
N SER C 620 -24.91 -46.57 -2.79
CA SER C 620 -26.36 -46.61 -2.94
C SER C 620 -26.99 -45.26 -3.29
N GLU C 621 -26.19 -44.19 -3.24
CA GLU C 621 -26.71 -42.83 -3.46
C GLU C 621 -25.59 -41.84 -3.83
N PRO C 622 -25.91 -40.83 -4.64
CA PRO C 622 -24.91 -39.77 -4.82
C PRO C 622 -24.45 -39.27 -3.47
N PHE C 623 -23.15 -38.98 -3.36
CA PHE C 623 -22.62 -38.62 -2.05
C PHE C 623 -23.20 -37.30 -1.53
N ILE C 624 -23.63 -36.42 -2.43
CA ILE C 624 -24.29 -35.18 -2.02
C ILE C 624 -25.49 -35.50 -1.10
N GLN C 625 -26.16 -36.62 -1.35
CA GLN C 625 -27.29 -37.02 -0.53
CA GLN C 625 -27.31 -37.01 -0.53
C GLN C 625 -26.81 -37.36 0.86
N THR C 626 -25.70 -38.09 0.93
CA THR C 626 -25.15 -38.45 2.24
C THR C 626 -24.71 -37.23 3.03
N ILE C 627 -24.12 -36.25 2.35
CA ILE C 627 -23.67 -35.03 3.01
C ILE C 627 -24.86 -34.25 3.58
N ILE C 628 -25.87 -34.05 2.74
CA ILE C 628 -27.03 -33.29 3.16
C ILE C 628 -27.71 -33.93 4.39
N ARG C 629 -27.87 -35.26 4.38
CA ARG C 629 -28.52 -35.98 5.49
C ARG C 629 -27.84 -35.73 6.83
N ASP C 630 -26.52 -35.66 6.84
CA ASP C 630 -25.80 -35.55 8.10
C ASP C 630 -25.37 -34.15 8.42
N ILE C 631 -25.86 -33.19 7.64
CA ILE C 631 -25.38 -31.81 7.76
C ILE C 631 -25.48 -31.23 9.19
N GLN C 632 -26.52 -31.58 9.92
CA GLN C 632 -26.67 -31.08 11.29
C GLN C 632 -25.54 -31.59 12.18
N LYS C 633 -25.29 -32.89 12.17
CA LYS C 633 -24.17 -33.47 12.93
C LYS C 633 -22.81 -32.95 12.46
N THR C 634 -22.59 -32.93 11.15
CA THR C 634 -21.28 -32.55 10.58
C THR C 634 -20.85 -31.14 10.98
N THR C 635 -21.81 -30.22 10.95
CA THR C 635 -21.57 -28.81 11.15
C THR C 635 -21.86 -28.33 12.58
N ALA C 636 -22.20 -29.23 13.49
CA ALA C 636 -22.70 -28.84 14.82
C ALA C 636 -21.68 -28.03 15.63
N ASP C 637 -20.39 -28.30 15.46
CA ASP C 637 -19.35 -27.57 16.23
C ASP C 637 -18.70 -26.41 15.51
N LEU C 638 -19.20 -26.08 14.31
CA LEU C 638 -18.62 -25.01 13.52
C LEU C 638 -19.21 -23.68 13.89
N GLN C 639 -18.43 -22.60 13.76
CA GLN C 639 -18.96 -21.26 13.82
C GLN C 639 -19.86 -20.98 12.60
N PRO C 640 -20.82 -20.06 12.74
CA PRO C 640 -21.77 -19.76 11.67
C PRO C 640 -21.15 -19.57 10.30
N GLN C 641 -20.13 -18.74 10.19
CA GLN C 641 -19.51 -18.48 8.89
C GLN C 641 -18.89 -19.75 8.30
N GLN C 642 -18.44 -20.65 9.17
CA GLN C 642 -17.98 -21.95 8.70
C GLN C 642 -19.15 -22.80 8.21
N VAL C 643 -20.30 -22.72 8.88
CA VAL C 643 -21.51 -23.42 8.43
C VAL C 643 -21.90 -22.90 7.04
N HIS C 644 -21.77 -21.60 6.84
CA HIS C 644 -22.21 -20.98 5.59
C HIS C 644 -21.33 -21.42 4.44
N THR C 645 -20.02 -21.46 4.70
CA THR C 645 -19.04 -22.02 3.76
C THR C 645 -19.44 -23.45 3.41
N PHE C 646 -19.77 -24.25 4.41
CA PHE C 646 -20.20 -25.64 4.14
C PHE C 646 -21.41 -25.70 3.18
N TYR C 647 -22.41 -24.87 3.46
CA TYR C 647 -23.62 -24.81 2.66
C TYR C 647 -23.30 -24.31 1.29
N LYS C 648 -22.41 -23.33 1.20
CA LYS C 648 -21.95 -22.85 -0.12
C LYS C 648 -21.31 -23.98 -0.95
N ALA C 649 -20.56 -24.82 -0.27
CA ALA C 649 -19.91 -25.94 -0.97
C ALA C 649 -20.96 -26.89 -1.52
N CYS C 650 -21.96 -27.19 -0.70
CA CYS C 650 -23.07 -28.04 -1.14
C CYS C 650 -23.78 -27.46 -2.36
N GLY C 651 -24.00 -26.15 -2.37
CA GLY C 651 -24.55 -25.48 -3.54
C GLY C 651 -23.75 -25.68 -4.82
N ILE C 652 -22.42 -25.69 -4.68
CA ILE C 652 -21.56 -25.93 -5.84
C ILE C 652 -21.91 -27.27 -6.47
N ILE C 653 -21.98 -28.30 -5.64
CA ILE C 653 -22.32 -29.65 -6.10
C ILE C 653 -23.71 -29.71 -6.70
N ILE C 654 -24.69 -29.17 -5.98
CA ILE C 654 -26.07 -29.25 -6.42
C ILE C 654 -26.25 -28.64 -7.81
N SER C 655 -25.52 -27.57 -8.09
CA SER C 655 -25.58 -26.93 -9.39
C SER C 655 -24.95 -27.74 -10.54
N GLU C 656 -24.26 -28.82 -10.23
CA GLU C 656 -23.85 -29.78 -11.27
C GLU C 656 -25.01 -30.63 -11.80
N GLU C 657 -26.07 -30.79 -11.01
CA GLU C 657 -27.23 -31.56 -11.43
C GLU C 657 -28.03 -30.73 -12.41
N ARG C 658 -28.10 -31.17 -13.67
CA ARG C 658 -28.78 -30.37 -14.69
C ARG C 658 -30.22 -30.78 -14.94
N SER C 659 -30.64 -31.93 -14.42
CA SER C 659 -32.06 -32.21 -14.40
C SER C 659 -32.72 -31.31 -13.33
N VAL C 660 -33.59 -30.41 -13.78
CA VAL C 660 -34.17 -29.39 -12.92
CA VAL C 660 -34.18 -29.38 -12.94
C VAL C 660 -34.95 -29.96 -11.73
N ALA C 661 -35.71 -31.03 -11.93
CA ALA C 661 -36.51 -31.59 -10.85
C ALA C 661 -35.60 -32.09 -9.74
N GLU C 662 -34.56 -32.83 -10.12
N GLU C 662 -34.55 -32.82 -10.12
CA GLU C 662 -33.61 -33.40 -9.16
CA GLU C 662 -33.62 -33.38 -9.15
C GLU C 662 -32.85 -32.29 -8.45
C GLU C 662 -32.85 -32.28 -8.44
N ARG C 663 -32.48 -31.24 -9.19
CA ARG C 663 -31.73 -30.13 -8.64
C ARG C 663 -32.51 -29.37 -7.60
N ASN C 664 -33.74 -29.02 -7.94
CA ASN C 664 -34.64 -28.34 -7.03
C ASN C 664 -34.91 -29.18 -5.79
N ARG C 665 -35.08 -30.48 -5.98
CA ARG C 665 -35.21 -31.37 -4.85
C ARG C 665 -33.98 -31.32 -3.93
N LEU C 666 -32.78 -31.36 -4.52
CA LEU C 666 -31.57 -31.31 -3.72
C LEU C 666 -31.49 -29.99 -2.97
N LEU C 667 -31.79 -28.90 -3.66
CA LEU C 667 -31.80 -27.57 -3.07
C LEU C 667 -32.72 -27.54 -1.86
N SER C 668 -33.92 -28.04 -2.07
CA SER C 668 -34.93 -28.12 -1.04
C SER C 668 -34.45 -28.89 0.19
N ASP C 669 -33.84 -30.05 -0.05
CA ASP C 669 -33.26 -30.85 1.02
C ASP C 669 -32.13 -30.11 1.76
N LEU C 670 -31.26 -29.43 1.01
CA LEU C 670 -30.14 -28.72 1.61
C LEU C 670 -30.67 -27.63 2.55
N MET C 671 -31.70 -26.91 2.10
CA MET C 671 -32.25 -25.78 2.87
C MET C 671 -33.24 -26.19 3.95
N GLN C 672 -33.36 -27.48 4.21
CA GLN C 672 -34.38 -27.96 5.14
C GLN C 672 -34.22 -27.32 6.54
N LEU C 673 -33.04 -27.39 7.13
CA LEU C 673 -32.84 -26.81 8.47
C LEU C 673 -33.15 -25.32 8.52
N PRO C 674 -32.46 -24.50 7.70
CA PRO C 674 -32.82 -23.08 7.72
C PRO C 674 -34.27 -22.75 7.34
N ASN C 675 -34.88 -23.52 6.44
CA ASN C 675 -36.27 -23.26 6.04
C ASN C 675 -37.27 -23.58 7.18
N MET C 676 -36.96 -24.61 7.96
CA MET C 676 -37.79 -24.93 9.12
C MET C 676 -37.60 -23.87 10.19
N ALA C 677 -36.36 -23.43 10.42
CA ALA C 677 -36.11 -22.35 11.37
C ALA C 677 -36.84 -21.09 10.92
N TRP C 678 -36.74 -20.79 9.63
CA TRP C 678 -37.43 -19.67 9.03
C TRP C 678 -38.92 -19.70 9.23
N ASP C 679 -39.52 -20.85 8.95
CA ASP C 679 -40.97 -20.98 9.01
C ASP C 679 -41.49 -20.71 10.42
N THR C 680 -40.81 -21.27 11.41
CA THR C 680 -41.19 -21.04 12.79
C THR C 680 -41.01 -19.56 13.14
N ILE C 681 -39.93 -18.93 12.70
CA ILE C 681 -39.75 -17.51 12.97
C ILE C 681 -40.81 -16.62 12.31
N VAL C 682 -41.19 -16.94 11.08
CA VAL C 682 -42.20 -16.14 10.38
C VAL C 682 -43.56 -16.24 11.08
N GLU C 683 -43.87 -17.38 11.68
CA GLU C 683 -45.15 -17.53 12.37
C GLU C 683 -45.18 -16.68 13.66
N GLN C 684 -44.10 -16.70 14.43
CA GLN C 684 -43.97 -15.83 15.59
C GLN C 684 -44.10 -14.36 15.21
N SER C 685 -43.17 -13.90 14.37
CA SER C 685 -43.09 -12.51 13.93
C SER C 685 -44.46 -11.95 13.53
N THR C 686 -45.11 -12.63 12.60
CA THR C 686 -46.40 -12.19 12.07
C THR C 686 -47.50 -12.05 13.14
N ALA C 687 -47.46 -12.90 14.16
CA ALA C 687 -48.43 -12.84 15.26
C ALA C 687 -48.21 -11.60 16.17
N ASN C 688 -46.97 -11.13 16.27
CA ASN C 688 -46.63 -10.00 17.15
C ASN C 688 -45.16 -9.56 17.02
N PRO C 689 -44.89 -8.32 16.55
CA PRO C 689 -43.53 -7.75 16.48
C PRO C 689 -42.69 -7.66 17.78
N THR C 690 -43.21 -8.19 18.89
CA THR C 690 -42.47 -8.24 20.16
C THR C 690 -41.23 -9.16 20.10
N LEU C 691 -41.43 -10.41 19.67
CA LEU C 691 -40.39 -11.48 19.79
C LEU C 691 -39.10 -11.17 19.05
N LEU C 692 -39.21 -10.33 18.03
CA LEU C 692 -38.08 -9.92 17.20
C LEU C 692 -37.12 -8.99 17.94
N LEU C 693 -37.59 -8.39 19.02
CA LEU C 693 -36.70 -7.61 19.90
C LEU C 693 -35.60 -8.50 20.51
N ASP C 694 -35.90 -9.81 20.61
CA ASP C 694 -34.99 -10.77 21.20
C ASP C 694 -33.72 -10.88 20.36
N SER C 695 -32.58 -10.60 20.98
CA SER C 695 -31.33 -10.64 20.29
C SER C 695 -30.95 -12.04 19.85
N GLU C 696 -31.44 -13.06 20.55
CA GLU C 696 -31.17 -14.44 20.13
C GLU C 696 -31.93 -14.75 18.84
N THR C 697 -33.14 -14.20 18.70
CA THR C 697 -33.93 -14.38 17.50
C THR C 697 -33.33 -13.60 16.31
N VAL C 698 -32.78 -12.42 16.58
CA VAL C 698 -32.21 -11.59 15.53
C VAL C 698 -30.98 -12.27 14.92
N LYS C 699 -30.17 -12.89 15.78
CA LYS C 699 -29.03 -13.66 15.34
C LYS C 699 -29.43 -14.87 14.50
N ILE C 700 -30.42 -15.61 14.98
CA ILE C 700 -30.95 -16.75 14.24
C ILE C 700 -31.38 -16.34 12.85
N ILE C 701 -32.12 -15.24 12.75
CA ILE C 701 -32.62 -14.75 11.46
C ILE C 701 -31.46 -14.40 10.52
N ALA C 702 -30.52 -13.62 11.05
CA ALA C 702 -29.35 -13.21 10.32
C ALA C 702 -28.60 -14.41 9.76
N ASN C 703 -28.45 -15.47 10.54
CA ASN C 703 -27.75 -16.65 10.07
C ASN C 703 -28.55 -17.43 9.02
N ILE C 704 -29.88 -17.41 9.10
CA ILE C 704 -30.71 -18.02 8.04
C ILE C 704 -30.47 -17.29 6.71
N ILE C 705 -30.54 -15.97 6.75
CA ILE C 705 -30.36 -15.18 5.52
CA ILE C 705 -30.36 -15.18 5.52
C ILE C 705 -28.93 -15.37 5.01
N LYS C 706 -27.97 -15.34 5.91
CA LYS C 706 -26.57 -15.56 5.50
C LYS C 706 -26.38 -16.94 4.85
N THR C 707 -27.06 -17.96 5.36
CA THR C 707 -26.99 -19.29 4.76
C THR C 707 -27.55 -19.27 3.34
N ASN C 708 -28.71 -18.61 3.16
CA ASN C 708 -29.31 -18.38 1.84
C ASN C 708 -28.33 -17.64 0.91
N VAL C 709 -27.67 -16.59 1.43
CA VAL C 709 -26.72 -15.83 0.62
C VAL C 709 -25.61 -16.75 0.17
N ALA C 710 -25.14 -17.60 1.07
CA ALA C 710 -24.01 -18.49 0.78
C ALA C 710 -24.35 -19.45 -0.37
N VAL C 711 -25.52 -20.06 -0.28
CA VAL C 711 -25.98 -21.00 -1.28
C VAL C 711 -26.28 -20.28 -2.60
N CYS C 712 -26.86 -19.08 -2.51
CA CYS C 712 -27.13 -18.29 -3.71
C CYS C 712 -25.84 -17.97 -4.47
N THR C 713 -24.76 -17.76 -3.72
CA THR C 713 -23.50 -17.33 -4.29
C THR C 713 -22.96 -18.38 -5.25
N SER C 714 -23.09 -19.66 -4.87
CA SER C 714 -22.55 -20.73 -5.67
C SER C 714 -23.59 -21.27 -6.61
N MET C 715 -24.88 -21.10 -6.32
CA MET C 715 -25.91 -21.63 -7.22
C MET C 715 -26.38 -20.62 -8.25
N GLY C 716 -26.31 -19.32 -7.93
CA GLY C 716 -26.73 -18.28 -8.87
C GLY C 716 -28.14 -18.43 -9.42
N ALA C 717 -28.26 -18.53 -10.73
CA ALA C 717 -29.57 -18.65 -11.35
C ALA C 717 -30.37 -19.82 -10.81
N ASP C 718 -29.69 -20.89 -10.42
CA ASP C 718 -30.39 -22.09 -9.94
C ASP C 718 -31.03 -21.90 -8.58
N PHE C 719 -30.69 -20.83 -7.86
CA PHE C 719 -31.20 -20.59 -6.52
C PHE C 719 -32.67 -20.12 -6.48
N TYR C 720 -33.21 -19.70 -7.62
CA TYR C 720 -34.55 -19.06 -7.66
C TYR C 720 -35.69 -19.75 -6.89
N PRO C 721 -35.83 -21.08 -7.01
CA PRO C 721 -36.93 -21.69 -6.24
C PRO C 721 -36.80 -21.44 -4.74
N GLN C 722 -35.59 -21.51 -4.20
CA GLN C 722 -35.41 -21.23 -2.79
C GLN C 722 -35.73 -19.78 -2.49
N LEU C 723 -35.35 -18.87 -3.40
CA LEU C 723 -35.62 -17.45 -3.16
C LEU C 723 -37.13 -17.23 -3.10
N GLY C 724 -37.84 -17.88 -4.00
CA GLY C 724 -39.28 -17.82 -4.07
C GLY C 724 -39.98 -18.34 -2.82
N HIS C 725 -39.39 -19.34 -2.18
CA HIS C 725 -39.95 -19.87 -0.94
C HIS C 725 -39.96 -18.86 0.18
N ILE C 726 -38.98 -17.95 0.21
CA ILE C 726 -38.88 -17.03 1.33
C ILE C 726 -39.17 -15.57 0.97
N TYR C 727 -39.37 -15.25 -0.32
CA TYR C 727 -39.24 -13.87 -0.80
C TYR C 727 -40.23 -12.92 -0.13
N TYR C 728 -41.51 -13.25 -0.20
CA TYR C 728 -42.54 -12.35 0.31
C TYR C 728 -42.41 -12.21 1.82
N ASN C 729 -42.25 -13.30 2.53
CA ASN C 729 -42.09 -13.19 3.96
C ASN C 729 -40.81 -12.44 4.31
N MET C 730 -39.75 -12.64 3.52
CA MET C 730 -38.51 -11.94 3.76
C MET C 730 -38.66 -10.41 3.67
N LEU C 731 -39.38 -9.92 2.66
CA LEU C 731 -39.56 -8.47 2.48
C LEU C 731 -40.46 -7.89 3.56
N GLN C 732 -41.41 -8.71 4.03
CA GLN C 732 -42.24 -8.31 5.16
C GLN C 732 -41.36 -8.19 6.41
N LEU C 733 -40.49 -9.16 6.63
CA LEU C 733 -39.51 -9.07 7.72
C LEU C 733 -38.65 -7.81 7.59
N TYR C 734 -38.19 -7.49 6.38
CA TYR C 734 -37.42 -6.27 6.14
C TYR C 734 -38.19 -5.03 6.65
N ARG C 735 -39.49 -4.98 6.38
CA ARG C 735 -40.34 -3.90 6.89
C ARG C 735 -40.44 -3.89 8.42
N ALA C 736 -40.72 -5.04 9.02
CA ALA C 736 -40.90 -5.14 10.46
C ALA C 736 -39.63 -4.69 11.20
N VAL C 737 -38.45 -5.17 10.74
CA VAL C 737 -37.17 -4.79 11.34
CA VAL C 737 -37.19 -4.77 11.37
C VAL C 737 -36.90 -3.28 11.13
N SER C 738 -37.21 -2.78 9.94
CA SER C 738 -37.11 -1.35 9.68
C SER C 738 -37.92 -0.51 10.69
N SER C 739 -39.17 -0.89 10.92
CA SER C 739 -39.98 -0.21 11.93
C SER C 739 -39.30 -0.24 13.29
N MET C 740 -38.74 -1.40 13.66
CA MET C 740 -38.06 -1.50 14.97
C MET C 740 -36.87 -0.56 15.08
N ILE C 741 -36.07 -0.48 14.02
CA ILE C 741 -34.90 0.38 14.01
C ILE C 741 -35.35 1.83 14.22
N SER C 742 -36.28 2.28 13.40
CA SER C 742 -36.85 3.62 13.54
C SER C 742 -37.43 3.86 14.95
N ALA C 743 -38.15 2.88 15.49
CA ALA C 743 -38.73 3.05 16.81
C ALA C 743 -37.62 3.26 17.84
N GLN C 744 -36.57 2.48 17.72
CA GLN C 744 -35.48 2.54 18.67
C GLN C 744 -34.72 3.88 18.60
N VAL C 745 -34.52 4.39 17.40
CA VAL C 745 -33.87 5.69 17.22
C VAL C 745 -34.76 6.76 17.83
N ALA C 746 -36.07 6.61 17.66
CA ALA C 746 -37.01 7.58 18.23
C ALA C 746 -36.93 7.61 19.75
N ALA C 747 -36.96 6.42 20.36
CA ALA C 747 -36.96 6.30 21.83
C ALA C 747 -35.59 6.55 22.46
N GLU C 748 -34.50 6.35 21.73
CA GLU C 748 -33.17 6.38 22.36
C GLU C 748 -32.23 7.43 21.80
N GLY C 749 -32.54 7.99 20.64
CA GLY C 749 -31.62 8.92 19.99
C GLY C 749 -30.74 8.20 18.99
N LEU C 750 -29.97 8.98 18.22
CA LEU C 750 -29.02 8.45 17.21
C LEU C 750 -28.06 7.39 17.77
N ILE C 751 -27.70 7.55 19.06
CA ILE C 751 -26.82 6.59 19.74
C ILE C 751 -27.36 5.17 19.66
N ALA C 752 -28.65 5.01 19.40
CA ALA C 752 -29.25 3.69 19.26
C ALA C 752 -28.60 2.88 18.12
N THR C 753 -28.17 3.58 17.06
CA THR C 753 -27.57 2.92 15.91
C THR C 753 -26.27 2.20 16.25
N LYS C 754 -25.65 2.60 17.36
CA LYS C 754 -24.44 1.92 17.85
C LYS C 754 -24.69 0.66 18.66
N THR C 755 -25.91 0.48 19.16
CA THR C 755 -26.22 -0.63 20.08
C THR C 755 -26.17 -2.01 19.39
N PRO C 756 -25.85 -3.05 20.15
CA PRO C 756 -25.92 -4.39 19.59
C PRO C 756 -27.27 -4.73 18.97
N LYS C 757 -28.36 -4.37 19.63
CA LYS C 757 -29.71 -4.68 19.09
C LYS C 757 -29.91 -4.06 17.71
N VAL C 758 -29.65 -2.76 17.57
CA VAL C 758 -29.91 -2.10 16.31
C VAL C 758 -28.92 -2.58 15.23
N ARG C 759 -27.65 -2.76 15.58
CA ARG C 759 -26.68 -3.31 14.63
C ARG C 759 -27.14 -4.69 14.14
N GLY C 760 -27.66 -5.51 15.06
CA GLY C 760 -28.23 -6.81 14.72
C GLY C 760 -29.43 -6.71 13.77
N LEU C 761 -30.28 -5.72 14.01
CA LEU C 761 -31.45 -5.50 13.16
C LEU C 761 -31.03 -5.04 11.77
N ARG C 762 -30.05 -4.15 11.72
CA ARG C 762 -29.55 -3.68 10.43
C ARG C 762 -28.81 -4.78 9.67
N THR C 763 -28.08 -5.64 10.38
CA THR C 763 -27.50 -6.81 9.73
C THR C 763 -28.56 -7.62 8.97
N ILE C 764 -29.75 -7.81 9.55
CA ILE C 764 -30.81 -8.49 8.83
C ILE C 764 -31.13 -7.77 7.52
N LYS C 765 -31.31 -6.46 7.59
CA LYS C 765 -31.61 -5.68 6.39
C LYS C 765 -30.51 -5.81 5.33
N LYS C 766 -29.26 -5.72 5.77
CA LYS C 766 -28.11 -5.77 4.88
C LYS C 766 -28.00 -7.12 4.20
N GLU C 767 -28.14 -8.18 4.97
CA GLU C 767 -28.10 -9.54 4.41
C GLU C 767 -29.23 -9.81 3.41
N ILE C 768 -30.42 -9.31 3.71
CA ILE C 768 -31.54 -9.38 2.76
C ILE C 768 -31.18 -8.64 1.46
N LEU C 769 -30.71 -7.41 1.58
CA LEU C 769 -30.28 -6.67 0.41
C LEU C 769 -29.20 -7.47 -0.35
N LYS C 770 -28.25 -8.04 0.39
CA LYS C 770 -27.16 -8.82 -0.23
C LYS C 770 -27.69 -10.05 -0.96
N LEU C 771 -28.69 -10.71 -0.39
CA LEU C 771 -29.26 -11.89 -1.03
C LEU C 771 -29.89 -11.53 -2.36
N VAL C 772 -30.63 -10.43 -2.41
CA VAL C 772 -31.36 -10.05 -3.62
C VAL C 772 -30.38 -9.59 -4.69
N GLU C 773 -29.41 -8.79 -4.26
CA GLU C 773 -28.31 -8.38 -5.13
C GLU C 773 -27.56 -9.59 -5.71
N THR C 774 -27.24 -10.56 -4.86
CA THR C 774 -26.48 -11.72 -5.29
C THR C 774 -27.30 -12.47 -6.32
N TYR C 775 -28.58 -12.68 -6.04
CA TYR C 775 -29.43 -13.38 -6.99
C TYR C 775 -29.56 -12.59 -8.29
N ILE C 776 -29.93 -11.32 -8.20
CA ILE C 776 -30.17 -10.56 -9.44
C ILE C 776 -28.90 -10.47 -10.31
N SER C 777 -27.72 -10.41 -9.69
CA SER C 777 -26.48 -10.29 -10.44
C SER C 777 -26.17 -11.53 -11.25
N LYS C 778 -26.79 -12.67 -10.93
CA LYS C 778 -26.55 -13.92 -11.65
C LYS C 778 -27.77 -14.45 -12.39
N ALA C 779 -28.90 -13.76 -12.27
CA ALA C 779 -30.15 -14.25 -12.82
C ALA C 779 -30.08 -14.38 -14.33
N ARG C 780 -30.71 -15.42 -14.86
CA ARG C 780 -30.80 -15.64 -16.28
C ARG C 780 -32.20 -15.39 -16.80
N ASN C 781 -33.22 -15.54 -15.94
CA ASN C 781 -34.59 -15.16 -16.29
C ASN C 781 -34.87 -13.78 -15.74
N LEU C 782 -34.67 -12.79 -16.61
CA LEU C 782 -34.82 -11.41 -16.23
C LEU C 782 -36.28 -11.00 -16.24
N ASP C 783 -37.12 -11.72 -16.99
CA ASP C 783 -38.55 -11.43 -16.99
C ASP C 783 -39.14 -11.63 -15.59
N ASP C 784 -38.78 -12.73 -14.94
CA ASP C 784 -39.18 -12.98 -13.55
C ASP C 784 -38.61 -11.95 -12.59
N VAL C 785 -37.36 -11.53 -12.81
CA VAL C 785 -36.79 -10.50 -11.94
C VAL C 785 -37.72 -9.28 -11.94
N VAL C 786 -38.09 -8.83 -13.14
CA VAL C 786 -38.88 -7.63 -13.32
C VAL C 786 -40.33 -7.84 -12.81
N LYS C 787 -40.92 -8.98 -13.18
CA LYS C 787 -42.34 -9.24 -12.92
CA LYS C 787 -42.33 -9.21 -12.91
C LYS C 787 -42.61 -9.68 -11.48
N VAL C 788 -41.66 -10.39 -10.87
CA VAL C 788 -41.91 -10.97 -9.54
C VAL C 788 -41.13 -10.26 -8.45
N LEU C 789 -39.85 -9.99 -8.70
CA LEU C 789 -38.96 -9.51 -7.65
C LEU C 789 -38.93 -7.97 -7.45
N VAL C 790 -38.92 -7.18 -8.53
CA VAL C 790 -38.53 -5.76 -8.43
C VAL C 790 -39.53 -4.85 -7.74
N GLU C 791 -40.82 -5.01 -8.03
CA GLU C 791 -41.82 -4.11 -7.45
CA GLU C 791 -41.84 -4.12 -7.46
C GLU C 791 -41.93 -4.28 -5.94
N PRO C 792 -42.01 -5.52 -5.46
CA PRO C 792 -41.99 -5.63 -4.01
C PRO C 792 -40.67 -5.15 -3.36
N LEU C 793 -39.53 -5.38 -4.03
CA LEU C 793 -38.25 -4.90 -3.53
C LEU C 793 -38.26 -3.38 -3.39
N LEU C 794 -38.64 -2.70 -4.46
CA LEU C 794 -38.64 -1.24 -4.44
C LEU C 794 -39.60 -0.75 -3.38
N ASN C 795 -40.77 -1.38 -3.33
CA ASN C 795 -41.79 -1.00 -2.36
C ASN C 795 -41.27 -1.14 -0.91
N ALA C 796 -40.59 -2.23 -0.62
CA ALA C 796 -40.04 -2.47 0.71
C ALA C 796 -38.82 -1.59 1.07
N VAL C 797 -38.00 -1.17 0.12
CA VAL C 797 -36.71 -0.55 0.48
C VAL C 797 -36.58 0.96 0.22
N LEU C 798 -37.24 1.48 -0.81
CA LEU C 798 -36.97 2.85 -1.24
C LEU C 798 -37.43 3.90 -0.25
N GLU C 799 -38.69 3.81 0.13
CA GLU C 799 -39.29 4.79 0.99
C GLU C 799 -38.67 4.73 2.37
N ASP C 800 -38.47 3.52 2.86
CA ASP C 800 -37.74 3.30 4.11
C ASP C 800 -36.37 4.00 4.14
N TYR C 801 -35.65 3.97 3.02
CA TYR C 801 -34.35 4.65 2.92
C TYR C 801 -34.60 6.14 2.95
N MET C 802 -35.48 6.60 2.07
CA MET C 802 -35.79 8.03 1.96
C MET C 802 -36.22 8.63 3.28
N ASN C 803 -37.00 7.89 4.06
CA ASN C 803 -37.65 8.46 5.25
C ASN C 803 -37.00 8.18 6.61
N ASN C 804 -35.85 7.50 6.61
CA ASN C 804 -35.02 7.37 7.83
C ASN C 804 -34.09 8.58 7.95
N VAL C 805 -33.69 8.90 9.17
CA VAL C 805 -32.65 9.88 9.37
C VAL C 805 -31.35 9.37 8.69
N PRO C 806 -30.45 10.29 8.33
CA PRO C 806 -29.20 9.92 7.67
C PRO C 806 -28.41 8.75 8.29
N ASP C 807 -28.17 8.77 9.59
CA ASP C 807 -27.46 7.70 10.28
C ASP C 807 -28.14 6.33 10.28
N ALA C 808 -29.39 6.24 9.85
CA ALA C 808 -30.07 4.96 9.86
C ALA C 808 -30.22 4.40 8.45
N ARG C 809 -29.81 5.16 7.46
CA ARG C 809 -29.82 4.70 6.06
C ARG C 809 -28.66 3.75 5.74
N ASP C 810 -28.98 2.62 5.13
CA ASP C 810 -28.00 1.62 4.74
C ASP C 810 -27.49 1.88 3.32
N ALA C 811 -26.17 2.02 3.19
CA ALA C 811 -25.56 2.26 1.87
C ALA C 811 -25.76 1.06 0.97
N GLU C 812 -25.97 -0.10 1.58
CA GLU C 812 -26.27 -1.31 0.84
C GLU C 812 -27.56 -1.23 -0.02
N VAL C 813 -28.47 -0.32 0.32
CA VAL C 813 -29.66 -0.11 -0.51
C VAL C 813 -29.18 0.40 -1.85
N LEU C 814 -28.30 1.39 -1.82
CA LEU C 814 -27.76 1.94 -3.05
C LEU C 814 -27.03 0.84 -3.83
N ASN C 815 -26.29 -0.01 -3.12
CA ASN C 815 -25.55 -1.09 -3.78
C ASN C 815 -26.51 -2.06 -4.44
N CYS C 816 -27.57 -2.45 -3.73
CA CYS C 816 -28.56 -3.35 -4.33
C CYS C 816 -29.16 -2.76 -5.61
N MET C 817 -29.49 -1.47 -5.55
CA MET C 817 -30.15 -0.78 -6.66
C MET C 817 -29.26 -0.67 -7.89
N THR C 818 -27.96 -0.51 -7.66
CA THR C 818 -27.01 -0.47 -8.77
C THR C 818 -27.13 -1.75 -9.57
N THR C 819 -27.07 -2.88 -8.89
CA THR C 819 -27.23 -4.18 -9.56
C THR C 819 -28.61 -4.30 -10.21
N VAL C 820 -29.67 -3.85 -9.52
CA VAL C 820 -30.99 -3.88 -10.16
C VAL C 820 -30.92 -3.11 -11.49
N VAL C 821 -30.36 -1.89 -11.45
CA VAL C 821 -30.35 -1.05 -12.66
C VAL C 821 -29.46 -1.67 -13.74
N GLU C 822 -28.29 -2.16 -13.31
CA GLU C 822 -27.37 -2.81 -14.22
C GLU C 822 -28.04 -3.93 -15.02
N LYS C 823 -28.82 -4.78 -14.35
CA LYS C 823 -29.35 -6.00 -14.98
C LYS C 823 -30.65 -5.85 -15.69
N VAL C 824 -31.56 -5.06 -15.15
CA VAL C 824 -32.87 -4.91 -15.74
C VAL C 824 -33.36 -3.46 -15.90
N GLY C 825 -32.46 -2.49 -15.72
CA GLY C 825 -32.83 -1.08 -15.75
C GLY C 825 -33.57 -0.72 -17.03
N HIS C 826 -33.06 -1.25 -18.15
CA HIS C 826 -33.67 -1.03 -19.45
C HIS C 826 -35.12 -1.49 -19.51
N MET C 827 -35.49 -2.46 -18.67
CA MET C 827 -36.87 -2.98 -18.66
C MET C 827 -37.79 -2.25 -17.67
N ILE C 828 -37.25 -1.37 -16.83
CA ILE C 828 -38.04 -0.74 -15.76
C ILE C 828 -37.84 0.79 -15.64
N PRO C 829 -38.11 1.52 -16.72
CA PRO C 829 -37.86 2.95 -16.71
C PRO C 829 -38.56 3.71 -15.59
N GLN C 830 -39.80 3.34 -15.26
CA GLN C 830 -40.50 4.01 -14.15
C GLN C 830 -39.86 3.60 -12.82
N GLY C 831 -39.44 2.34 -12.75
CA GLY C 831 -38.69 1.85 -11.60
C GLY C 831 -37.42 2.62 -11.33
N VAL C 832 -36.68 2.95 -12.39
CA VAL C 832 -35.45 3.71 -12.28
C VAL C 832 -35.75 5.12 -11.80
N ILE C 833 -36.83 5.70 -12.31
CA ILE C 833 -37.25 7.03 -11.90
C ILE C 833 -37.56 7.01 -10.41
N LEU C 834 -38.21 5.95 -9.97
CA LEU C 834 -38.61 5.83 -8.57
C LEU C 834 -37.37 5.75 -7.71
N ILE C 835 -36.36 4.97 -8.15
CA ILE C 835 -35.09 4.90 -7.44
C ILE C 835 -34.43 6.26 -7.27
N LEU C 836 -34.31 7.01 -8.35
CA LEU C 836 -33.71 8.34 -8.25
C LEU C 836 -34.48 9.20 -7.25
N GLN C 837 -35.82 9.21 -7.36
CA GLN C 837 -36.62 10.08 -6.54
C GLN C 837 -36.36 9.78 -5.07
N SER C 838 -36.26 8.49 -4.74
CA SER C 838 -36.16 8.09 -3.36
C SER C 838 -34.75 8.29 -2.74
N VAL C 839 -33.68 8.22 -3.55
CA VAL C 839 -32.32 8.26 -2.98
C VAL C 839 -31.42 9.42 -3.41
N PHE C 840 -31.78 10.10 -4.50
CA PHE C 840 -30.85 11.03 -5.11
C PHE C 840 -30.62 12.23 -4.23
N GLU C 841 -31.65 13.05 -4.01
CA GLU C 841 -31.45 14.27 -3.24
C GLU C 841 -31.07 14.02 -1.79
N CYS C 842 -31.63 12.99 -1.17
CA CYS C 842 -31.36 12.79 0.26
C CYS C 842 -29.94 12.26 0.42
N THR C 843 -29.46 11.45 -0.50
CA THR C 843 -28.08 10.99 -0.39
C THR C 843 -27.08 12.11 -0.74
N LEU C 844 -27.35 12.86 -1.78
CA LEU C 844 -26.52 14.00 -2.09
C LEU C 844 -26.35 14.90 -0.88
N ASP C 845 -27.44 15.18 -0.15
CA ASP C 845 -27.36 16.08 1.00
C ASP C 845 -26.54 15.53 2.19
N MET C 846 -26.41 14.21 2.28
CA MET C 846 -25.51 13.57 3.23
C MET C 846 -24.01 13.79 2.89
N ILE C 847 -23.68 13.80 1.60
CA ILE C 847 -22.29 13.72 1.19
C ILE C 847 -21.71 15.03 0.62
N ASN C 848 -22.50 16.09 0.60
CA ASN C 848 -22.07 17.32 -0.05
C ASN C 848 -21.67 18.46 0.91
N LYS C 849 -21.37 18.12 2.16
CA LYS C 849 -20.87 19.08 3.15
C LYS C 849 -19.36 18.94 3.38
N ASP C 850 -18.82 17.76 3.10
CA ASP C 850 -17.38 17.52 3.17
C ASP C 850 -17.12 16.28 2.36
N PHE C 851 -15.85 15.86 2.30
CA PHE C 851 -15.45 14.72 1.47
C PHE C 851 -15.33 13.42 2.24
N THR C 852 -15.61 13.44 3.54
CA THR C 852 -15.34 12.31 4.43
C THR C 852 -16.56 11.66 5.10
N GLU C 853 -17.60 12.41 5.42
CA GLU C 853 -18.72 11.79 6.12
C GLU C 853 -19.47 10.80 5.19
N TYR C 854 -19.94 9.70 5.75
CA TYR C 854 -20.72 8.68 5.01
C TYR C 854 -19.98 8.14 3.81
N PRO C 855 -18.76 7.61 4.06
CA PRO C 855 -17.87 7.16 2.98
C PRO C 855 -18.45 6.06 2.11
N GLU C 856 -19.18 5.12 2.69
CA GLU C 856 -19.78 4.06 1.88
C GLU C 856 -20.90 4.59 0.98
N HIS C 857 -21.75 5.47 1.54
CA HIS C 857 -22.86 6.08 0.80
C HIS C 857 -22.32 6.83 -0.38
N ARG C 858 -21.23 7.53 -0.14
CA ARG C 858 -20.52 8.31 -1.15
C ARG C 858 -20.11 7.41 -2.31
N VAL C 859 -19.43 6.32 -2.00
CA VAL C 859 -18.97 5.41 -3.01
C VAL C 859 -20.14 4.75 -3.74
N GLU C 860 -21.09 4.20 -3.01
CA GLU C 860 -22.22 3.55 -3.66
C GLU C 860 -23.11 4.54 -4.46
N PHE C 861 -23.26 5.77 -3.95
CA PHE C 861 -24.03 6.82 -4.63
C PHE C 861 -23.56 7.01 -6.07
N TYR C 862 -22.25 7.17 -6.27
CA TYR C 862 -21.75 7.49 -7.61
C TYR C 862 -21.72 6.26 -8.51
N LYS C 863 -21.56 5.09 -7.93
CA LYS C 863 -21.76 3.87 -8.72
C LYS C 863 -23.20 3.76 -9.24
N LEU C 864 -24.19 4.16 -8.42
CA LEU C 864 -25.58 4.09 -8.88
C LEU C 864 -25.85 5.11 -9.99
N LEU C 865 -25.43 6.35 -9.77
CA LEU C 865 -25.59 7.39 -10.79
C LEU C 865 -24.92 7.00 -12.10
N LYS C 866 -23.76 6.33 -12.00
CA LYS C 866 -23.06 5.88 -13.19
C LYS C 866 -23.86 4.87 -14.01
N VAL C 867 -24.36 3.82 -13.38
CA VAL C 867 -25.10 2.82 -14.12
C VAL C 867 -26.44 3.38 -14.62
N ILE C 868 -27.07 4.26 -13.86
CA ILE C 868 -28.30 4.92 -14.34
C ILE C 868 -28.01 5.77 -15.56
N ASN C 869 -26.91 6.52 -15.52
CA ASN C 869 -26.48 7.34 -16.65
C ASN C 869 -26.13 6.46 -17.87
N GLU C 870 -25.52 5.30 -17.63
CA GLU C 870 -25.25 4.30 -18.70
C GLU C 870 -26.50 3.65 -19.28
N LYS C 871 -27.36 3.10 -18.42
CA LYS C 871 -28.44 2.20 -18.89
C LYS C 871 -29.82 2.84 -19.00
N SER C 872 -30.03 3.95 -18.30
CA SER C 872 -31.36 4.55 -18.23
C SER C 872 -31.29 6.05 -18.21
N PHE C 873 -30.57 6.59 -19.17
CA PHE C 873 -30.37 8.04 -19.24
C PHE C 873 -31.68 8.81 -19.22
N ALA C 874 -32.74 8.22 -19.77
CA ALA C 874 -34.06 8.84 -19.79
C ALA C 874 -34.52 9.26 -18.39
N ALA C 875 -34.14 8.48 -17.38
CA ALA C 875 -34.47 8.84 -16.01
C ALA C 875 -33.98 10.25 -15.68
N PHE C 876 -32.80 10.62 -16.18
CA PHE C 876 -32.28 11.95 -15.90
C PHE C 876 -33.01 13.03 -16.71
N LEU C 877 -33.45 12.69 -17.91
CA LEU C 877 -34.26 13.60 -18.74
C LEU C 877 -35.58 13.99 -18.09
N GLU C 878 -36.20 13.07 -17.36
CA GLU C 878 -37.48 13.37 -16.70
C GLU C 878 -37.31 14.20 -15.44
N LEU C 879 -36.07 14.35 -14.96
CA LEU C 879 -35.86 15.15 -13.74
C LEU C 879 -36.34 16.59 -13.97
N PRO C 880 -36.88 17.23 -12.92
CA PRO C 880 -37.10 18.66 -13.06
C PRO C 880 -35.76 19.41 -13.14
N PRO C 881 -35.72 20.53 -13.88
CA PRO C 881 -34.49 21.29 -14.06
C PRO C 881 -33.70 21.52 -12.78
N ALA C 882 -34.37 21.83 -11.67
CA ALA C 882 -33.65 22.07 -10.41
C ALA C 882 -32.84 20.84 -10.01
N ALA C 883 -33.46 19.66 -10.21
CA ALA C 883 -32.86 18.40 -9.81
C ALA C 883 -31.74 17.99 -10.77
N PHE C 884 -31.94 18.23 -12.06
CA PHE C 884 -30.89 18.02 -13.03
C PHE C 884 -29.65 18.91 -12.71
N LYS C 885 -29.86 20.12 -12.21
CA LYS C 885 -28.78 21.01 -11.81
C LYS C 885 -28.02 20.40 -10.64
N LEU C 886 -28.76 19.81 -9.71
CA LEU C 886 -28.12 19.11 -8.59
C LEU C 886 -27.29 17.94 -9.10
N PHE C 887 -27.76 17.30 -10.17
CA PHE C 887 -27.04 16.19 -10.77
C PHE C 887 -25.69 16.68 -11.30
N VAL C 888 -25.70 17.77 -12.07
CA VAL C 888 -24.47 18.34 -12.58
C VAL C 888 -23.57 18.72 -11.42
N ASP C 889 -24.11 19.41 -10.41
CA ASP C 889 -23.32 19.73 -9.20
C ASP C 889 -22.71 18.47 -8.61
N ALA C 890 -23.50 17.40 -8.52
CA ALA C 890 -23.05 16.14 -7.92
C ALA C 890 -21.80 15.55 -8.62
N ILE C 891 -21.83 15.61 -9.94
CA ILE C 891 -20.76 15.08 -10.77
C ILE C 891 -19.48 15.90 -10.54
N CYS C 892 -19.59 17.22 -10.54
CA CYS C 892 -18.42 18.07 -10.35
C CYS C 892 -17.86 17.91 -8.95
N TRP C 893 -18.75 17.78 -7.97
CA TRP C 893 -18.35 17.42 -6.61
C TRP C 893 -17.53 16.14 -6.58
N ALA C 894 -17.95 15.14 -7.32
CA ALA C 894 -17.25 13.87 -7.40
C ALA C 894 -15.79 14.07 -7.85
N PHE C 895 -15.59 14.85 -8.93
CA PHE C 895 -14.21 14.89 -9.36
CA PHE C 895 -14.29 15.29 -9.51
C PHE C 895 -13.31 15.77 -8.48
N LYS C 896 -13.86 16.46 -7.49
CA LYS C 896 -13.01 17.13 -6.50
C LYS C 896 -12.61 16.24 -5.35
N HIS C 897 -13.06 14.99 -5.35
CA HIS C 897 -12.62 14.05 -4.34
C HIS C 897 -11.22 13.59 -4.65
N ASN C 898 -10.50 13.19 -3.62
CA ASN C 898 -9.24 12.50 -3.78
C ASN C 898 -9.42 11.01 -3.71
N ASN C 899 -10.41 10.58 -2.94
CA ASN C 899 -10.87 9.21 -2.94
C ASN C 899 -11.08 8.74 -4.38
N ARG C 900 -10.24 7.79 -4.81
CA ARG C 900 -10.26 7.30 -6.19
C ARG C 900 -11.56 6.66 -6.62
N ASP C 901 -12.24 6.00 -5.69
CA ASP C 901 -13.51 5.36 -5.98
C ASP C 901 -14.49 6.41 -6.52
N VAL C 902 -14.59 7.54 -5.81
CA VAL C 902 -15.51 8.63 -6.20
C VAL C 902 -15.03 9.39 -7.43
N GLU C 903 -13.77 9.84 -7.39
CA GLU C 903 -13.19 10.66 -8.48
C GLU C 903 -13.33 9.99 -9.84
N VAL C 904 -12.95 8.72 -9.90
CA VAL C 904 -12.95 8.02 -11.17
C VAL C 904 -14.38 7.97 -11.74
N ASN C 905 -15.34 7.58 -10.90
CA ASN C 905 -16.74 7.52 -11.37
C ASN C 905 -17.26 8.91 -11.73
N GLY C 906 -16.87 9.90 -10.94
CA GLY C 906 -17.15 11.31 -11.25
C GLY C 906 -16.76 11.70 -12.65
N LEU C 907 -15.54 11.34 -13.04
CA LEU C 907 -15.05 11.66 -14.38
C LEU C 907 -15.73 10.82 -15.46
N GLN C 908 -16.02 9.57 -15.17
CA GLN C 908 -16.69 8.71 -16.16
C GLN C 908 -18.13 9.18 -16.39
N ILE C 909 -18.82 9.52 -15.31
CA ILE C 909 -20.20 9.97 -15.44
C ILE C 909 -20.22 11.19 -16.36
N ALA C 910 -19.30 12.13 -16.11
CA ALA C 910 -19.24 13.39 -16.87
C ALA C 910 -19.00 13.09 -18.34
N LEU C 911 -18.06 12.21 -18.61
CA LEU C 911 -17.78 11.79 -19.97
C LEU C 911 -19.02 11.17 -20.60
N ASP C 912 -19.63 10.22 -19.90
CA ASP C 912 -20.82 9.51 -20.41
C ASP C 912 -22.01 10.44 -20.62
N LEU C 913 -22.19 11.36 -19.69
CA LEU C 913 -23.21 12.40 -19.83
C LEU C 913 -23.04 13.22 -21.12
N VAL C 914 -21.81 13.65 -21.39
CA VAL C 914 -21.53 14.45 -22.57
C VAL C 914 -21.87 13.65 -23.84
N LYS C 915 -21.43 12.39 -23.85
CA LYS C 915 -21.81 11.46 -24.91
C LYS C 915 -23.32 11.32 -25.01
N ASN C 916 -24.01 11.06 -23.90
CA ASN C 916 -25.49 10.95 -23.93
C ASN C 916 -26.17 12.20 -24.52
N ILE C 917 -25.69 13.38 -24.13
CA ILE C 917 -26.22 14.64 -24.68
C ILE C 917 -25.93 14.76 -26.16
N GLU C 918 -24.71 14.38 -26.56
CA GLU C 918 -24.32 14.44 -27.97
C GLU C 918 -25.22 13.55 -28.80
N ARG C 919 -25.48 12.34 -28.29
CA ARG C 919 -26.34 11.36 -28.96
C ARG C 919 -27.75 11.86 -29.30
N MET C 920 -28.28 12.79 -28.50
CA MET C 920 -29.62 13.33 -28.74
C MET C 920 -29.63 14.22 -29.99
N GLY C 921 -28.49 14.78 -30.33
CA GLY C 921 -28.39 15.65 -31.48
C GLY C 921 -29.11 16.96 -31.26
N ASN C 922 -29.41 17.66 -32.34
CA ASN C 922 -29.92 19.01 -32.25
C ASN C 922 -31.37 19.02 -31.79
N VAL C 923 -31.56 18.97 -30.47
CA VAL C 923 -32.91 19.08 -29.89
C VAL C 923 -32.83 19.98 -28.66
N PRO C 924 -33.96 20.55 -28.22
CA PRO C 924 -33.94 21.56 -27.17
C PRO C 924 -33.25 21.19 -25.88
N PHE C 925 -33.33 19.92 -25.48
CA PHE C 925 -32.69 19.50 -24.24
C PHE C 925 -31.16 19.58 -24.40
N ALA C 926 -30.64 19.15 -25.54
CA ALA C 926 -29.21 19.21 -25.83
C ALA C 926 -28.70 20.64 -25.85
N ASN C 927 -29.47 21.51 -26.48
CA ASN C 927 -29.06 22.90 -26.65
C ASN C 927 -29.05 23.60 -25.32
N GLU C 928 -30.06 23.34 -24.49
CA GLU C 928 -30.13 23.94 -23.16
C GLU C 928 -29.07 23.36 -22.25
N PHE C 929 -28.70 22.10 -22.48
CA PHE C 929 -27.66 21.49 -21.68
C PHE C 929 -26.36 22.25 -21.88
N HIS C 930 -26.00 22.46 -23.14
CA HIS C 930 -24.76 23.15 -23.47
C HIS C 930 -24.76 24.56 -23.03
N LYS C 931 -25.88 25.27 -23.25
CA LYS C 931 -25.99 26.65 -22.80
C LYS C 931 -25.83 26.76 -21.29
N ASN C 932 -26.40 25.84 -20.54
CA ASN C 932 -26.37 25.90 -19.08
C ASN C 932 -25.10 25.36 -18.44
N TYR C 933 -24.49 24.37 -19.06
CA TYR C 933 -23.52 23.50 -18.38
C TYR C 933 -22.17 23.27 -19.07
N PHE C 934 -22.06 23.52 -20.37
CA PHE C 934 -20.79 23.34 -21.09
C PHE C 934 -19.62 24.02 -20.39
N PHE C 935 -19.73 25.31 -20.13
CA PHE C 935 -18.61 26.03 -19.52
C PHE C 935 -18.39 25.67 -18.07
N ILE C 936 -19.44 25.22 -17.39
CA ILE C 936 -19.26 24.72 -16.04
C ILE C 936 -18.39 23.45 -16.07
N PHE C 937 -18.58 22.59 -17.05
CA PHE C 937 -17.78 21.38 -17.14
C PHE C 937 -16.32 21.67 -17.57
N VAL C 938 -16.15 22.62 -18.48
CA VAL C 938 -14.83 23.03 -18.90
C VAL C 938 -14.05 23.64 -17.73
N SER C 939 -14.65 24.55 -17.00
CA SER C 939 -13.98 25.25 -15.91
C SER C 939 -13.70 24.32 -14.75
N GLU C 940 -14.65 23.44 -14.43
CA GLU C 940 -14.47 22.53 -13.30
C GLU C 940 -13.37 21.51 -13.60
N THR C 941 -13.32 21.06 -14.85
CA THR C 941 -12.28 20.14 -15.30
C THR C 941 -10.90 20.80 -15.26
N PHE C 942 -10.79 22.01 -15.82
CA PHE C 942 -9.56 22.79 -15.68
C PHE C 942 -9.12 23.00 -14.23
N PHE C 943 -10.08 23.26 -13.35
CA PHE C 943 -9.77 23.47 -11.96
C PHE C 943 -9.06 22.27 -11.30
N VAL C 944 -9.59 21.06 -11.48
CA VAL C 944 -8.97 19.87 -10.88
C VAL C 944 -7.66 19.53 -11.60
N LEU C 945 -7.58 19.83 -12.89
CA LEU C 945 -6.33 19.68 -13.66
C LEU C 945 -5.20 20.54 -13.10
N THR C 946 -5.50 21.74 -12.63
CA THR C 946 -4.46 22.72 -12.32
C THR C 946 -4.21 22.98 -10.84
N ASP C 947 -4.95 22.34 -9.94
CA ASP C 947 -4.82 22.69 -8.52
C ASP C 947 -3.78 21.88 -7.76
N SER C 948 -3.14 20.92 -8.42
CA SER C 948 -2.15 20.07 -7.76
C SER C 948 -2.69 19.09 -6.73
N ASP C 949 -4.01 19.01 -6.53
CA ASP C 949 -4.53 18.13 -5.49
C ASP C 949 -5.29 16.96 -6.08
N HIS C 950 -5.28 16.84 -7.41
CA HIS C 950 -5.98 15.75 -8.08
C HIS C 950 -5.14 15.15 -9.18
N LYS C 951 -3.88 14.91 -8.88
CA LYS C 951 -2.96 14.44 -9.91
C LYS C 951 -3.27 13.01 -10.36
N SER C 952 -3.81 12.20 -9.46
CA SER C 952 -4.26 10.84 -9.77
C SER C 952 -5.25 10.76 -10.94
N GLY C 953 -6.05 11.81 -11.16
CA GLY C 953 -7.06 11.78 -12.22
C GLY C 953 -6.63 12.47 -13.50
N PHE C 954 -5.35 12.76 -13.64
CA PHE C 954 -4.90 13.56 -14.78
C PHE C 954 -5.41 13.00 -16.12
N SER C 955 -5.23 11.70 -16.30
CA SER C 955 -5.57 11.05 -17.56
C SER C 955 -7.01 11.25 -17.96
N LYS C 956 -7.92 11.00 -17.02
CA LYS C 956 -9.35 11.11 -17.32
C LYS C 956 -9.82 12.55 -17.37
N GLN C 957 -9.18 13.42 -16.58
CA GLN C 957 -9.48 14.85 -16.69
C GLN C 957 -9.17 15.30 -18.10
N ALA C 958 -8.00 14.88 -18.61
CA ALA C 958 -7.54 15.28 -19.94
C ALA C 958 -8.48 14.76 -21.02
N LEU C 959 -8.92 13.52 -20.86
CA LEU C 959 -9.85 12.92 -21.82
C LEU C 959 -11.17 13.72 -21.87
N LEU C 960 -11.73 14.01 -20.72
CA LEU C 960 -12.96 14.85 -20.65
C LEU C 960 -12.71 16.22 -21.28
N LEU C 961 -11.60 16.85 -20.94
CA LEU C 961 -11.35 18.17 -21.49
C LEU C 961 -11.24 18.06 -23.00
N MET C 962 -10.59 17.01 -23.47
CA MET C 962 -10.42 16.86 -24.90
C MET C 962 -11.80 16.68 -25.56
N LYS C 963 -12.65 15.87 -24.94
CA LYS C 963 -13.98 15.69 -25.49
C LYS C 963 -14.69 17.02 -25.59
N LEU C 964 -14.68 17.78 -24.50
CA LEU C 964 -15.39 19.05 -24.45
C LEU C 964 -14.89 20.02 -25.53
N ILE C 965 -13.57 20.19 -25.61
CA ILE C 965 -12.99 21.10 -26.62
C ILE C 965 -13.32 20.62 -28.03
N SER C 966 -13.30 19.30 -28.25
CA SER C 966 -13.53 18.76 -29.59
C SER C 966 -14.97 18.99 -30.06
N LEU C 967 -15.91 19.00 -29.11
CA LEU C 967 -17.30 19.29 -29.43
C LEU C 967 -17.43 20.63 -30.13
N VAL C 968 -16.62 21.62 -29.71
CA VAL C 968 -16.73 22.94 -30.31
C VAL C 968 -15.95 22.95 -31.63
N TYR C 969 -14.74 22.40 -31.58
N TYR C 969 -14.74 22.41 -31.65
CA TYR C 969 -13.85 22.27 -32.74
CA TYR C 969 -13.95 22.45 -32.87
C TYR C 969 -14.52 21.57 -33.94
C TYR C 969 -14.37 21.43 -33.94
N ASP C 970 -15.39 20.61 -33.64
CA ASP C 970 -16.14 19.87 -34.68
C ASP C 970 -17.54 20.46 -34.92
N ASN C 971 -17.81 21.66 -34.42
CA ASN C 971 -19.14 22.26 -34.54
C ASN C 971 -20.32 21.36 -34.15
N LYS C 972 -20.11 20.48 -33.18
CA LYS C 972 -21.17 19.61 -32.68
C LYS C 972 -22.12 20.32 -31.72
N ILE C 973 -21.88 21.59 -31.39
CA ILE C 973 -22.84 22.36 -30.58
C ILE C 973 -23.57 23.31 -31.51
N SER C 974 -24.88 23.13 -31.60
CA SER C 974 -25.70 23.79 -32.61
C SER C 974 -25.98 25.25 -32.30
N VAL C 975 -26.30 25.55 -31.05
CA VAL C 975 -26.56 26.94 -30.64
C VAL C 975 -25.26 27.65 -30.21
N PRO C 976 -25.27 29.00 -30.22
CA PRO C 976 -24.15 29.74 -29.67
C PRO C 976 -24.03 29.54 -28.16
N LEU C 977 -22.80 29.41 -27.69
CA LEU C 977 -22.56 29.24 -26.26
C LEU C 977 -22.57 30.58 -25.53
N TYR C 978 -22.43 31.67 -26.27
CA TYR C 978 -22.48 33.02 -25.69
C TYR C 978 -23.91 33.49 -25.70
N GLN C 979 -24.21 34.60 -25.05
CA GLN C 979 -25.58 35.10 -25.07
C GLN C 979 -25.67 36.51 -25.65
N GLU C 980 -26.76 36.73 -26.38
CA GLU C 980 -27.19 38.05 -26.89
C GLU C 980 -26.05 38.87 -27.54
N ALA C 981 -25.78 40.07 -27.02
CA ALA C 981 -24.80 40.97 -27.61
C ALA C 981 -23.49 40.96 -26.80
N GLU C 982 -23.29 39.91 -26.00
CA GLU C 982 -22.02 39.69 -25.30
C GLU C 982 -20.83 39.73 -26.26
N VAL C 983 -21.06 39.23 -27.47
CA VAL C 983 -20.08 39.21 -28.53
C VAL C 983 -20.86 39.33 -29.85
N PRO C 984 -20.22 39.85 -30.92
CA PRO C 984 -20.90 39.99 -32.21
C PRO C 984 -21.75 38.78 -32.63
N GLN C 985 -22.90 39.08 -33.23
CA GLN C 985 -23.79 38.08 -33.78
C GLN C 985 -23.08 37.26 -34.86
N GLY C 986 -23.34 35.95 -34.87
CA GLY C 986 -22.71 35.04 -35.82
C GLY C 986 -21.27 34.67 -35.49
N THR C 987 -20.77 35.16 -34.34
CA THR C 987 -19.44 34.78 -33.87
C THR C 987 -19.42 33.28 -33.63
N SER C 988 -18.39 32.59 -34.12
CA SER C 988 -18.35 31.13 -34.02
C SER C 988 -18.05 30.73 -32.58
N ASN C 989 -18.49 29.55 -32.21
CA ASN C 989 -18.24 29.03 -30.88
C ASN C 989 -16.76 28.77 -30.62
N GLN C 990 -15.97 28.50 -31.65
CA GLN C 990 -14.50 28.39 -31.49
C GLN C 990 -13.86 29.67 -30.97
N VAL C 991 -14.20 30.78 -31.62
CA VAL C 991 -13.68 32.07 -31.22
C VAL C 991 -14.13 32.36 -29.78
N TYR C 992 -15.42 32.20 -29.49
CA TYR C 992 -15.89 32.50 -28.14
C TYR C 992 -15.24 31.59 -27.07
N LEU C 993 -15.06 30.32 -27.40
CA LEU C 993 -14.41 29.35 -26.50
C LEU C 993 -12.99 29.81 -26.13
N SER C 994 -12.21 30.20 -27.14
CA SER C 994 -10.88 30.70 -26.87
C SER C 994 -10.94 31.94 -26.02
N GLN C 995 -11.88 32.82 -26.34
CA GLN C 995 -12.04 34.05 -25.58
C GLN C 995 -12.34 33.73 -24.12
N TYR C 996 -13.24 32.79 -23.91
CA TYR C 996 -13.62 32.41 -22.56
C TYR C 996 -12.42 31.86 -21.81
N LEU C 997 -11.71 30.95 -22.46
CA LEU C 997 -10.58 30.29 -21.80
C LEU C 997 -9.44 31.24 -21.51
N ALA C 998 -9.16 32.15 -22.44
CA ALA C 998 -8.06 33.08 -22.25
C ALA C 998 -8.38 33.92 -21.02
N ASN C 999 -9.64 34.34 -20.92
CA ASN C 999 -10.09 35.19 -19.82
C ASN C 999 -10.08 34.43 -18.49
N MET C 1000 -10.63 33.22 -18.51
CA MET C 1000 -10.56 32.34 -17.35
C MET C 1000 -9.12 32.14 -16.86
N LEU C 1001 -8.20 31.82 -17.78
CA LEU C 1001 -6.83 31.54 -17.38
C LEU C 1001 -6.13 32.83 -16.93
N SER C 1002 -6.40 33.93 -17.63
CA SER C 1002 -5.82 35.22 -17.26
C SER C 1002 -6.14 35.57 -15.80
N ASN C 1003 -7.41 35.42 -15.41
CA ASN C 1003 -7.81 35.75 -14.03
C ASN C 1003 -7.36 34.71 -13.01
N ALA C 1004 -7.28 33.45 -13.44
CA ALA C 1004 -6.95 32.39 -12.51
C ALA C 1004 -5.44 32.29 -12.29
N PHE C 1005 -4.67 32.67 -13.32
CA PHE C 1005 -3.19 32.60 -13.30
C PHE C 1005 -2.61 33.93 -13.78
N PRO C 1006 -2.75 34.98 -12.95
CA PRO C 1006 -2.45 36.33 -13.41
C PRO C 1006 -0.95 36.58 -13.65
N HIS C 1007 -0.10 35.65 -13.25
CA HIS C 1007 1.35 35.77 -13.50
C HIS C 1007 1.76 35.31 -14.87
N LEU C 1008 0.86 34.70 -15.65
CA LEU C 1008 1.17 34.33 -17.01
C LEU C 1008 1.04 35.55 -17.90
N THR C 1009 1.81 35.60 -18.98
CA THR C 1009 1.63 36.65 -19.99
C THR C 1009 0.44 36.28 -20.87
N SER C 1010 -0.12 37.25 -21.55
CA SER C 1010 -1.18 36.96 -22.54
C SER C 1010 -0.70 35.99 -23.61
N GLU C 1011 0.57 36.13 -24.01
CA GLU C 1011 1.12 35.28 -25.06
C GLU C 1011 1.26 33.83 -24.60
N GLN C 1012 1.70 33.62 -23.38
CA GLN C 1012 1.74 32.25 -22.86
C GLN C 1012 0.35 31.64 -22.96
N ILE C 1013 -0.66 32.39 -22.51
CA ILE C 1013 -2.04 31.88 -22.53
C ILE C 1013 -2.52 31.62 -23.94
N ALA C 1014 -2.33 32.57 -24.83
CA ALA C 1014 -2.82 32.41 -26.21
C ALA C 1014 -2.10 31.22 -26.89
N SER C 1015 -0.80 31.12 -26.69
CA SER C 1015 -0.05 30.02 -27.29
C SER C 1015 -0.48 28.68 -26.78
N PHE C 1016 -0.70 28.61 -25.46
CA PHE C 1016 -1.19 27.38 -24.82
C PHE C 1016 -2.51 26.91 -25.41
N LEU C 1017 -3.45 27.83 -25.58
CA LEU C 1017 -4.81 27.46 -26.06
C LEU C 1017 -4.79 27.10 -27.54
N SER C 1018 -3.99 27.82 -28.33
CA SER C 1018 -3.76 27.50 -29.73
CA SER C 1018 -3.80 27.48 -29.73
C SER C 1018 -3.26 26.07 -29.86
N ALA C 1019 -2.25 25.72 -29.07
CA ALA C 1019 -1.69 24.38 -29.12
C ALA C 1019 -2.75 23.36 -28.71
N LEU C 1020 -3.36 23.60 -27.56
CA LEU C 1020 -4.35 22.69 -26.99
C LEU C 1020 -5.52 22.44 -27.92
N THR C 1021 -6.07 23.50 -28.51
CA THR C 1021 -7.23 23.37 -29.40
CA THR C 1021 -7.23 23.37 -29.40
C THR C 1021 -6.89 22.60 -30.67
N LYS C 1022 -5.70 22.87 -31.22
CA LYS C 1022 -5.18 22.14 -32.38
C LYS C 1022 -5.06 20.65 -32.12
N GLN C 1023 -4.69 20.30 -30.90
CA GLN C 1023 -4.32 18.95 -30.56
C GLN C 1023 -5.48 18.16 -29.99
N CYS C 1024 -6.69 18.69 -30.11
CA CYS C 1024 -7.87 18.07 -29.45
C CYS C 1024 -8.35 16.74 -30.07
N LYS C 1025 -7.64 16.24 -31.09
CA LYS C 1025 -7.88 14.90 -31.63
C LYS C 1025 -6.74 13.92 -31.34
N ASP C 1026 -5.68 14.36 -30.65
CA ASP C 1026 -4.53 13.49 -30.33
C ASP C 1026 -4.21 13.58 -28.85
N LEU C 1027 -4.72 12.60 -28.11
CA LEU C 1027 -4.70 12.61 -26.66
C LEU C 1027 -3.32 12.67 -26.05
N VAL C 1028 -2.37 11.99 -26.66
CA VAL C 1028 -1.00 11.92 -26.12
C VAL C 1028 -0.36 13.29 -26.22
N VAL C 1029 -0.53 13.93 -27.37
CA VAL C 1029 0.06 15.24 -27.59
C VAL C 1029 -0.64 16.27 -26.69
N PHE C 1030 -1.98 16.25 -26.71
CA PHE C 1030 -2.85 17.05 -25.86
C PHE C 1030 -2.42 16.98 -24.40
N LYS C 1031 -2.18 15.77 -23.91
CA LYS C 1031 -1.74 15.58 -22.53
C LYS C 1031 -0.37 16.17 -22.26
N GLY C 1032 0.51 16.11 -23.26
CA GLY C 1032 1.83 16.71 -23.13
C GLY C 1032 1.74 18.22 -23.03
N THR C 1033 0.88 18.83 -23.85
CA THR C 1033 0.63 20.26 -23.78
C THR C 1033 0.05 20.68 -22.40
N LEU C 1034 -0.87 19.87 -21.87
CA LEU C 1034 -1.41 20.13 -20.53
C LEU C 1034 -0.32 20.06 -19.48
N ARG C 1035 0.53 19.03 -19.57
CA ARG C 1035 1.65 18.86 -18.63
C ARG C 1035 2.63 20.02 -18.76
N ASP C 1036 2.87 20.49 -19.97
CA ASP C 1036 3.74 21.66 -20.16
C ASP C 1036 3.16 22.87 -19.45
N PHE C 1037 1.84 23.06 -19.59
CA PHE C 1037 1.14 24.16 -18.92
C PHE C 1037 1.27 24.07 -17.40
N LEU C 1038 1.16 22.86 -16.84
CA LEU C 1038 1.29 22.66 -15.40
C LEU C 1038 2.68 23.00 -14.91
N VAL C 1039 3.70 22.76 -15.73
CA VAL C 1039 5.05 23.22 -15.40
C VAL C 1039 5.10 24.75 -15.42
N GLN C 1040 4.53 25.40 -16.45
CA GLN C 1040 4.69 26.85 -16.58
C GLN C 1040 3.93 27.65 -15.55
N ILE C 1041 2.78 27.16 -15.09
CA ILE C 1041 2.04 27.90 -14.05
C ILE C 1041 2.78 27.95 -12.73
N LYS C 1042 3.72 27.03 -12.53
CA LYS C 1042 4.55 27.00 -11.34
C LYS C 1042 5.70 28.01 -11.34
N GLU C 1043 5.93 28.72 -12.45
CA GLU C 1043 6.99 29.71 -12.50
C GLU C 1043 6.56 30.96 -13.24
N VAL C 1044 7.44 31.95 -13.26
CA VAL C 1044 7.23 33.15 -14.06
C VAL C 1044 8.18 33.16 -15.26
N GLY C 1045 7.66 33.61 -16.40
CA GLY C 1045 8.47 33.85 -17.58
C GLY C 1045 8.54 32.69 -18.54
N GLY C 1046 7.71 31.68 -18.34
CA GLY C 1046 7.73 30.52 -19.22
C GLY C 1046 7.71 30.93 -20.70
N ASP C 1047 8.48 30.22 -21.51
CA ASP C 1047 8.57 30.53 -22.94
C ASP C 1047 7.33 30.06 -23.68
N PRO C 1048 6.62 30.99 -24.32
CA PRO C 1048 5.40 30.61 -25.03
C PRO C 1048 5.61 29.68 -26.22
N THR C 1049 6.79 29.74 -26.84
CA THR C 1049 7.13 28.87 -27.95
C THR C 1049 7.21 27.40 -27.52
N ASP C 1050 7.33 27.14 -26.21
CA ASP C 1050 7.33 25.75 -25.73
C ASP C 1050 6.14 24.98 -26.23
N TYR C 1051 4.99 25.64 -26.41
CA TYR C 1051 3.77 24.95 -26.85
C TYR C 1051 3.78 24.58 -28.34
N LEU C 1052 4.87 24.94 -29.05
CA LEU C 1052 5.07 24.50 -30.43
C LEU C 1052 5.79 23.15 -30.52
N PHE C 1053 6.18 22.59 -29.38
CA PHE C 1053 6.96 21.36 -29.38
C PHE C 1053 6.29 20.26 -30.20
N ALA C 1054 7.08 19.64 -31.07
CA ALA C 1054 6.62 18.47 -31.83
C ALA C 1054 7.83 17.59 -32.22
PG GNP D . 0.69 14.68 5.53
O1G GNP D . -0.11 15.69 4.80
O2G GNP D . 0.98 15.11 7.03
O3G GNP D . 2.04 14.36 4.70
N3B GNP D . -0.28 13.24 5.54
PB GNP D . 0.24 11.79 6.29
O1B GNP D . 0.79 12.13 7.62
O2B GNP D . 1.28 11.03 5.34
O3A GNP D . -1.05 10.85 6.43
PA GNP D . -1.92 10.78 7.77
O1A GNP D . -2.39 12.15 8.11
O2A GNP D . -1.16 10.01 8.82
O5' GNP D . -3.13 9.80 7.29
C5' GNP D . -3.98 10.13 6.20
C4' GNP D . -5.25 9.30 6.24
O4' GNP D . -4.93 7.94 5.94
C3' GNP D . -5.94 9.28 7.60
O3' GNP D . -7.36 9.34 7.44
C2' GNP D . -5.57 7.93 8.21
O2' GNP D . -6.58 7.47 9.15
C1' GNP D . -5.46 7.09 6.95
N9 GNP D . -4.57 5.93 7.14
C8 GNP D . -3.30 5.96 7.63
N7 GNP D . -2.76 4.71 7.69
C5 GNP D . -3.70 3.87 7.21
C6 GNP D . -3.79 2.42 6.99
O6 GNP D . -2.85 1.65 7.26
N1 GNP D . -4.94 1.94 6.49
C2 GNP D . -5.98 2.74 6.18
N2 GNP D . -7.08 2.17 5.67
N3 GNP D . -5.98 4.09 6.35
C4 GNP D . -4.89 4.68 6.87
MG MG E . 1.35 13.86 8.46
C1 EDO F . 7.87 15.84 -4.95
O1 EDO F . 7.62 14.45 -5.27
C2 EDO F . 8.43 16.00 -3.53
O2 EDO F . 9.74 15.42 -3.41
CL CL G . -4.26 4.67 -7.99
F26 51K H . -6.45 -33.98 5.65
C23 51K H . -7.11 -35.01 5.14
F24 51K H . -6.93 -35.16 3.83
F25 51K H . -8.38 -34.83 5.36
C17 51K H . -6.71 -36.28 5.81
C16 51K H . -7.09 -37.44 5.18
C18 51K H . -6.01 -36.30 7.01
C13 51K H . -5.70 -37.53 7.58
C14 51K H . -6.09 -38.70 6.95
C15 51K H . -6.79 -38.64 5.77
C19 51K H . -7.22 -39.88 5.07
F22 51K H . -6.39 -40.11 4.07
F20 51K H . -7.27 -40.88 5.94
F21 51K H . -8.39 -39.70 4.51
C10 51K H . -4.95 -37.62 8.85
N9 51K H . -4.18 -36.65 9.34
N8 51K H . -3.67 -37.19 10.52
C12 51K H . -4.12 -38.43 10.70
N11 51K H . -4.93 -38.70 9.66
C7 51K H . -2.76 -36.32 11.27
C6 51K H . -3.40 -34.97 11.59
C5 51K H . -4.41 -35.14 12.69
N4 51K H . -4.91 -34.16 13.48
N3 51K H . -5.83 -34.73 14.38
C2 51K H . -5.85 -36.06 14.11
O1 51K H . -4.98 -36.33 13.06
C1 GOL I . -21.00 21.31 -3.37
O1 GOL I . -21.27 20.75 -2.09
C2 GOL I . -22.10 20.95 -4.37
O2 GOL I . -21.70 21.42 -5.66
C3 GOL I . -22.34 19.44 -4.43
O3 GOL I . -23.67 19.05 -3.97
C1 GOL J . -44.03 -18.85 -1.89
O1 GOL J . -44.60 -18.29 -0.70
C2 GOL J . -44.85 -18.52 -3.15
O2 GOL J . -45.31 -17.16 -3.05
C3 GOL J . -44.03 -18.67 -4.43
O3 GOL J . -43.47 -19.99 -4.60
C1 EDO K . -41.93 -15.51 -5.21
O1 EDO K . -43.33 -15.64 -4.94
C2 EDO K . -41.55 -16.55 -6.25
O2 EDO K . -40.30 -16.19 -6.86
CL CL L . 2.39 39.11 -23.81
CL CL M . -15.43 -32.37 -11.35
CL CL N . 24.48 22.13 6.68
C1 GOL O . -9.68 -45.28 -4.95
O1 GOL O . -9.18 -45.86 -3.74
C2 GOL O . -10.44 -46.25 -5.89
O2 GOL O . -11.85 -46.15 -5.61
C3 GOL O . -10.21 -45.90 -7.37
O3 GOL O . -10.37 -47.02 -8.24
CL CL P . 34.76 8.59 -27.81
#